data_9G85
#
_entry.id   9G85
#
_cell.length_a   133.001
_cell.length_b   133.001
_cell.length_c   510.767
_cell.angle_alpha   90.000
_cell.angle_beta   90.000
_cell.angle_gamma   120.000
#
_symmetry.space_group_name_H-M   'P 61 2 2'
#
loop_
_entity.id
_entity.type
_entity.pdbx_description
1 polymer 'Response regulator PleD'
2 non-polymer "9,9'-[(2R,3R,3aS,5S,7aR,9R,10R,10aS,12S,14aR)-3,5,10,12-tetrahydroxy-5,12-dioxidooctahydro-2H,7H-difuro[3,2-d:3',2'-j][1,3,7,9,2,8]tetraoxadiphosphacyclododecine-2,9-diyl]bis(2-amino-1,9-dihydro-6H-purin-6-one)"
3 non-polymer "GUANOSINE-5',3'-TETRAPHOSPHATE"
4 non-polymer 'MAGNESIUM ION'
5 water water
#
_entity_poly.entity_id   1
_entity_poly.type   'polypeptide(L)'
_entity_poly.pdbx_seq_one_letter_code
;MSARILVVDDIEANVRLLEAKLTAEYYEVSTAMDGPTALAMAARDLPDIILLDVMMPGMDGFTVCRKLKDDPTTRHIPVV
LITALDGRGDRIQGLESGASDFLTKPIDDVMLFARVRSLTRFKLVIDELRQREASGRRMGVIAGAAARLDGLGGRVLIVD
DNERQAQRVAAELGVEHRPVIESDPEKAKISAGGPVDLVIVNAAAKNFDGLRFTAALRSEERTRQLPVLAMVDPDDRGRM
VKALEIGVNDILSRPIDPQELSARVKTQIQRKRYTDYLRNNLDHSLELAVTDQLTGLHNRRYMTGQLDSLVKRATLGGDP
VSALLIDIDFFKKINDTFGHDIGDEVLREFALRLASNVRAIDLPCRYGGEEFVVIMPDTALADALRIAERIRMHVSGSPF
TVAHGREMLNVTISIGVSATAGEGDTPEALLKRADEGVYQAKASGRNAVVGKAA
;
_entity_poly.pdbx_strand_id   A,B,C,D
#
loop_
_chem_comp.id
_chem_comp.type
_chem_comp.name
_chem_comp.formula
C2E non-polymer 9,9'-[(2R,3R,3aS,5S,7aR,9R,10R,10aS,12S,14aR)-3,5,10,12-tetrahydroxy-5,12-dioxidooctahydro-2H,7H-difuro[3,2-d:3',2'-j][1,3,7,9,2,8]tetraoxadiphosphacyclododecine-2,9-diyl]bis(2-amino-1,9-dihydro-6H-purin-6-one) 'C20 H24 N10 O14 P2'
G4P RNA linking GUANOSINE-5',3'-TETRAPHOSPHATE 'C10 H17 N5 O17 P4'
MG non-polymer 'MAGNESIUM ION' 'Mg 2'
#
# COMPACT_ATOMS: atom_id res chain seq x y z
N ALA A 3 23.04 -36.74 6.77
CA ALA A 3 23.92 -36.05 5.82
C ALA A 3 24.86 -37.04 5.13
N ARG A 4 25.12 -36.81 3.85
CA ARG A 4 25.88 -37.74 3.03
C ARG A 4 27.30 -37.23 2.84
N ILE A 5 28.28 -38.06 3.18
CA ILE A 5 29.69 -37.72 3.11
C ILE A 5 30.38 -38.64 2.12
N LEU A 6 31.25 -38.05 1.29
CA LEU A 6 32.08 -38.80 0.35
C LEU A 6 33.52 -38.80 0.85
N VAL A 7 34.08 -39.99 1.05
CA VAL A 7 35.44 -40.16 1.54
C VAL A 7 36.31 -40.69 0.41
N VAL A 8 37.47 -40.06 0.20
CA VAL A 8 38.33 -40.37 -0.94
C VAL A 8 39.75 -40.55 -0.43
N ASP A 9 40.30 -41.76 -0.59
CA ASP A 9 41.68 -42.06 -0.24
C ASP A 9 42.12 -43.26 -1.06
N ASP A 10 43.40 -43.26 -1.46
CA ASP A 10 43.91 -44.34 -2.30
C ASP A 10 44.07 -45.65 -1.54
N ILE A 11 44.26 -45.61 -0.22
CA ILE A 11 44.48 -46.79 0.61
C ILE A 11 43.17 -47.22 1.25
N GLU A 12 42.79 -48.50 1.04
CA GLU A 12 41.49 -48.97 1.49
C GLU A 12 41.34 -48.93 3.00
N ALA A 13 42.42 -49.24 3.73
CA ALA A 13 42.34 -49.25 5.19
C ALA A 13 42.01 -47.86 5.73
N ASN A 14 42.58 -46.82 5.13
CA ASN A 14 42.25 -45.46 5.52
C ASN A 14 40.77 -45.16 5.30
N VAL A 15 40.22 -45.63 4.17
CA VAL A 15 38.83 -45.37 3.84
C VAL A 15 37.89 -46.09 4.82
N ARG A 16 38.17 -47.37 5.08
CA ARG A 16 37.33 -48.14 5.99
C ARG A 16 37.35 -47.57 7.40
N LEU A 17 38.52 -47.09 7.84
CA LEU A 17 38.63 -46.50 9.17
C LEU A 17 37.71 -45.28 9.31
N LEU A 18 37.78 -44.36 8.34
CA LEU A 18 36.93 -43.16 8.38
C LEU A 18 35.46 -43.53 8.21
N GLU A 19 35.15 -44.42 7.26
CA GLU A 19 33.78 -44.86 7.07
C GLU A 19 33.19 -45.42 8.36
N ALA A 20 33.99 -46.20 9.10
CA ALA A 20 33.52 -46.78 10.35
C ALA A 20 33.22 -45.70 11.38
N LYS A 21 34.13 -44.74 11.54
CA LYS A 21 33.95 -43.68 12.52
C LYS A 21 32.73 -42.84 12.18
N LEU A 22 32.55 -42.49 10.91
CA LEU A 22 31.48 -41.59 10.52
C LEU A 22 30.12 -42.28 10.56
N THR A 23 30.04 -43.54 10.12
CA THR A 23 28.78 -44.25 10.19
C THR A 23 28.35 -44.47 11.64
N ALA A 24 29.32 -44.63 12.54
CA ALA A 24 28.98 -44.75 13.96
C ALA A 24 28.30 -43.50 14.48
N GLU A 25 28.55 -42.35 13.86
CA GLU A 25 27.92 -41.09 14.24
C GLU A 25 26.73 -40.77 13.33
N TYR A 26 26.13 -41.78 12.73
CA TYR A 26 24.85 -41.67 12.00
C TYR A 26 24.99 -40.85 10.72
N TYR A 27 26.13 -40.98 10.04
CA TYR A 27 26.33 -40.34 8.75
C TYR A 27 26.22 -41.38 7.64
N GLU A 28 25.70 -40.95 6.49
CA GLU A 28 25.61 -41.81 5.32
C GLU A 28 26.87 -41.60 4.48
N VAL A 29 27.70 -42.62 4.38
CA VAL A 29 29.05 -42.49 3.86
C VAL A 29 29.18 -43.29 2.57
N SER A 30 29.68 -42.64 1.53
CA SER A 30 30.11 -43.28 0.31
C SER A 30 31.62 -43.16 0.19
N THR A 31 32.21 -44.01 -0.64
CA THR A 31 33.66 -44.12 -0.71
C THR A 31 34.14 -44.15 -2.16
N ALA A 32 35.32 -43.59 -2.37
CA ALA A 32 36.02 -43.65 -3.65
C ALA A 32 37.51 -43.77 -3.37
N MET A 33 38.22 -44.47 -4.26
CA MET A 33 39.63 -44.77 -4.02
C MET A 33 40.55 -44.18 -5.09
N ASP A 34 40.04 -43.32 -5.96
CA ASP A 34 40.89 -42.59 -6.89
C ASP A 34 40.12 -41.35 -7.34
N GLY A 35 40.86 -40.45 -7.99
CA GLY A 35 40.32 -39.17 -8.42
C GLY A 35 39.15 -39.27 -9.40
N PRO A 36 39.37 -39.91 -10.55
CA PRO A 36 38.29 -40.06 -11.53
C PRO A 36 37.00 -40.62 -10.95
N THR A 37 37.07 -41.65 -10.10
CA THR A 37 35.87 -42.22 -9.53
C THR A 37 35.18 -41.22 -8.59
N ALA A 38 35.97 -40.48 -7.80
CA ALA A 38 35.40 -39.51 -6.88
C ALA A 38 34.67 -38.39 -7.62
N LEU A 39 35.24 -37.92 -8.73
CA LEU A 39 34.60 -36.86 -9.51
C LEU A 39 33.31 -37.35 -10.13
N ALA A 40 33.28 -38.60 -10.61
CA ALA A 40 32.06 -39.16 -11.16
C ALA A 40 31.00 -39.33 -10.09
N MET A 41 31.39 -39.83 -8.92
CA MET A 41 30.43 -40.01 -7.82
C MET A 41 29.89 -38.68 -7.34
N ALA A 42 30.75 -37.67 -7.23
CA ALA A 42 30.32 -36.38 -6.70
C ALA A 42 29.26 -35.74 -7.59
N ALA A 43 29.47 -35.78 -8.91
CA ALA A 43 28.50 -35.20 -9.82
C ALA A 43 27.19 -35.98 -9.84
N ARG A 44 27.27 -37.30 -9.63
CA ARG A 44 26.08 -38.14 -9.72
C ARG A 44 25.25 -38.08 -8.43
N ASP A 45 25.89 -38.19 -7.27
CA ASP A 45 25.16 -38.26 -6.01
C ASP A 45 25.01 -36.93 -5.30
N LEU A 46 25.84 -35.94 -5.65
CA LEU A 46 25.82 -34.61 -5.02
C LEU A 46 25.87 -34.72 -3.50
N PRO A 47 26.99 -35.14 -2.92
CA PRO A 47 27.05 -35.28 -1.46
C PRO A 47 27.04 -33.93 -0.76
N ASP A 48 26.99 -33.99 0.56
CA ASP A 48 26.97 -32.77 1.37
C ASP A 48 28.38 -32.31 1.73
N ILE A 49 29.29 -33.22 2.03
CA ILE A 49 30.67 -32.92 2.34
C ILE A 49 31.57 -33.95 1.67
N ILE A 50 32.73 -33.51 1.22
CA ILE A 50 33.74 -34.39 0.64
C ILE A 50 35.00 -34.33 1.52
N LEU A 51 35.43 -35.49 2.00
CA LEU A 51 36.70 -35.64 2.70
C LEU A 51 37.69 -36.24 1.72
N LEU A 52 38.80 -35.54 1.48
CA LEU A 52 39.66 -35.80 0.33
C LEU A 52 41.11 -35.89 0.75
N ASP A 53 41.77 -36.99 0.41
CA ASP A 53 43.21 -37.15 0.63
C ASP A 53 43.97 -36.30 -0.39
N VAL A 54 45.04 -35.65 0.08
CA VAL A 54 45.80 -34.76 -0.80
C VAL A 54 46.69 -35.55 -1.76
N MET A 55 47.23 -36.68 -1.29
CA MET A 55 48.21 -37.48 -2.04
C MET A 55 47.59 -38.80 -2.51
N MET A 56 47.28 -38.86 -3.80
CA MET A 56 46.78 -40.07 -4.46
C MET A 56 47.54 -40.26 -5.77
N PRO A 57 47.82 -41.50 -6.16
CA PRO A 57 48.55 -41.72 -7.41
C PRO A 57 47.72 -41.28 -8.61
N GLY A 58 48.39 -40.63 -9.57
CA GLY A 58 47.77 -40.16 -10.79
C GLY A 58 47.13 -38.80 -10.62
N MET A 59 45.92 -38.77 -10.07
CA MET A 59 45.21 -37.52 -9.80
C MET A 59 45.27 -37.24 -8.31
N ASP A 60 46.05 -36.24 -7.91
CA ASP A 60 46.15 -35.90 -6.50
C ASP A 60 44.88 -35.19 -6.03
N GLY A 61 44.78 -35.04 -4.71
CA GLY A 61 43.61 -34.37 -4.15
C GLY A 61 43.47 -32.94 -4.60
N PHE A 62 44.60 -32.24 -4.76
CA PHE A 62 44.55 -30.86 -5.23
C PHE A 62 43.87 -30.77 -6.59
N THR A 63 44.21 -31.68 -7.52
CA THR A 63 43.55 -31.67 -8.82
C THR A 63 42.07 -31.96 -8.69
N VAL A 64 41.71 -32.95 -7.88
CA VAL A 64 40.31 -33.29 -7.67
C VAL A 64 39.56 -32.08 -7.11
N CYS A 65 40.15 -31.40 -6.13
CA CYS A 65 39.52 -30.22 -5.55
C CYS A 65 39.30 -29.15 -6.63
N ARG A 66 40.32 -28.87 -7.43
CA ARG A 66 40.18 -27.87 -8.48
C ARG A 66 39.10 -28.27 -9.48
N LYS A 67 39.03 -29.55 -9.83
CA LYS A 67 38.03 -29.99 -10.80
C LYS A 67 36.63 -29.98 -10.19
N LEU A 68 36.52 -30.17 -8.88
CA LEU A 68 35.21 -30.08 -8.23
C LEU A 68 34.66 -28.66 -8.30
N LYS A 69 35.54 -27.66 -8.19
CA LYS A 69 35.11 -26.25 -8.28
C LYS A 69 34.88 -25.81 -9.71
N ASP A 70 35.47 -26.48 -10.70
CA ASP A 70 35.21 -26.13 -12.09
C ASP A 70 33.82 -26.56 -12.52
N ASP A 71 33.41 -27.76 -12.12
CA ASP A 71 32.05 -28.23 -12.39
C ASP A 71 31.06 -27.34 -11.65
N PRO A 72 30.12 -26.70 -12.34
CA PRO A 72 29.15 -25.85 -11.63
C PRO A 72 28.17 -26.64 -10.78
N THR A 73 27.98 -27.93 -11.05
CA THR A 73 27.02 -28.73 -10.29
C THR A 73 27.59 -29.20 -8.95
N THR A 74 28.91 -29.19 -8.78
CA THR A 74 29.53 -29.61 -7.53
C THR A 74 30.33 -28.50 -6.87
N ARG A 75 30.37 -27.29 -7.45
CA ARG A 75 31.17 -26.21 -6.90
C ARG A 75 30.77 -25.86 -5.48
N HIS A 76 29.50 -26.06 -5.13
CA HIS A 76 28.99 -25.60 -3.84
C HIS A 76 29.31 -26.55 -2.70
N ILE A 77 29.75 -27.77 -2.98
CA ILE A 77 29.97 -28.79 -1.95
C ILE A 77 31.26 -28.50 -1.21
N PRO A 78 31.21 -28.29 0.11
CA PRO A 78 32.44 -28.08 0.88
C PRO A 78 33.39 -29.26 0.76
N VAL A 79 34.68 -28.97 0.60
CA VAL A 79 35.73 -29.96 0.49
C VAL A 79 36.70 -29.80 1.65
N VAL A 80 36.94 -30.89 2.38
CA VAL A 80 37.95 -30.93 3.44
C VAL A 80 39.13 -31.74 2.94
N LEU A 81 40.33 -31.16 3.06
CA LEU A 81 41.56 -31.83 2.64
C LEU A 81 42.24 -32.46 3.85
N ILE A 82 42.60 -33.74 3.73
CA ILE A 82 43.35 -34.44 4.77
C ILE A 82 44.83 -34.30 4.44
N THR A 83 45.56 -33.57 5.29
CA THR A 83 46.96 -33.25 5.09
C THR A 83 47.82 -34.08 6.04
N ALA A 84 49.13 -33.81 5.99
CA ALA A 84 50.08 -34.45 6.89
C ALA A 84 50.37 -33.53 8.05
N LEU A 85 51.36 -33.90 8.88
CA LEU A 85 51.72 -33.09 10.04
C LEU A 85 52.20 -31.71 9.60
N ASP A 86 53.36 -31.66 8.95
CA ASP A 86 53.89 -30.42 8.39
C ASP A 86 53.26 -30.17 7.03
N GLY A 87 51.97 -29.82 7.06
CA GLY A 87 51.21 -29.64 5.84
C GLY A 87 50.97 -28.19 5.49
N ARG A 88 51.88 -27.31 5.94
CA ARG A 88 51.79 -25.89 5.60
C ARG A 88 51.66 -25.71 4.09
N GLY A 89 52.57 -26.34 3.34
CA GLY A 89 52.48 -26.27 1.90
C GLY A 89 51.20 -26.89 1.38
N ASP A 90 50.76 -27.99 1.99
CA ASP A 90 49.51 -28.62 1.60
C ASP A 90 48.33 -27.67 1.82
N ARG A 91 48.29 -27.00 2.97
CA ARG A 91 47.19 -26.09 3.26
C ARG A 91 47.23 -24.85 2.37
N ILE A 92 48.44 -24.34 2.10
CA ILE A 92 48.56 -23.21 1.18
C ILE A 92 48.09 -23.60 -0.21
N GLN A 93 48.57 -24.74 -0.71
CA GLN A 93 48.12 -25.22 -2.00
C GLN A 93 46.67 -25.69 -1.96
N GLY A 94 46.20 -26.13 -0.79
CA GLY A 94 44.80 -26.50 -0.67
C GLY A 94 43.85 -25.32 -0.84
N LEU A 95 44.16 -24.20 -0.17
CA LEU A 95 43.34 -23.01 -0.32
C LEU A 95 43.38 -22.50 -1.76
N GLU A 96 44.55 -22.58 -2.40
CA GLU A 96 44.66 -22.18 -3.80
C GLU A 96 43.77 -23.04 -4.69
N SER A 97 43.63 -24.33 -4.35
CA SER A 97 42.77 -25.25 -5.09
C SER A 97 41.30 -25.06 -4.78
N GLY A 98 40.97 -24.35 -3.71
CA GLY A 98 39.59 -24.09 -3.34
C GLY A 98 39.04 -24.93 -2.21
N ALA A 99 39.89 -25.41 -1.30
CA ALA A 99 39.41 -26.22 -0.19
C ALA A 99 38.69 -25.36 0.85
N SER A 100 37.69 -25.95 1.49
CA SER A 100 36.94 -25.24 2.52
C SER A 100 37.69 -25.24 3.86
N ASP A 101 38.22 -26.38 4.27
CA ASP A 101 38.96 -26.49 5.53
C ASP A 101 39.88 -27.71 5.45
N PHE A 102 40.50 -28.06 6.59
CA PHE A 102 41.54 -29.07 6.61
C PHE A 102 41.42 -29.98 7.82
N LEU A 103 41.90 -31.21 7.66
CA LEU A 103 42.17 -32.13 8.75
C LEU A 103 43.62 -32.60 8.63
N THR A 104 44.23 -32.90 9.78
CA THR A 104 45.62 -33.30 9.83
C THR A 104 45.74 -34.75 10.27
N LYS A 105 46.65 -35.49 9.61
CA LYS A 105 46.86 -36.87 10.02
C LYS A 105 47.98 -36.96 11.06
N PRO A 106 47.88 -37.88 12.02
CA PRO A 106 46.83 -38.90 12.16
C PRO A 106 45.51 -38.26 12.59
N ILE A 107 44.38 -38.76 12.09
CA ILE A 107 43.11 -38.06 12.24
C ILE A 107 42.65 -38.10 13.69
N ASP A 108 42.37 -36.92 14.24
CA ASP A 108 41.89 -36.78 15.61
C ASP A 108 40.37 -36.77 15.60
N ASP A 109 39.76 -37.71 16.34
CA ASP A 109 38.31 -37.87 16.29
C ASP A 109 37.59 -36.60 16.73
N VAL A 110 38.13 -35.91 17.72
CA VAL A 110 37.51 -34.66 18.16
C VAL A 110 37.53 -33.62 17.04
N MET A 111 38.69 -33.48 16.37
CA MET A 111 38.78 -32.51 15.28
C MET A 111 37.95 -32.95 14.07
N LEU A 112 37.89 -34.26 13.82
CA LEU A 112 37.13 -34.77 12.68
C LEU A 112 35.66 -34.37 12.77
N PHE A 113 35.00 -34.71 13.89
CA PHE A 113 33.58 -34.45 14.00
C PHE A 113 33.28 -32.97 14.23
N ALA A 114 34.23 -32.22 14.78
CA ALA A 114 34.04 -30.77 14.87
C ALA A 114 33.93 -30.14 13.49
N ARG A 115 34.84 -30.50 12.60
CA ARG A 115 34.83 -29.97 11.23
C ARG A 115 33.58 -30.39 10.48
N VAL A 116 33.22 -31.68 10.57
CA VAL A 116 32.06 -32.17 9.84
C VAL A 116 30.79 -31.48 10.31
N ARG A 117 30.59 -31.42 11.63
CA ARG A 117 29.43 -30.74 12.18
C ARG A 117 29.37 -29.28 11.74
N SER A 118 30.51 -28.58 11.79
CA SER A 118 30.56 -27.19 11.36
C SER A 118 30.16 -27.06 9.89
N LEU A 119 30.72 -27.89 9.02
CA LEU A 119 30.47 -27.75 7.60
C LEU A 119 29.13 -28.31 7.14
N THR A 120 28.56 -29.26 7.89
CA THR A 120 27.21 -29.70 7.56
C THR A 120 26.18 -28.60 7.83
N ARG A 121 26.34 -27.87 8.93
CA ARG A 121 25.45 -26.75 9.20
C ARG A 121 25.59 -25.68 8.13
N PHE A 122 26.81 -25.44 7.67
CA PHE A 122 27.02 -24.49 6.57
C PHE A 122 26.36 -25.00 5.30
N LYS A 123 26.43 -26.31 5.05
CA LYS A 123 25.80 -26.88 3.86
C LYS A 123 24.29 -26.69 3.88
N LEU A 124 23.68 -26.68 5.06
CA LEU A 124 22.24 -26.48 5.16
C LEU A 124 21.85 -25.11 4.62
N VAL A 125 22.57 -24.07 5.03
CA VAL A 125 22.27 -22.71 4.57
C VAL A 125 22.61 -22.55 3.09
N ILE A 126 23.71 -23.18 2.65
CA ILE A 126 24.06 -23.18 1.22
C ILE A 126 22.91 -23.73 0.39
N ASP A 127 22.36 -24.87 0.81
CA ASP A 127 21.25 -25.48 0.09
C ASP A 127 20.04 -24.55 0.04
N GLU A 128 19.71 -23.90 1.16
CA GLU A 128 18.56 -23.02 1.19
C GLU A 128 18.75 -21.82 0.28
N LEU A 129 19.95 -21.22 0.29
CA LEU A 129 20.22 -20.07 -0.57
C LEU A 129 20.08 -20.45 -2.05
N ARG A 130 20.55 -21.64 -2.42
CA ARG A 130 20.45 -22.08 -3.81
C ARG A 130 19.01 -22.33 -4.25
N GLN A 131 18.15 -22.82 -3.34
CA GLN A 131 16.75 -22.99 -3.68
C GLN A 131 16.10 -21.64 -3.95
N ARG A 132 16.36 -20.66 -3.09
CA ARG A 132 15.79 -19.33 -3.28
C ARG A 132 16.28 -18.72 -4.59
N GLU A 133 17.56 -18.89 -4.91
CA GLU A 133 18.09 -18.38 -6.16
C GLU A 133 17.46 -19.07 -7.36
N ALA A 134 17.15 -20.37 -7.24
CA ALA A 134 16.43 -21.05 -8.31
C ALA A 134 15.04 -20.46 -8.50
N SER A 135 14.34 -20.20 -7.39
CA SER A 135 13.00 -19.60 -7.48
C SER A 135 13.06 -18.20 -8.09
N GLY A 136 14.04 -17.39 -7.70
CA GLY A 136 14.17 -16.07 -8.27
C GLY A 136 14.45 -16.08 -9.76
N ARG A 137 15.17 -17.11 -10.23
CA ARG A 137 15.42 -17.23 -11.67
C ARG A 137 14.14 -17.53 -12.42
N ARG A 138 13.30 -18.42 -11.88
CA ARG A 138 12.02 -18.73 -12.53
C ARG A 138 11.10 -17.52 -12.55
N MET A 139 11.22 -16.63 -11.56
CA MET A 139 10.38 -15.44 -11.47
C MET A 139 11.04 -14.21 -12.11
N GLY A 140 11.98 -14.42 -13.02
CA GLY A 140 12.67 -13.32 -13.67
C GLY A 140 14.18 -13.45 -13.62
N ALA A 146 21.87 -7.93 -3.87
CA ALA A 146 23.06 -7.10 -3.84
C ALA A 146 23.59 -6.93 -2.42
N ALA A 147 23.75 -8.06 -1.72
CA ALA A 147 24.32 -8.08 -0.38
C ALA A 147 25.70 -8.73 -0.42
N ARG A 148 26.43 -8.59 0.69
CA ARG A 148 27.79 -9.11 0.78
C ARG A 148 27.72 -10.55 1.29
N LEU A 149 28.14 -11.50 0.44
CA LEU A 149 27.99 -12.91 0.75
C LEU A 149 29.31 -13.68 0.65
N ASP A 150 30.45 -12.98 0.68
CA ASP A 150 31.71 -13.67 0.84
C ASP A 150 32.02 -13.80 2.33
N GLY A 151 33.19 -14.35 2.64
CA GLY A 151 33.58 -14.51 4.03
C GLY A 151 34.63 -13.52 4.49
N LEU A 152 34.80 -12.43 3.76
CA LEU A 152 35.87 -11.48 4.02
C LEU A 152 35.33 -10.17 4.57
N GLY A 153 36.22 -9.39 5.17
CA GLY A 153 35.87 -8.06 5.63
C GLY A 153 35.05 -8.01 6.88
N GLY A 154 35.10 -9.04 7.72
CA GLY A 154 34.29 -9.06 8.92
C GLY A 154 34.96 -8.41 10.10
N ARG A 155 34.14 -7.99 11.06
CA ARG A 155 34.63 -7.48 12.34
C ARG A 155 34.81 -8.68 13.27
N VAL A 156 36.06 -9.01 13.59
CA VAL A 156 36.39 -10.17 14.40
C VAL A 156 36.87 -9.67 15.76
N LEU A 157 36.30 -10.21 16.82
CA LEU A 157 36.59 -9.80 18.18
C LEU A 157 37.47 -10.86 18.85
N ILE A 158 38.71 -10.49 19.15
CA ILE A 158 39.68 -11.40 19.75
C ILE A 158 39.67 -11.14 21.25
N VAL A 159 39.23 -12.14 22.03
CA VAL A 159 39.14 -12.04 23.48
C VAL A 159 40.28 -12.89 24.05
N ASP A 160 41.36 -12.23 24.47
CA ASP A 160 42.56 -12.94 24.87
C ASP A 160 43.44 -12.00 25.70
N ASP A 161 44.04 -12.54 26.77
CA ASP A 161 44.97 -11.78 27.59
C ASP A 161 46.43 -11.98 27.18
N ASN A 162 46.72 -13.05 26.45
CA ASN A 162 48.05 -13.25 25.86
C ASN A 162 48.25 -12.19 24.78
N GLU A 163 49.06 -11.17 25.08
CA GLU A 163 49.28 -10.09 24.13
C GLU A 163 49.95 -10.58 22.86
N ARG A 164 51.05 -11.34 23.01
CA ARG A 164 51.81 -11.79 21.85
C ARG A 164 50.94 -12.63 20.90
N GLN A 165 50.10 -13.50 21.47
CA GLN A 165 49.21 -14.31 20.62
C GLN A 165 48.15 -13.43 19.96
N ALA A 166 47.46 -12.60 20.74
CA ALA A 166 46.40 -11.76 20.18
C ALA A 166 46.96 -10.85 19.09
N GLN A 167 48.13 -10.26 19.32
CA GLN A 167 48.73 -9.40 18.31
C GLN A 167 49.04 -10.17 17.04
N ARG A 168 49.57 -11.40 17.19
CA ARG A 168 49.86 -12.22 16.01
C ARG A 168 48.58 -12.60 15.28
N VAL A 169 47.54 -12.97 16.02
CA VAL A 169 46.25 -13.32 15.39
C VAL A 169 45.67 -12.11 14.67
N ALA A 170 45.71 -10.94 15.32
CA ALA A 170 45.17 -9.74 14.71
C ALA A 170 45.95 -9.36 13.44
N ALA A 171 47.26 -9.60 13.45
CA ALA A 171 48.06 -9.33 12.25
C ALA A 171 47.68 -10.28 11.12
N GLU A 172 47.51 -11.56 11.45
CA GLU A 172 47.09 -12.54 10.44
C GLU A 172 45.72 -12.19 9.87
N LEU A 173 44.81 -11.74 10.73
CA LEU A 173 43.47 -11.36 10.31
C LEU A 173 43.40 -9.95 9.74
N GLY A 174 44.47 -9.17 9.85
CA GLY A 174 44.42 -7.76 9.50
C GLY A 174 44.46 -7.46 8.03
N VAL A 175 44.65 -8.46 7.20
CA VAL A 175 44.75 -8.22 5.76
C VAL A 175 43.41 -8.40 5.08
N GLU A 176 42.58 -9.33 5.55
CA GLU A 176 41.28 -9.60 4.95
C GLU A 176 40.09 -9.21 5.82
N HIS A 177 40.28 -9.00 7.12
CA HIS A 177 39.18 -8.70 8.03
C HIS A 177 39.50 -7.47 8.86
N ARG A 178 38.58 -7.13 9.77
CA ARG A 178 38.68 -5.94 10.61
C ARG A 178 38.78 -6.41 12.05
N PRO A 179 39.99 -6.71 12.55
CA PRO A 179 40.12 -7.30 13.88
C PRO A 179 40.14 -6.29 15.02
N VAL A 180 39.67 -6.75 16.18
CA VAL A 180 39.59 -5.95 17.40
C VAL A 180 39.94 -6.85 18.57
N ILE A 181 40.79 -6.35 19.47
CA ILE A 181 41.30 -7.11 20.60
C ILE A 181 40.63 -6.63 21.88
N GLU A 182 40.35 -7.57 22.78
CA GLU A 182 39.71 -7.26 24.07
C GLU A 182 40.34 -8.14 25.14
N SER A 183 41.03 -7.52 26.10
CA SER A 183 41.59 -8.27 27.22
C SER A 183 40.59 -8.47 28.35
N ASP A 184 39.76 -7.46 28.62
CA ASP A 184 38.79 -7.55 29.70
C ASP A 184 37.55 -8.30 29.25
N PRO A 185 37.14 -9.35 29.96
CA PRO A 185 35.94 -10.09 29.53
C PRO A 185 34.65 -9.32 29.72
N GLU A 186 34.60 -8.40 30.69
CA GLU A 186 33.39 -7.61 30.88
C GLU A 186 33.15 -6.68 29.69
N LYS A 187 34.18 -5.94 29.28
CA LYS A 187 34.06 -5.11 28.09
C LYS A 187 33.77 -5.94 26.85
N ALA A 188 34.35 -7.14 26.77
CA ALA A 188 34.12 -8.01 25.62
C ALA A 188 32.67 -8.46 25.55
N LYS A 189 32.03 -8.69 26.71
CA LYS A 189 30.62 -9.09 26.72
C LYS A 189 29.75 -8.02 26.06
N ILE A 190 30.08 -6.75 26.29
CA ILE A 190 29.29 -5.66 25.73
C ILE A 190 29.54 -5.53 24.23
N SER A 191 30.83 -5.51 23.83
CA SER A 191 31.15 -5.42 22.41
C SER A 191 30.54 -6.57 21.62
N ALA A 192 30.51 -7.77 22.20
CA ALA A 192 29.97 -8.93 21.48
C ALA A 192 28.49 -8.77 21.15
N GLY A 193 27.78 -7.88 21.84
CA GLY A 193 26.40 -7.62 21.53
C GLY A 193 26.15 -6.63 20.41
N GLY A 194 27.20 -6.04 19.85
CA GLY A 194 27.05 -5.09 18.77
C GLY A 194 27.28 -5.72 17.41
N PRO A 195 27.71 -4.93 16.44
CA PRO A 195 27.97 -5.45 15.07
C PRO A 195 29.27 -6.23 14.98
N VAL A 196 29.23 -7.46 15.50
CA VAL A 196 30.39 -8.36 15.53
C VAL A 196 30.05 -9.59 14.72
N ASP A 197 30.97 -9.98 13.83
CA ASP A 197 30.75 -11.12 12.96
C ASP A 197 31.31 -12.42 13.52
N LEU A 198 32.35 -12.34 14.35
CA LEU A 198 33.01 -13.53 14.86
C LEU A 198 33.73 -13.18 16.15
N VAL A 199 33.73 -14.12 17.09
CA VAL A 199 34.49 -14.01 18.33
C VAL A 199 35.53 -15.12 18.37
N ILE A 200 36.79 -14.75 18.56
CA ILE A 200 37.87 -15.71 18.76
C ILE A 200 38.30 -15.59 20.22
N VAL A 201 38.00 -16.61 21.01
CA VAL A 201 38.29 -16.62 22.44
C VAL A 201 39.40 -17.63 22.71
N ASN A 202 40.24 -17.32 23.69
CA ASN A 202 41.32 -18.20 24.10
C ASN A 202 40.82 -19.08 25.24
N ALA A 203 40.66 -20.38 24.94
CA ALA A 203 40.20 -21.32 25.97
C ALA A 203 41.21 -21.44 27.10
N ALA A 204 42.50 -21.34 26.79
CA ALA A 204 43.56 -21.45 27.79
C ALA A 204 44.04 -20.08 28.23
N ALA A 205 43.10 -19.25 28.70
CA ALA A 205 43.47 -17.93 29.17
C ALA A 205 43.99 -18.00 30.60
N LYS A 206 44.71 -16.96 31.01
CA LYS A 206 45.33 -16.95 32.32
C LYS A 206 44.53 -16.18 33.36
N ASN A 207 43.97 -15.03 32.99
CA ASN A 207 43.28 -14.17 33.95
C ASN A 207 41.76 -14.28 33.87
N PHE A 208 41.23 -15.17 33.03
CA PHE A 208 39.79 -15.39 32.98
C PHE A 208 39.53 -16.76 32.36
N ASP A 209 38.35 -17.28 32.62
CA ASP A 209 37.94 -18.57 32.06
C ASP A 209 37.24 -18.29 30.73
N GLY A 210 37.97 -18.50 29.63
CA GLY A 210 37.40 -18.28 28.31
C GLY A 210 36.17 -19.14 28.06
N LEU A 211 36.11 -20.30 28.69
CA LEU A 211 34.97 -21.18 28.50
C LEU A 211 33.75 -20.67 29.27
N ARG A 212 33.98 -20.10 30.46
CA ARG A 212 32.91 -19.40 31.16
C ARG A 212 32.41 -18.20 30.35
N PHE A 213 33.33 -17.45 29.75
CA PHE A 213 32.96 -16.34 28.88
C PHE A 213 32.08 -16.83 27.72
N THR A 214 32.49 -17.90 27.05
CA THR A 214 31.70 -18.43 25.94
C THR A 214 30.31 -18.85 26.39
N ALA A 215 30.21 -19.51 27.55
CA ALA A 215 28.90 -19.93 28.05
C ALA A 215 28.01 -18.73 28.35
N ALA A 216 28.60 -17.63 28.81
CA ALA A 216 27.83 -16.40 29.02
C ALA A 216 27.25 -15.88 27.71
N LEU A 217 28.05 -15.91 26.64
CA LEU A 217 27.56 -15.49 25.34
C LEU A 217 26.36 -16.34 24.91
N ARG A 218 26.47 -17.66 25.06
CA ARG A 218 25.41 -18.54 24.62
C ARG A 218 24.15 -18.43 25.47
N SER A 219 24.27 -17.95 26.71
CA SER A 219 23.11 -17.84 27.58
C SER A 219 22.22 -16.65 27.22
N GLU A 220 22.82 -15.55 26.73
CA GLU A 220 22.05 -14.37 26.37
C GLU A 220 21.45 -14.51 24.98
N GLU A 221 20.19 -14.12 24.84
CA GLU A 221 19.54 -14.20 23.53
C GLU A 221 20.20 -13.27 22.52
N ARG A 222 20.68 -12.11 22.99
CA ARG A 222 21.35 -11.17 22.09
C ARG A 222 22.52 -11.82 21.37
N THR A 223 23.31 -12.63 22.08
CA THR A 223 24.54 -13.20 21.53
C THR A 223 24.48 -14.72 21.38
N ARG A 224 23.29 -15.31 21.49
CA ARG A 224 23.16 -16.77 21.55
C ARG A 224 23.67 -17.46 20.28
N GLN A 225 23.52 -16.86 19.12
CA GLN A 225 23.97 -17.49 17.88
C GLN A 225 25.18 -16.80 17.27
N LEU A 226 25.84 -15.94 18.03
CA LEU A 226 27.06 -15.30 17.55
C LEU A 226 28.13 -16.35 17.31
N PRO A 227 28.74 -16.40 16.13
CA PRO A 227 29.77 -17.41 15.87
C PRO A 227 30.98 -17.20 16.77
N VAL A 228 31.48 -18.31 17.30
CA VAL A 228 32.61 -18.32 18.23
C VAL A 228 33.61 -19.36 17.79
N LEU A 229 34.88 -18.97 17.69
CA LEU A 229 35.99 -19.90 17.53
C LEU A 229 36.82 -19.89 18.81
N ALA A 230 37.20 -21.08 19.27
CA ALA A 230 38.00 -21.24 20.49
C ALA A 230 39.41 -21.68 20.14
N MET A 231 40.40 -20.95 20.65
CA MET A 231 41.80 -21.36 20.55
C MET A 231 42.10 -22.31 21.71
N VAL A 232 42.49 -23.54 21.37
CA VAL A 232 42.61 -24.61 22.34
C VAL A 232 44.02 -25.17 22.34
N ASP A 233 44.42 -25.71 23.49
CA ASP A 233 45.66 -26.46 23.60
C ASP A 233 45.44 -27.90 23.13
N PRO A 234 46.28 -28.42 22.23
CA PRO A 234 46.09 -29.80 21.78
C PRO A 234 46.42 -30.84 22.85
N ASP A 235 47.21 -30.47 23.86
CA ASP A 235 47.48 -31.39 24.97
C ASP A 235 46.22 -31.70 25.74
N ASP A 236 45.38 -30.69 25.99
CA ASP A 236 44.22 -30.81 26.86
C ASP A 236 43.02 -31.24 26.01
N ARG A 237 42.81 -32.55 25.92
CA ARG A 237 41.65 -33.05 25.18
C ARG A 237 40.34 -32.76 25.90
N GLY A 238 40.37 -32.73 27.24
CA GLY A 238 39.14 -32.46 27.98
C GLY A 238 38.60 -31.07 27.75
N ARG A 239 39.50 -30.08 27.67
CA ARG A 239 39.06 -28.70 27.43
C ARG A 239 38.51 -28.54 26.02
N MET A 240 39.10 -29.23 25.04
CA MET A 240 38.57 -29.20 23.68
C MET A 240 37.12 -29.68 23.65
N VAL A 241 36.85 -30.85 24.24
CA VAL A 241 35.49 -31.39 24.24
C VAL A 241 34.56 -30.48 25.01
N LYS A 242 35.02 -29.92 26.13
CA LYS A 242 34.18 -29.04 26.92
C LYS A 242 33.77 -27.80 26.13
N ALA A 243 34.71 -27.21 25.39
CA ALA A 243 34.39 -26.05 24.57
C ALA A 243 33.35 -26.39 23.51
N LEU A 244 33.49 -27.53 22.84
CA LEU A 244 32.51 -27.94 21.84
C LEU A 244 31.16 -28.22 22.48
N GLU A 245 31.14 -28.77 23.69
CA GLU A 245 29.89 -28.99 24.41
C GLU A 245 29.19 -27.68 24.74
N ILE A 246 29.97 -26.67 25.17
CA ILE A 246 29.38 -25.37 25.51
C ILE A 246 28.73 -24.75 24.29
N GLY A 247 29.28 -24.99 23.11
CA GLY A 247 28.63 -24.54 21.88
C GLY A 247 29.49 -23.70 20.97
N VAL A 248 30.82 -23.78 21.11
CA VAL A 248 31.68 -23.12 20.14
C VAL A 248 31.48 -23.77 18.77
N ASN A 249 31.57 -22.95 17.73
CA ASN A 249 31.28 -23.42 16.38
C ASN A 249 32.39 -24.33 15.87
N ASP A 250 33.65 -23.99 16.15
CA ASP A 250 34.79 -24.84 15.82
C ASP A 250 35.97 -24.39 16.65
N ILE A 251 37.05 -25.16 16.59
CA ILE A 251 38.20 -24.94 17.44
C ILE A 251 39.45 -24.73 16.60
N LEU A 252 40.41 -24.03 17.18
CA LEU A 252 41.69 -23.71 16.55
C LEU A 252 42.80 -24.21 17.47
N SER A 253 43.65 -25.10 16.96
CA SER A 253 44.73 -25.66 17.76
C SER A 253 45.87 -24.65 17.93
N ARG A 254 46.45 -24.63 19.13
CA ARG A 254 47.55 -23.68 19.28
C ARG A 254 48.90 -24.38 19.14
N PRO A 255 49.91 -23.74 18.52
CA PRO A 255 49.92 -22.36 18.00
C PRO A 255 49.12 -22.22 16.70
N ILE A 256 48.60 -21.02 16.45
CA ILE A 256 47.61 -20.83 15.39
C ILE A 256 48.28 -20.87 14.02
N ASP A 257 47.75 -21.71 13.15
CA ASP A 257 48.15 -21.81 11.76
C ASP A 257 47.48 -20.70 10.95
N PRO A 258 48.23 -19.88 10.20
CA PRO A 258 47.58 -18.86 9.36
C PRO A 258 46.56 -19.41 8.38
N GLN A 259 46.85 -20.54 7.72
CA GLN A 259 45.88 -21.04 6.74
C GLN A 259 44.66 -21.65 7.43
N GLU A 260 44.86 -22.31 8.57
CA GLU A 260 43.70 -22.81 9.32
C GLU A 260 42.85 -21.66 9.83
N LEU A 261 43.48 -20.62 10.37
CA LEU A 261 42.74 -19.45 10.84
C LEU A 261 41.93 -18.82 9.72
N SER A 262 42.55 -18.64 8.56
CA SER A 262 41.85 -18.06 7.41
C SER A 262 40.63 -18.91 7.03
N ALA A 263 40.82 -20.22 6.92
CA ALA A 263 39.73 -21.09 6.49
C ALA A 263 38.56 -21.05 7.47
N ARG A 264 38.83 -21.22 8.78
CA ARG A 264 37.75 -21.33 9.76
C ARG A 264 37.00 -20.01 9.90
N VAL A 265 37.72 -18.89 9.84
CA VAL A 265 37.07 -17.58 9.95
C VAL A 265 36.14 -17.35 8.76
N LYS A 266 36.63 -17.62 7.55
CA LYS A 266 35.80 -17.47 6.35
C LYS A 266 34.54 -18.33 6.45
N THR A 267 34.67 -19.55 6.97
CA THR A 267 33.52 -20.44 7.06
C THR A 267 32.46 -19.87 7.99
N GLN A 268 32.87 -19.37 9.16
CA GLN A 268 31.91 -18.85 10.12
C GLN A 268 31.27 -17.55 9.64
N ILE A 269 32.07 -16.67 9.06
CA ILE A 269 31.55 -15.37 8.62
C ILE A 269 30.59 -15.55 7.46
N GLN A 270 30.95 -16.39 6.48
CA GLN A 270 30.08 -16.60 5.33
C GLN A 270 28.79 -17.30 5.75
N ARG A 271 28.88 -18.25 6.68
CA ARG A 271 27.68 -18.91 7.19
C ARG A 271 26.75 -17.90 7.84
N LYS A 272 27.30 -16.96 8.61
CA LYS A 272 26.48 -15.94 9.26
C LYS A 272 25.79 -15.06 8.23
N ARG A 273 26.54 -14.59 7.23
CA ARG A 273 25.96 -13.70 6.23
C ARG A 273 24.88 -14.40 5.42
N TYR A 274 25.08 -15.68 5.09
CA TYR A 274 24.03 -16.46 4.44
C TYR A 274 22.78 -16.50 5.31
N THR A 275 22.94 -16.80 6.59
CA THR A 275 21.79 -16.94 7.49
C THR A 275 21.06 -15.61 7.65
N ASP A 276 21.80 -14.53 7.90
CA ASP A 276 21.18 -13.23 8.11
C ASP A 276 20.44 -12.77 6.86
N TYR A 277 21.04 -12.99 5.69
CA TYR A 277 20.38 -12.63 4.43
C TYR A 277 19.10 -13.43 4.22
N LEU A 278 19.12 -14.72 4.57
CA LEU A 278 17.95 -15.56 4.35
C LEU A 278 16.82 -15.23 5.33
N ARG A 279 17.14 -14.72 6.51
CA ARG A 279 16.14 -14.52 7.57
C ARG A 279 15.64 -13.08 7.66
N ASN A 280 16.49 -12.10 7.41
CA ASN A 280 16.09 -10.70 7.48
C ASN A 280 15.50 -10.21 6.16
N ASN A 281 16.15 -10.51 5.04
CA ASN A 281 15.68 -10.03 3.74
C ASN A 281 14.59 -10.92 3.14
N LEU A 282 14.94 -12.17 2.80
CA LEU A 282 14.05 -13.01 2.01
C LEU A 282 12.85 -13.53 2.81
N ASP A 283 13.02 -13.80 4.10
CA ASP A 283 11.90 -14.33 4.87
C ASP A 283 10.78 -13.30 5.05
N HIS A 284 11.14 -12.02 5.13
CA HIS A 284 10.15 -10.96 5.28
C HIS A 284 9.51 -10.54 3.95
N SER A 285 9.90 -11.15 2.84
CA SER A 285 9.29 -10.88 1.54
C SER A 285 7.99 -11.67 1.40
N LEU A 286 7.12 -11.18 0.51
CA LEU A 286 5.78 -11.75 0.39
C LEU A 286 5.78 -13.13 -0.26
N GLU A 287 6.82 -13.46 -1.03
CA GLU A 287 6.83 -14.76 -1.70
C GLU A 287 7.18 -15.89 -0.74
N LEU A 288 7.88 -15.60 0.35
CA LEU A 288 8.35 -16.62 1.27
C LEU A 288 7.62 -16.63 2.61
N ALA A 289 6.63 -15.77 2.80
CA ALA A 289 5.91 -15.73 4.06
C ALA A 289 5.07 -17.00 4.24
N VAL A 290 4.80 -17.33 5.51
CA VAL A 290 4.01 -18.51 5.84
C VAL A 290 2.80 -18.19 6.71
N THR A 291 2.57 -16.91 7.02
CA THR A 291 1.44 -16.51 7.84
C THR A 291 0.73 -15.34 7.18
N ASP A 292 -0.59 -15.43 7.07
CA ASP A 292 -1.37 -14.30 6.56
C ASP A 292 -1.41 -13.21 7.62
N GLN A 293 -0.99 -12.00 7.26
CA GLN A 293 -0.86 -10.95 8.25
C GLN A 293 -2.22 -10.43 8.70
N LEU A 294 -3.21 -10.49 7.83
CA LEU A 294 -4.55 -9.99 8.16
C LEU A 294 -5.26 -10.92 9.15
N THR A 295 -5.48 -12.17 8.73
CA THR A 295 -6.27 -13.09 9.54
C THR A 295 -5.47 -13.69 10.69
N GLY A 296 -4.15 -13.79 10.55
CA GLY A 296 -3.33 -14.48 11.52
C GLY A 296 -3.20 -15.97 11.30
N LEU A 297 -3.90 -16.53 10.31
CA LEU A 297 -3.76 -17.93 9.97
C LEU A 297 -2.50 -18.15 9.13
N HIS A 298 -2.16 -19.42 8.94
CA HIS A 298 -1.14 -19.74 7.94
C HIS A 298 -1.72 -19.56 6.55
N ASN A 299 -0.83 -19.49 5.55
CA ASN A 299 -1.25 -19.24 4.19
C ASN A 299 -1.09 -20.50 3.34
N ARG A 300 -1.17 -20.34 2.02
CA ARG A 300 -1.10 -21.51 1.14
C ARG A 300 0.31 -22.08 1.05
N ARG A 301 1.34 -21.23 1.16
CA ARG A 301 2.71 -21.75 1.14
C ARG A 301 2.94 -22.74 2.26
N TYR A 302 2.52 -22.38 3.48
CA TYR A 302 2.65 -23.28 4.61
C TYR A 302 1.88 -24.57 4.38
N MET A 303 0.62 -24.44 3.91
CA MET A 303 -0.25 -25.59 3.73
C MET A 303 0.35 -26.60 2.75
N THR A 304 0.91 -26.10 1.63
CA THR A 304 1.47 -26.98 0.62
C THR A 304 2.60 -27.83 1.18
N GLY A 305 3.51 -27.20 1.92
CA GLY A 305 4.59 -27.96 2.54
C GLY A 305 4.08 -29.07 3.45
N GLN A 306 3.15 -28.74 4.34
CA GLN A 306 2.64 -29.72 5.28
C GLN A 306 1.82 -30.81 4.58
N LEU A 307 0.99 -30.41 3.61
CA LEU A 307 0.13 -31.38 2.93
C LEU A 307 0.95 -32.41 2.15
N ASP A 308 2.11 -32.00 1.62
CA ASP A 308 2.96 -32.92 0.88
C ASP A 308 3.35 -34.12 1.73
N SER A 309 3.87 -33.88 2.94
CA SER A 309 4.21 -34.98 3.84
C SER A 309 2.98 -35.77 4.25
N LEU A 310 1.88 -35.06 4.54
CA LEU A 310 0.66 -35.73 4.98
C LEU A 310 0.15 -36.72 3.93
N VAL A 311 0.15 -36.33 2.66
CA VAL A 311 -0.37 -37.20 1.61
C VAL A 311 0.59 -38.35 1.35
N LYS A 312 1.90 -38.09 1.38
CA LYS A 312 2.87 -39.16 1.16
C LYS A 312 2.71 -40.26 2.20
N ARG A 313 2.51 -39.89 3.46
CA ARG A 313 2.30 -40.89 4.50
C ARG A 313 1.00 -41.65 4.28
N ALA A 314 -0.05 -40.95 3.84
CA ALA A 314 -1.33 -41.61 3.62
C ALA A 314 -1.26 -42.63 2.50
N THR A 315 -0.48 -42.34 1.46
CA THR A 315 -0.34 -43.28 0.34
C THR A 315 0.35 -44.57 0.74
N LEU A 316 1.13 -44.56 1.80
CA LEU A 316 1.82 -45.75 2.26
C LEU A 316 0.93 -46.69 3.07
N GLY A 317 -0.34 -46.34 3.26
CA GLY A 317 -1.24 -47.17 4.02
C GLY A 317 -1.42 -46.70 5.45
N GLY A 318 -2.55 -46.07 5.73
CA GLY A 318 -2.82 -45.57 7.05
C GLY A 318 -4.08 -44.72 7.04
N ASP A 319 -4.26 -43.97 8.12
CA ASP A 319 -5.42 -43.10 8.21
C ASP A 319 -5.33 -42.02 7.14
N PRO A 320 -6.43 -41.73 6.45
CA PRO A 320 -6.37 -40.78 5.34
C PRO A 320 -6.34 -39.33 5.83
N VAL A 321 -6.14 -38.43 4.88
CA VAL A 321 -6.13 -36.98 5.13
C VAL A 321 -7.36 -36.39 4.46
N SER A 322 -8.08 -35.55 5.18
CA SER A 322 -9.24 -34.86 4.63
C SER A 322 -8.91 -33.39 4.38
N ALA A 323 -9.64 -32.80 3.44
CA ALA A 323 -9.43 -31.41 3.05
C ALA A 323 -10.77 -30.71 2.91
N LEU A 324 -10.90 -29.57 3.59
CA LEU A 324 -12.09 -28.72 3.51
C LEU A 324 -11.73 -27.42 2.81
N LEU A 325 -12.48 -27.09 1.77
CA LEU A 325 -12.37 -25.80 1.09
C LEU A 325 -13.62 -24.98 1.41
N ILE A 326 -13.44 -23.87 2.11
CA ILE A 326 -14.53 -23.00 2.52
C ILE A 326 -14.46 -21.70 1.73
N ASP A 327 -15.58 -21.32 1.10
CA ASP A 327 -15.67 -20.08 0.34
C ASP A 327 -16.85 -19.28 0.86
N ILE A 328 -16.61 -18.00 1.17
CA ILE A 328 -17.67 -17.14 1.71
C ILE A 328 -18.60 -16.69 0.60
N ASP A 329 -19.90 -16.77 0.84
CA ASP A 329 -20.91 -16.44 -0.16
C ASP A 329 -21.17 -14.93 -0.17
N PHE A 330 -21.15 -14.35 -1.36
CA PHE A 330 -21.52 -12.94 -1.57
C PHE A 330 -20.61 -11.99 -0.78
N PHE A 331 -19.30 -12.19 -0.90
CA PHE A 331 -18.39 -11.32 -0.18
C PHE A 331 -18.27 -9.95 -0.83
N LYS A 332 -18.45 -9.88 -2.16
CA LYS A 332 -18.45 -8.59 -2.83
C LYS A 332 -19.49 -7.65 -2.24
N LYS A 333 -20.70 -8.17 -1.95
CA LYS A 333 -21.75 -7.32 -1.40
C LYS A 333 -21.35 -6.73 -0.06
N ILE A 334 -20.58 -7.48 0.74
CA ILE A 334 -20.08 -6.93 2.00
C ILE A 334 -19.18 -5.73 1.73
N ASN A 335 -18.22 -5.90 0.82
CA ASN A 335 -17.35 -4.79 0.46
C ASN A 335 -18.14 -3.64 -0.14
N ASP A 336 -19.19 -3.95 -0.90
CA ASP A 336 -19.99 -2.90 -1.53
C ASP A 336 -20.79 -2.13 -0.51
N THR A 337 -21.48 -2.84 0.39
CA THR A 337 -22.38 -2.18 1.33
C THR A 337 -21.61 -1.47 2.45
N PHE A 338 -20.59 -2.14 3.00
CA PHE A 338 -19.95 -1.64 4.21
C PHE A 338 -18.55 -1.11 4.00
N GLY A 339 -17.91 -1.43 2.89
CA GLY A 339 -16.56 -0.96 2.61
C GLY A 339 -15.54 -2.07 2.78
N HIS A 340 -14.34 -1.78 2.27
CA HIS A 340 -13.29 -2.79 2.25
C HIS A 340 -12.72 -3.04 3.64
N ASP A 341 -12.73 -2.02 4.51
CA ASP A 341 -12.18 -2.19 5.85
C ASP A 341 -13.07 -3.07 6.71
N ILE A 342 -14.40 -2.93 6.57
CA ILE A 342 -15.31 -3.83 7.28
C ILE A 342 -15.19 -5.24 6.72
N GLY A 343 -15.00 -5.36 5.41
CA GLY A 343 -14.71 -6.66 4.82
C GLY A 343 -13.51 -7.33 5.47
N ASP A 344 -12.46 -6.55 5.74
CA ASP A 344 -11.30 -7.11 6.42
C ASP A 344 -11.62 -7.52 7.85
N GLU A 345 -12.51 -6.79 8.53
CA GLU A 345 -12.97 -7.19 9.85
C GLU A 345 -13.68 -8.52 9.80
N VAL A 346 -14.53 -8.72 8.79
CA VAL A 346 -15.26 -9.98 8.67
C VAL A 346 -14.30 -11.14 8.45
N LEU A 347 -13.25 -10.92 7.65
CA LEU A 347 -12.27 -11.98 7.42
C LEU A 347 -11.53 -12.34 8.71
N ARG A 348 -11.16 -11.33 9.51
CA ARG A 348 -10.50 -11.60 10.78
C ARG A 348 -11.41 -12.38 11.72
N GLU A 349 -12.66 -11.94 11.84
CA GLU A 349 -13.61 -12.62 12.73
C GLU A 349 -13.93 -14.03 12.22
N PHE A 350 -14.00 -14.20 10.90
CA PHE A 350 -14.24 -15.53 10.35
C PHE A 350 -13.09 -16.49 10.68
N ALA A 351 -11.86 -16.00 10.58
CA ALA A 351 -10.71 -16.87 10.87
C ALA A 351 -10.74 -17.34 12.33
N LEU A 352 -11.13 -16.46 13.25
CA LEU A 352 -11.23 -16.86 14.65
C LEU A 352 -12.27 -17.96 14.84
N ARG A 353 -13.46 -17.79 14.26
CA ARG A 353 -14.49 -18.82 14.39
C ARG A 353 -14.02 -20.14 13.78
N LEU A 354 -13.37 -20.08 12.61
CA LEU A 354 -12.92 -21.30 11.96
C LEU A 354 -11.90 -22.05 12.81
N ALA A 355 -10.89 -21.33 13.32
CA ALA A 355 -9.85 -21.97 14.11
C ALA A 355 -10.40 -22.50 15.44
N SER A 356 -11.35 -21.78 16.04
CA SER A 356 -11.91 -22.21 17.32
C SER A 356 -12.69 -23.52 17.21
N ASN A 357 -13.27 -23.81 16.03
CA ASN A 357 -14.13 -24.97 15.88
C ASN A 357 -13.47 -26.12 15.13
N VAL A 358 -12.15 -26.10 15.02
CA VAL A 358 -11.39 -27.25 14.53
C VAL A 358 -10.21 -27.45 15.48
N ARG A 359 -9.63 -28.65 15.43
CA ARG A 359 -8.55 -28.98 16.34
C ARG A 359 -7.30 -28.15 16.03
N ALA A 360 -6.52 -27.87 17.07
CA ALA A 360 -5.24 -27.19 16.88
C ALA A 360 -4.26 -28.02 16.06
N ILE A 361 -4.47 -29.34 16.00
CA ILE A 361 -3.64 -30.17 15.12
C ILE A 361 -4.07 -30.05 13.67
N ASP A 362 -5.27 -29.54 13.41
CA ASP A 362 -5.69 -29.28 12.05
C ASP A 362 -4.98 -28.03 11.52
N LEU A 363 -5.10 -27.81 10.20
CA LEU A 363 -4.42 -26.70 9.54
C LEU A 363 -5.46 -25.79 8.89
N PRO A 364 -6.06 -24.88 9.66
CA PRO A 364 -6.94 -23.87 9.06
C PRO A 364 -6.11 -22.73 8.47
N CYS A 365 -6.05 -22.68 7.15
CA CYS A 365 -5.23 -21.71 6.45
C CYS A 365 -6.09 -20.85 5.53
N ARG A 366 -5.55 -19.68 5.19
CA ARG A 366 -6.17 -18.80 4.21
C ARG A 366 -5.67 -19.25 2.83
N TYR A 367 -6.57 -19.83 2.04
CA TYR A 367 -6.22 -20.44 0.77
C TYR A 367 -6.18 -19.42 -0.36
N GLY A 368 -7.23 -18.63 -0.48
CA GLY A 368 -7.34 -17.58 -1.48
C GLY A 368 -7.64 -16.25 -0.82
N GLY A 369 -8.34 -15.40 -1.58
CA GLY A 369 -8.74 -14.11 -1.04
C GLY A 369 -9.73 -14.27 0.09
N GLU A 370 -10.92 -14.77 -0.22
CA GLU A 370 -11.93 -15.08 0.78
C GLU A 370 -12.22 -16.57 0.85
N GLU A 371 -11.24 -17.39 0.46
CA GLU A 371 -11.37 -18.84 0.49
C GLU A 371 -10.42 -19.40 1.55
N PHE A 372 -10.91 -20.36 2.32
CA PHE A 372 -10.12 -20.95 3.39
C PHE A 372 -10.04 -22.47 3.20
N VAL A 373 -8.98 -23.05 3.74
CA VAL A 373 -8.74 -24.48 3.66
C VAL A 373 -8.51 -25.01 5.08
N VAL A 374 -9.04 -26.20 5.34
CA VAL A 374 -8.80 -26.91 6.59
C VAL A 374 -8.28 -28.29 6.23
N ILE A 375 -7.01 -28.54 6.55
CA ILE A 375 -6.42 -29.86 6.36
C ILE A 375 -6.54 -30.60 7.67
N MET A 376 -7.12 -31.79 7.62
CA MET A 376 -7.41 -32.57 8.82
C MET A 376 -6.71 -33.91 8.72
N PRO A 377 -5.56 -34.06 9.36
CA PRO A 377 -4.82 -35.32 9.27
C PRO A 377 -5.49 -36.43 10.06
N ASP A 378 -5.28 -37.67 9.61
CA ASP A 378 -5.84 -38.85 10.26
C ASP A 378 -7.34 -38.75 10.40
N THR A 379 -8.01 -38.44 9.29
CA THR A 379 -9.45 -38.19 9.29
C THR A 379 -10.07 -38.74 8.01
N ALA A 380 -11.21 -39.40 8.16
CA ALA A 380 -11.89 -40.02 7.04
C ALA A 380 -12.95 -39.09 6.46
N LEU A 381 -13.41 -39.42 5.26
CA LEU A 381 -14.37 -38.57 4.57
C LEU A 381 -15.67 -38.42 5.35
N ALA A 382 -16.16 -39.52 5.93
CA ALA A 382 -17.43 -39.47 6.63
C ALA A 382 -17.38 -38.48 7.79
N ASP A 383 -16.28 -38.45 8.54
CA ASP A 383 -16.15 -37.49 9.63
C ASP A 383 -15.96 -36.08 9.09
N ALA A 384 -15.11 -35.93 8.06
CA ALA A 384 -14.87 -34.62 7.46
C ALA A 384 -16.18 -33.95 7.05
N LEU A 385 -17.12 -34.72 6.51
CA LEU A 385 -18.41 -34.16 6.13
C LEU A 385 -19.17 -33.65 7.34
N ARG A 386 -19.14 -34.40 8.44
CA ARG A 386 -19.83 -33.94 9.65
C ARG A 386 -19.11 -32.76 10.29
N ILE A 387 -17.78 -32.67 10.12
CA ILE A 387 -17.06 -31.52 10.65
C ILE A 387 -17.41 -30.26 9.86
N ALA A 388 -17.48 -30.37 8.53
CA ALA A 388 -17.90 -29.23 7.71
C ALA A 388 -19.29 -28.75 8.11
N GLU A 389 -20.18 -29.69 8.47
CA GLU A 389 -21.50 -29.29 8.96
C GLU A 389 -21.40 -28.53 10.27
N ARG A 390 -20.47 -28.94 11.14
CA ARG A 390 -20.25 -28.20 12.38
C ARG A 390 -19.79 -26.78 12.08
N ILE A 391 -18.86 -26.63 11.14
CA ILE A 391 -18.31 -25.32 10.82
C ILE A 391 -19.41 -24.42 10.27
N ARG A 392 -20.18 -24.94 9.31
CA ARG A 392 -21.22 -24.13 8.67
C ARG A 392 -22.23 -23.62 9.70
N MET A 393 -22.60 -24.47 10.66
CA MET A 393 -23.58 -24.04 11.67
C MET A 393 -23.01 -22.96 12.58
N HIS A 394 -21.71 -23.00 12.87
CA HIS A 394 -21.14 -22.00 13.76
C HIS A 394 -20.93 -20.66 13.07
N VAL A 395 -20.63 -20.66 11.77
CA VAL A 395 -20.45 -19.40 11.06
C VAL A 395 -21.79 -18.81 10.64
N SER A 396 -22.74 -19.65 10.25
CA SER A 396 -24.03 -19.17 9.77
C SER A 396 -25.07 -19.02 10.88
N GLY A 397 -24.88 -19.68 12.02
CA GLY A 397 -25.85 -19.56 13.09
C GLY A 397 -25.78 -18.26 13.86
N SER A 398 -24.60 -17.63 13.88
CA SER A 398 -24.42 -16.39 14.62
C SER A 398 -24.03 -15.25 13.70
N PRO A 399 -24.55 -14.05 13.92
CA PRO A 399 -24.16 -12.91 13.08
C PRO A 399 -22.75 -12.41 13.43
N PHE A 400 -22.18 -11.68 12.48
CA PHE A 400 -20.84 -11.12 12.64
C PHE A 400 -20.96 -9.66 13.08
N THR A 401 -20.35 -9.34 14.21
CA THR A 401 -20.35 -7.97 14.73
C THR A 401 -19.17 -7.21 14.14
N VAL A 402 -19.47 -6.09 13.48
CA VAL A 402 -18.46 -5.28 12.80
C VAL A 402 -18.69 -3.81 13.14
N ALA A 403 -17.76 -2.98 12.69
CA ALA A 403 -17.85 -1.51 12.82
C ALA A 403 -17.81 -1.08 14.29
N HIS A 404 -16.90 -1.67 15.07
CA HIS A 404 -16.78 -1.40 16.50
C HIS A 404 -18.11 -1.62 17.22
N GLY A 405 -18.80 -2.70 16.86
CA GLY A 405 -20.04 -3.07 17.52
C GLY A 405 -21.28 -2.40 17.00
N ARG A 406 -21.17 -1.49 16.04
CA ARG A 406 -22.32 -0.72 15.59
C ARG A 406 -23.17 -1.48 14.58
N GLU A 407 -22.61 -2.44 13.85
CA GLU A 407 -23.30 -3.10 12.76
C GLU A 407 -23.25 -4.61 12.90
N MET A 408 -24.32 -5.26 12.45
CA MET A 408 -24.45 -6.72 12.43
C MET A 408 -24.68 -7.20 11.02
N LEU A 409 -24.07 -8.36 10.70
CA LEU A 409 -24.10 -8.91 9.36
C LEU A 409 -24.19 -10.43 9.45
N ASN A 410 -24.96 -11.02 8.53
CA ASN A 410 -25.04 -12.47 8.42
C ASN A 410 -24.15 -12.95 7.30
N VAL A 411 -23.60 -14.15 7.45
CA VAL A 411 -22.67 -14.72 6.48
C VAL A 411 -23.01 -16.20 6.28
N THR A 412 -22.88 -16.67 5.04
CA THR A 412 -23.03 -18.08 4.71
C THR A 412 -21.82 -18.52 3.88
N ILE A 413 -21.53 -19.83 3.92
CA ILE A 413 -20.35 -20.37 3.27
C ILE A 413 -20.70 -21.65 2.52
N SER A 414 -19.99 -21.89 1.42
CA SER A 414 -20.07 -23.13 0.67
C SER A 414 -18.78 -23.92 0.91
N ILE A 415 -18.92 -25.22 1.16
CA ILE A 415 -17.80 -26.08 1.53
C ILE A 415 -17.70 -27.25 0.56
N GLY A 416 -16.48 -27.58 0.17
CA GLY A 416 -16.19 -28.79 -0.58
C GLY A 416 -15.23 -29.68 0.19
N VAL A 417 -15.53 -30.97 0.24
CA VAL A 417 -14.84 -31.92 1.12
C VAL A 417 -14.27 -33.07 0.29
N SER A 418 -13.05 -33.48 0.64
CA SER A 418 -12.40 -34.62 -0.01
C SER A 418 -11.45 -35.29 0.96
N ALA A 419 -11.11 -36.56 0.67
CA ALA A 419 -10.19 -37.33 1.49
C ALA A 419 -9.25 -38.13 0.60
N THR A 420 -8.07 -38.43 1.14
CA THR A 420 -7.01 -39.16 0.40
C THR A 420 -7.24 -40.66 0.53
N ALA A 421 -7.93 -41.23 -0.43
CA ALA A 421 -8.06 -42.68 -0.56
C ALA A 421 -7.26 -43.14 -1.76
N GLY A 422 -6.28 -44.01 -1.52
CA GLY A 422 -5.55 -44.65 -2.61
C GLY A 422 -4.04 -44.58 -2.47
N GLU A 423 -3.33 -45.45 -3.20
CA GLU A 423 -1.88 -45.49 -3.10
C GLU A 423 -1.23 -44.42 -3.97
N GLY A 424 -1.87 -44.02 -5.07
CA GLY A 424 -1.25 -43.07 -5.96
C GLY A 424 -1.92 -41.70 -5.94
N ASP A 425 -2.64 -41.42 -4.87
CA ASP A 425 -3.27 -40.11 -4.73
C ASP A 425 -2.19 -39.05 -4.55
N THR A 426 -2.54 -37.82 -4.89
CA THR A 426 -1.61 -36.70 -4.85
C THR A 426 -2.30 -35.50 -4.18
N PRO A 427 -1.52 -34.57 -3.62
CA PRO A 427 -2.15 -33.35 -3.05
C PRO A 427 -3.00 -32.60 -4.06
N GLU A 428 -2.53 -32.49 -5.32
CA GLU A 428 -3.27 -31.74 -6.32
C GLU A 428 -4.65 -32.36 -6.56
N ALA A 429 -4.71 -33.69 -6.69
CA ALA A 429 -5.98 -34.36 -6.89
C ALA A 429 -6.90 -34.17 -5.69
N LEU A 430 -6.33 -34.20 -4.47
CA LEU A 430 -7.14 -34.01 -3.27
C LEU A 430 -7.81 -32.66 -3.26
N LEU A 431 -7.07 -31.60 -3.62
CA LEU A 431 -7.64 -30.26 -3.62
C LEU A 431 -8.57 -30.06 -4.81
N LYS A 432 -8.22 -30.63 -5.96
CA LYS A 432 -9.10 -30.53 -7.13
C LYS A 432 -10.46 -31.17 -6.85
N ARG A 433 -10.48 -32.27 -6.09
CA ARG A 433 -11.75 -32.88 -5.72
C ARG A 433 -12.53 -32.01 -4.75
N ALA A 434 -11.84 -31.25 -3.90
CA ALA A 434 -12.52 -30.32 -3.01
C ALA A 434 -13.04 -29.10 -3.77
N ASP A 435 -12.29 -28.64 -4.78
CA ASP A 435 -12.76 -27.56 -5.62
C ASP A 435 -14.09 -27.91 -6.27
N GLU A 436 -14.18 -29.09 -6.87
CA GLU A 436 -15.44 -29.56 -7.45
C GLU A 436 -16.58 -29.50 -6.43
N GLY A 437 -16.31 -29.91 -5.20
CA GLY A 437 -17.31 -29.79 -4.15
C GLY A 437 -17.79 -28.37 -3.96
N VAL A 438 -16.86 -27.41 -3.93
CA VAL A 438 -17.23 -26.02 -3.72
C VAL A 438 -18.03 -25.49 -4.91
N TYR A 439 -17.57 -25.80 -6.13
CA TYR A 439 -18.25 -25.30 -7.32
C TYR A 439 -19.67 -25.86 -7.43
N GLN A 440 -19.84 -27.14 -7.08
CA GLN A 440 -21.18 -27.72 -7.09
C GLN A 440 -22.03 -27.16 -5.96
N ALA A 441 -21.42 -26.88 -4.81
CA ALA A 441 -22.15 -26.27 -3.71
C ALA A 441 -22.60 -24.85 -4.06
N LYS A 442 -21.80 -24.12 -4.84
CA LYS A 442 -22.20 -22.79 -5.29
C LYS A 442 -23.32 -22.86 -6.32
N ALA A 443 -23.28 -23.85 -7.21
CA ALA A 443 -24.26 -23.94 -8.28
C ALA A 443 -25.65 -24.28 -7.75
N SER A 444 -25.72 -25.20 -6.79
CA SER A 444 -27.01 -25.65 -6.24
C SER A 444 -27.37 -24.83 -4.99
N GLY A 445 -27.52 -23.53 -5.20
CA GLY A 445 -27.78 -22.62 -4.11
C GLY A 445 -26.51 -22.23 -3.38
N ARG A 446 -26.67 -21.79 -2.14
CA ARG A 446 -25.56 -21.41 -1.29
C ARG A 446 -25.73 -22.08 0.07
N ASN A 447 -24.72 -21.91 0.93
CA ASN A 447 -24.75 -22.43 2.29
C ASN A 447 -24.95 -23.94 2.30
N ALA A 448 -24.08 -24.66 1.59
CA ALA A 448 -24.18 -26.11 1.49
C ALA A 448 -22.78 -26.72 1.55
N VAL A 449 -22.75 -28.03 1.80
CA VAL A 449 -21.52 -28.81 1.82
C VAL A 449 -21.65 -29.93 0.79
N VAL A 450 -20.59 -30.15 0.02
CA VAL A 450 -20.58 -31.17 -1.02
C VAL A 450 -19.27 -31.94 -0.91
N GLY A 451 -19.35 -33.26 -0.91
CA GLY A 451 -18.18 -34.13 -0.81
C GLY A 451 -17.94 -34.88 -2.12
N LYS A 452 -16.67 -35.05 -2.46
CA LYS A 452 -16.26 -35.76 -3.66
C LYS A 452 -15.25 -36.83 -3.27
N ALA A 453 -15.63 -38.09 -3.41
CA ALA A 453 -14.72 -39.21 -3.20
C ALA A 453 -14.14 -39.66 -4.52
N ALA A 454 -12.93 -40.22 -4.47
CA ALA A 454 -12.26 -40.67 -5.68
C ALA A 454 -12.90 -41.95 -6.23
N ALA B 3 -36.25 20.46 -13.55
CA ALA B 3 -36.23 20.90 -12.16
C ALA B 3 -37.63 21.26 -11.70
N ARG B 4 -37.95 20.95 -10.44
CA ARG B 4 -39.30 21.13 -9.90
C ARG B 4 -39.34 22.36 -9.02
N ILE B 5 -40.27 23.27 -9.32
CA ILE B 5 -40.40 24.54 -8.62
C ILE B 5 -41.76 24.60 -7.94
N LEU B 6 -41.77 25.05 -6.69
CA LEU B 6 -43.00 25.29 -5.94
C LEU B 6 -43.22 26.79 -5.83
N VAL B 7 -44.36 27.26 -6.32
CA VAL B 7 -44.73 28.68 -6.30
C VAL B 7 -45.85 28.87 -5.29
N VAL B 8 -45.71 29.87 -4.42
CA VAL B 8 -46.64 30.10 -3.33
C VAL B 8 -47.02 31.57 -3.32
N ASP B 9 -48.31 31.85 -3.53
CA ASP B 9 -48.84 33.21 -3.46
C ASP B 9 -50.32 33.11 -3.11
N ASP B 10 -50.80 34.07 -2.32
CA ASP B 10 -52.20 34.04 -1.91
C ASP B 10 -53.16 34.33 -3.06
N ILE B 11 -52.71 35.07 -4.07
CA ILE B 11 -53.54 35.46 -5.20
C ILE B 11 -53.29 34.49 -6.35
N GLU B 12 -54.35 33.87 -6.85
CA GLU B 12 -54.20 32.83 -7.86
C GLU B 12 -53.61 33.38 -9.16
N ALA B 13 -53.99 34.59 -9.53
CA ALA B 13 -53.50 35.17 -10.78
C ALA B 13 -51.99 35.31 -10.75
N ASN B 14 -51.43 35.72 -9.62
CA ASN B 14 -49.98 35.78 -9.48
C ASN B 14 -49.35 34.40 -9.67
N VAL B 15 -50.00 33.37 -9.11
CA VAL B 15 -49.46 32.01 -9.21
C VAL B 15 -49.49 31.53 -10.64
N ARG B 16 -50.62 31.72 -11.34
CA ARG B 16 -50.74 31.24 -12.71
C ARG B 16 -49.76 31.96 -13.63
N LEU B 17 -49.54 33.26 -13.39
CA LEU B 17 -48.60 34.02 -14.19
C LEU B 17 -47.19 33.44 -14.10
N LEU B 18 -46.73 33.18 -12.88
CA LEU B 18 -45.40 32.60 -12.69
C LEU B 18 -45.34 31.19 -13.24
N GLU B 19 -46.38 30.38 -12.98
CA GLU B 19 -46.43 29.03 -13.54
C GLU B 19 -46.30 29.05 -15.05
N ALA B 20 -46.98 29.99 -15.72
CA ALA B 20 -46.91 30.08 -17.17
C ALA B 20 -45.50 30.43 -17.63
N LYS B 21 -44.86 31.40 -16.98
CA LYS B 21 -43.51 31.82 -17.37
C LYS B 21 -42.53 30.68 -17.20
N LEU B 22 -42.61 29.96 -16.08
CA LEU B 22 -41.65 28.90 -15.76
C LEU B 22 -41.88 27.66 -16.62
N THR B 23 -43.15 27.31 -16.88
CA THR B 23 -43.43 26.17 -17.74
C THR B 23 -42.92 26.40 -19.16
N ALA B 24 -42.97 27.65 -19.62
CA ALA B 24 -42.44 27.99 -20.94
C ALA B 24 -40.94 27.73 -21.01
N GLU B 25 -40.25 27.81 -19.87
CA GLU B 25 -38.80 27.56 -19.81
C GLU B 25 -38.48 26.15 -19.34
N TYR B 26 -39.41 25.21 -19.54
CA TYR B 26 -39.16 23.78 -19.35
C TYR B 26 -38.97 23.41 -17.88
N TYR B 27 -39.71 24.08 -16.99
CA TYR B 27 -39.70 23.75 -15.57
C TYR B 27 -40.98 23.03 -15.19
N GLU B 28 -40.86 22.12 -14.22
CA GLU B 28 -42.00 21.39 -13.68
C GLU B 28 -42.49 22.15 -12.44
N VAL B 29 -43.69 22.71 -12.52
CA VAL B 29 -44.16 23.70 -11.55
C VAL B 29 -45.34 23.13 -10.77
N SER B 30 -45.26 23.24 -9.44
CA SER B 30 -46.38 23.00 -8.55
C SER B 30 -46.77 24.31 -7.88
N THR B 31 -47.99 24.37 -7.36
CA THR B 31 -48.55 25.61 -6.86
C THR B 31 -49.21 25.40 -5.49
N ALA B 32 -49.15 26.45 -4.67
CA ALA B 32 -49.85 26.49 -3.39
C ALA B 32 -50.33 27.92 -3.14
N MET B 33 -51.45 28.05 -2.44
CA MET B 33 -52.07 29.35 -2.25
C MET B 33 -52.18 29.76 -0.79
N ASP B 34 -51.55 29.03 0.13
CA ASP B 34 -51.46 29.46 1.52
C ASP B 34 -50.29 28.73 2.18
N GLY B 35 -49.96 29.18 3.39
CA GLY B 35 -48.82 28.67 4.11
C GLY B 35 -48.91 27.19 4.46
N PRO B 36 -49.96 26.80 5.20
CA PRO B 36 -50.10 25.37 5.57
C PRO B 36 -50.02 24.41 4.39
N THR B 37 -50.71 24.70 3.29
CA THR B 37 -50.66 23.80 2.13
C THR B 37 -49.26 23.75 1.52
N ALA B 38 -48.58 24.90 1.46
CA ALA B 38 -47.23 24.93 0.90
C ALA B 38 -46.27 24.09 1.72
N LEU B 39 -46.39 24.15 3.05
CA LEU B 39 -45.52 23.36 3.91
C LEU B 39 -45.80 21.87 3.74
N ALA B 40 -47.06 21.50 3.57
CA ALA B 40 -47.39 20.09 3.33
C ALA B 40 -46.85 19.62 1.99
N MET B 41 -47.01 20.45 0.94
CA MET B 41 -46.50 20.06 -0.38
C MET B 41 -44.98 19.98 -0.39
N ALA B 42 -44.31 20.92 0.27
CA ALA B 42 -42.84 20.92 0.27
C ALA B 42 -42.29 19.68 0.95
N ALA B 43 -42.86 19.29 2.10
CA ALA B 43 -42.37 18.11 2.79
C ALA B 43 -42.68 16.82 2.02
N ARG B 44 -43.80 16.80 1.31
CA ARG B 44 -44.23 15.58 0.61
C ARG B 44 -43.50 15.40 -0.71
N ASP B 45 -43.41 16.47 -1.52
CA ASP B 45 -42.85 16.36 -2.86
C ASP B 45 -41.37 16.71 -2.94
N LEU B 46 -40.83 17.39 -1.93
CA LEU B 46 -39.43 17.80 -1.87
C LEU B 46 -39.01 18.50 -3.16
N PRO B 47 -39.50 19.71 -3.43
CA PRO B 47 -39.13 20.40 -4.67
C PRO B 47 -37.68 20.84 -4.64
N ASP B 48 -37.23 21.38 -5.78
CA ASP B 48 -35.86 21.85 -5.88
C ASP B 48 -35.71 23.31 -5.45
N ILE B 49 -36.69 24.16 -5.79
CA ILE B 49 -36.69 25.56 -5.39
C ILE B 49 -38.11 25.94 -4.99
N ILE B 50 -38.21 26.84 -4.00
CA ILE B 50 -39.49 27.38 -3.56
C ILE B 50 -39.49 28.88 -3.81
N LEU B 51 -40.48 29.35 -4.57
CA LEU B 51 -40.74 30.78 -4.76
C LEU B 51 -41.91 31.17 -3.86
N LEU B 52 -41.69 32.12 -2.96
CA LEU B 52 -42.58 32.34 -1.82
C LEU B 52 -42.92 33.80 -1.68
N ASP B 53 -44.21 34.11 -1.64
CA ASP B 53 -44.66 35.47 -1.39
C ASP B 53 -44.46 35.83 0.07
N VAL B 54 -43.97 37.04 0.32
CA VAL B 54 -43.74 37.46 1.70
C VAL B 54 -45.04 37.85 2.38
N MET B 55 -45.99 38.40 1.65
CA MET B 55 -47.21 38.94 2.23
C MET B 55 -48.36 38.00 1.89
N MET B 56 -48.75 37.15 2.84
CA MET B 56 -49.89 36.28 2.64
C MET B 56 -50.75 36.35 3.89
N PRO B 57 -52.07 36.30 3.73
CA PRO B 57 -52.95 36.33 4.91
C PRO B 57 -52.77 35.09 5.80
N GLY B 58 -52.75 35.34 7.10
CA GLY B 58 -52.60 34.33 8.14
C GLY B 58 -51.14 33.98 8.36
N MET B 59 -50.63 32.99 7.64
CA MET B 59 -49.24 32.59 7.77
C MET B 59 -48.46 33.36 6.71
N ASP B 60 -47.65 34.30 7.16
CA ASP B 60 -46.87 35.11 6.24
C ASP B 60 -45.71 34.29 5.67
N GLY B 61 -45.09 34.84 4.62
CA GLY B 61 -43.98 34.13 3.99
C GLY B 61 -42.81 33.93 4.93
N PHE B 62 -42.55 34.91 5.80
CA PHE B 62 -41.48 34.77 6.78
C PHE B 62 -41.71 33.57 7.68
N THR B 63 -42.95 33.38 8.15
CA THR B 63 -43.26 32.23 8.98
C THR B 63 -43.09 30.92 8.21
N VAL B 64 -43.57 30.88 6.96
CA VAL B 64 -43.42 29.69 6.13
C VAL B 64 -41.95 29.35 5.94
N CYS B 65 -41.13 30.36 5.63
CA CYS B 65 -39.70 30.14 5.46
C CYS B 65 -39.07 29.58 6.73
N ARG B 66 -39.36 30.20 7.87
CA ARG B 66 -38.80 29.73 9.14
C ARG B 66 -39.24 28.31 9.45
N LYS B 67 -40.48 27.95 9.11
CA LYS B 67 -40.94 26.58 9.33
C LYS B 67 -40.29 25.62 8.34
N LEU B 68 -39.96 26.08 7.14
CA LEU B 68 -39.26 25.23 6.18
C LEU B 68 -37.87 24.86 6.67
N LYS B 69 -37.19 25.79 7.36
CA LYS B 69 -35.86 25.52 7.90
C LYS B 69 -35.93 24.70 9.19
N ASP B 70 -37.07 24.69 9.87
CA ASP B 70 -37.19 23.87 11.08
C ASP B 70 -37.27 22.39 10.73
N ASP B 71 -38.05 22.04 9.72
CA ASP B 71 -38.12 20.66 9.25
C ASP B 71 -36.77 20.25 8.67
N PRO B 72 -36.13 19.20 9.17
CA PRO B 72 -34.84 18.79 8.60
C PRO B 72 -34.93 18.23 7.18
N THR B 73 -36.10 17.76 6.76
CA THR B 73 -36.24 17.21 5.42
C THR B 73 -36.39 18.27 4.35
N THR B 74 -36.73 19.50 4.73
CA THR B 74 -36.87 20.59 3.78
C THR B 74 -35.89 21.73 4.02
N ARG B 75 -35.01 21.61 5.02
CA ARG B 75 -34.09 22.68 5.36
C ARG B 75 -33.17 23.04 4.21
N HIS B 76 -32.84 22.06 3.36
CA HIS B 76 -31.83 22.26 2.31
C HIS B 76 -32.38 22.94 1.07
N ILE B 77 -33.70 23.03 0.91
CA ILE B 77 -34.31 23.55 -0.30
C ILE B 77 -34.19 25.07 -0.35
N PRO B 78 -33.53 25.64 -1.36
CA PRO B 78 -33.44 27.09 -1.47
C PRO B 78 -34.82 27.74 -1.55
N VAL B 79 -34.99 28.84 -0.82
CA VAL B 79 -36.23 29.60 -0.79
C VAL B 79 -35.95 31.01 -1.30
N VAL B 80 -36.73 31.46 -2.28
CA VAL B 80 -36.68 32.81 -2.79
C VAL B 80 -37.92 33.56 -2.30
N LEU B 81 -37.71 34.72 -1.71
CA LEU B 81 -38.81 35.55 -1.22
C LEU B 81 -39.15 36.63 -2.26
N ILE B 82 -40.43 36.72 -2.61
CA ILE B 82 -40.91 37.74 -3.54
C ILE B 82 -41.41 38.94 -2.74
N THR B 83 -40.70 40.06 -2.83
CA THR B 83 -41.03 41.28 -2.12
C THR B 83 -41.53 42.34 -3.11
N ALA B 84 -41.90 43.49 -2.58
CA ALA B 84 -42.28 44.68 -3.32
C ALA B 84 -41.15 45.71 -3.27
N LEU B 85 -41.43 46.92 -3.76
CA LEU B 85 -40.47 48.01 -3.65
C LEU B 85 -40.27 48.39 -2.18
N ASP B 86 -39.21 49.14 -1.93
CA ASP B 86 -38.78 49.51 -0.58
C ASP B 86 -39.06 48.35 0.36
N GLY B 87 -38.43 47.23 0.06
CA GLY B 87 -38.63 46.00 0.80
C GLY B 87 -37.42 45.70 1.65
N ARG B 88 -36.69 46.77 2.01
CA ARG B 88 -35.52 46.65 2.87
C ARG B 88 -35.87 45.90 4.15
N GLY B 89 -36.95 46.31 4.81
CA GLY B 89 -37.38 45.59 6.01
C GLY B 89 -37.77 44.15 5.70
N ASP B 90 -38.42 43.93 4.55
CA ASP B 90 -38.75 42.58 4.14
C ASP B 90 -37.49 41.74 3.94
N ARG B 91 -36.49 42.30 3.26
CA ARG B 91 -35.27 41.56 3.00
C ARG B 91 -34.46 41.34 4.28
N ILE B 92 -34.46 42.31 5.19
CA ILE B 92 -33.78 42.13 6.47
C ILE B 92 -34.43 40.99 7.24
N GLN B 93 -35.76 41.01 7.34
CA GLN B 93 -36.46 39.91 7.99
C GLN B 93 -36.41 38.64 7.14
N GLY B 94 -36.25 38.78 5.83
CA GLY B 94 -36.12 37.61 4.98
C GLY B 94 -34.86 36.82 5.28
N LEU B 95 -33.73 37.53 5.40
CA LEU B 95 -32.48 36.87 5.77
C LEU B 95 -32.59 36.25 7.15
N GLU B 96 -33.25 36.95 8.08
CA GLU B 96 -33.46 36.39 9.42
C GLU B 96 -34.27 35.10 9.36
N SER B 97 -35.23 35.01 8.44
CA SER B 97 -36.05 33.82 8.30
C SER B 97 -35.32 32.68 7.59
N GLY B 98 -34.22 32.97 6.92
CA GLY B 98 -33.44 31.95 6.24
C GLY B 98 -33.63 31.88 4.75
N ALA B 99 -33.99 32.99 4.10
CA ALA B 99 -34.18 32.99 2.67
C ALA B 99 -32.85 32.91 1.94
N SER B 100 -32.85 32.24 0.79
CA SER B 100 -31.64 32.14 -0.02
C SER B 100 -31.40 33.42 -0.81
N ASP B 101 -32.43 33.96 -1.45
CA ASP B 101 -32.31 35.18 -2.24
C ASP B 101 -33.68 35.82 -2.36
N PHE B 102 -33.78 36.87 -3.19
CA PHE B 102 -34.99 37.68 -3.27
C PHE B 102 -35.34 38.01 -4.71
N LEU B 103 -36.63 38.19 -4.97
CA LEU B 103 -37.14 38.80 -6.19
C LEU B 103 -38.08 39.94 -5.82
N THR B 104 -38.17 40.93 -6.70
CA THR B 104 -38.98 42.12 -6.45
C THR B 104 -40.15 42.17 -7.42
N LYS B 105 -41.35 42.55 -6.91
CA LYS B 105 -42.47 42.68 -7.84
C LYS B 105 -42.59 44.10 -8.38
N PRO B 106 -42.98 44.28 -9.66
CA PRO B 106 -43.40 43.29 -10.65
C PRO B 106 -42.25 42.40 -11.13
N ILE B 107 -42.53 41.14 -11.43
CA ILE B 107 -41.48 40.15 -11.65
C ILE B 107 -40.74 40.49 -12.94
N ASP B 108 -39.43 40.64 -12.86
CA ASP B 108 -38.58 40.91 -14.01
C ASP B 108 -38.05 39.57 -14.53
N ASP B 109 -38.39 39.26 -15.78
CA ASP B 109 -38.08 37.94 -16.34
C ASP B 109 -36.59 37.68 -16.37
N VAL B 110 -35.78 38.70 -16.68
CA VAL B 110 -34.33 38.52 -16.69
C VAL B 110 -33.83 38.17 -15.29
N MET B 111 -34.31 38.90 -14.28
CA MET B 111 -33.89 38.62 -12.91
C MET B 111 -34.45 37.28 -12.43
N LEU B 112 -35.68 36.95 -12.83
CA LEU B 112 -36.30 35.70 -12.40
C LEU B 112 -35.49 34.49 -12.84
N PHE B 113 -35.24 34.38 -14.15
CA PHE B 113 -34.56 33.19 -14.65
C PHE B 113 -33.08 33.18 -14.28
N ALA B 114 -32.48 34.34 -14.09
CA ALA B 114 -31.10 34.38 -13.59
C ALA B 114 -31.02 33.74 -12.21
N ARG B 115 -31.93 34.11 -11.32
CA ARG B 115 -31.93 33.55 -9.96
C ARG B 115 -32.21 32.06 -9.99
N VAL B 116 -33.21 31.64 -10.76
CA VAL B 116 -33.59 30.22 -10.82
C VAL B 116 -32.45 29.38 -11.35
N ARG B 117 -31.86 29.78 -12.48
CA ARG B 117 -30.73 29.05 -13.04
C ARG B 117 -29.59 28.96 -12.03
N SER B 118 -29.29 30.08 -11.36
CA SER B 118 -28.24 30.08 -10.34
C SER B 118 -28.56 29.10 -9.22
N LEU B 119 -29.79 29.14 -8.71
CA LEU B 119 -30.12 28.33 -7.54
C LEU B 119 -30.39 26.87 -7.89
N THR B 120 -30.79 26.57 -9.13
CA THR B 120 -30.91 25.17 -9.53
C THR B 120 -29.55 24.50 -9.63
N ARG B 121 -28.55 25.21 -10.16
CA ARG B 121 -27.20 24.68 -10.19
C ARG B 121 -26.67 24.44 -8.78
N PHE B 122 -26.99 25.35 -7.86
CA PHE B 122 -26.62 25.14 -6.46
C PHE B 122 -27.34 23.93 -5.89
N LYS B 123 -28.59 23.70 -6.30
CA LYS B 123 -29.33 22.54 -5.82
C LYS B 123 -28.67 21.24 -6.26
N LEU B 124 -28.02 21.23 -7.43
CA LEU B 124 -27.37 20.02 -7.91
C LEU B 124 -26.26 19.55 -6.98
N VAL B 125 -25.37 20.46 -6.58
CA VAL B 125 -24.30 20.08 -5.67
C VAL B 125 -24.84 19.78 -4.28
N ILE B 126 -25.87 20.51 -3.84
CA ILE B 126 -26.52 20.21 -2.57
C ILE B 126 -27.00 18.75 -2.57
N ASP B 127 -27.70 18.35 -3.64
CA ASP B 127 -28.20 16.98 -3.73
C ASP B 127 -27.05 15.97 -3.73
N GLU B 128 -25.99 16.25 -4.50
CA GLU B 128 -24.88 15.32 -4.60
C GLU B 128 -24.16 15.16 -3.26
N LEU B 129 -23.92 16.27 -2.56
CA LEU B 129 -23.24 16.19 -1.27
C LEU B 129 -24.04 15.36 -0.28
N ARG B 130 -25.37 15.51 -0.28
CA ARG B 130 -26.20 14.72 0.61
C ARG B 130 -26.17 13.24 0.23
N GLN B 131 -26.03 12.95 -1.06
CA GLN B 131 -25.88 11.57 -1.51
C GLN B 131 -24.60 10.95 -0.95
N ARG B 132 -23.49 11.66 -1.06
CA ARG B 132 -22.21 11.17 -0.56
C ARG B 132 -22.25 10.98 0.96
N GLU B 133 -22.88 11.91 1.67
CA GLU B 133 -22.94 11.81 3.13
C GLU B 133 -23.77 10.61 3.57
N ALA B 134 -24.81 10.25 2.82
CA ALA B 134 -25.56 9.04 3.12
C ALA B 134 -24.70 7.80 2.93
N SER B 135 -23.96 7.73 1.84
CA SER B 135 -23.08 6.60 1.58
C SER B 135 -21.98 6.49 2.63
N GLY B 136 -21.36 7.63 2.97
CA GLY B 136 -20.27 7.60 3.95
C GLY B 136 -20.72 7.18 5.33
N ARG B 137 -21.97 7.49 5.69
CA ARG B 137 -22.49 7.06 6.99
C ARG B 137 -22.64 5.55 7.05
N ARG B 138 -23.12 4.93 5.96
CA ARG B 138 -23.24 3.49 5.93
C ARG B 138 -21.88 2.80 5.95
N MET B 139 -20.86 3.46 5.44
CA MET B 139 -19.51 2.89 5.41
C MET B 139 -18.64 3.46 6.54
N ARG B 148 -14.88 23.54 5.68
CA ARG B 148 -15.73 24.72 5.78
C ARG B 148 -16.75 24.77 4.65
N LEU B 149 -18.03 24.63 4.99
CA LEU B 149 -19.09 24.53 3.99
C LEU B 149 -20.19 25.56 4.19
N ASP B 150 -19.93 26.63 4.93
CA ASP B 150 -20.84 27.76 4.95
C ASP B 150 -20.49 28.72 3.81
N GLY B 151 -21.21 29.84 3.73
CA GLY B 151 -20.96 30.81 2.69
C GLY B 151 -20.25 32.05 3.20
N LEU B 152 -19.59 31.94 4.33
CA LEU B 152 -18.99 33.08 5.01
C LEU B 152 -17.47 33.04 4.93
N GLY B 153 -16.85 34.19 5.19
CA GLY B 153 -15.41 34.25 5.32
C GLY B 153 -14.64 34.16 4.03
N GLY B 154 -15.26 34.50 2.89
CA GLY B 154 -14.59 34.39 1.62
C GLY B 154 -13.80 35.63 1.23
N ARG B 155 -12.82 35.42 0.37
CA ARG B 155 -12.04 36.51 -0.23
C ARG B 155 -12.77 36.96 -1.49
N VAL B 156 -13.34 38.17 -1.44
CA VAL B 156 -14.14 38.71 -2.54
C VAL B 156 -13.35 39.82 -3.21
N LEU B 157 -13.24 39.72 -4.53
CA LEU B 157 -12.45 40.65 -5.33
C LEU B 157 -13.39 41.60 -6.05
N ILE B 158 -13.33 42.88 -5.70
CA ILE B 158 -14.16 43.92 -6.29
C ILE B 158 -13.35 44.59 -7.37
N VAL B 159 -13.76 44.41 -8.62
CA VAL B 159 -13.09 44.98 -9.78
C VAL B 159 -13.94 46.16 -10.24
N ASP B 160 -13.53 47.37 -9.87
CA ASP B 160 -14.35 48.54 -10.13
C ASP B 160 -13.48 49.79 -10.03
N ASP B 161 -13.71 50.74 -10.94
CA ASP B 161 -13.03 52.03 -10.92
C ASP B 161 -13.84 53.11 -10.23
N ASN B 162 -15.14 52.90 -10.04
CA ASN B 162 -15.99 53.81 -9.26
C ASN B 162 -15.52 53.79 -7.81
N GLU B 163 -14.89 54.89 -7.39
CA GLU B 163 -14.31 54.96 -6.05
C GLU B 163 -15.37 54.81 -4.97
N ARG B 164 -16.41 55.65 -5.04
CA ARG B 164 -17.45 55.64 -4.00
C ARG B 164 -18.20 54.31 -3.94
N GLN B 165 -18.49 53.71 -5.09
CA GLN B 165 -19.23 52.45 -5.10
C GLN B 165 -18.40 51.32 -4.50
N ALA B 166 -17.16 51.18 -4.94
CA ALA B 166 -16.31 50.09 -4.45
C ALA B 166 -16.14 50.17 -2.93
N GLN B 167 -15.95 51.37 -2.39
CA GLN B 167 -15.81 51.53 -0.95
C GLN B 167 -17.09 51.12 -0.23
N ARG B 168 -18.26 51.50 -0.78
CA ARG B 168 -19.52 51.13 -0.16
C ARG B 168 -19.75 49.62 -0.21
N VAL B 169 -19.45 48.99 -1.35
CA VAL B 169 -19.59 47.54 -1.47
C VAL B 169 -18.66 46.83 -0.49
N ALA B 170 -17.41 47.28 -0.42
CA ALA B 170 -16.44 46.67 0.48
C ALA B 170 -16.85 46.81 1.94
N ALA B 171 -17.50 47.92 2.30
CA ALA B 171 -17.91 48.13 3.69
C ALA B 171 -18.98 47.13 4.12
N GLU B 172 -20.02 46.93 3.31
CA GLU B 172 -21.05 45.95 3.66
C GLU B 172 -20.49 44.53 3.70
N LEU B 173 -19.59 44.19 2.78
CA LEU B 173 -19.03 42.85 2.77
C LEU B 173 -17.93 42.68 3.81
N GLY B 174 -17.51 43.75 4.47
CA GLY B 174 -16.37 43.69 5.36
C GLY B 174 -16.62 43.08 6.72
N VAL B 175 -17.87 42.77 7.06
CA VAL B 175 -18.19 42.21 8.36
C VAL B 175 -18.28 40.69 8.27
N GLU B 176 -18.70 40.17 7.11
CA GLU B 176 -18.87 38.73 6.92
C GLU B 176 -17.83 38.12 5.99
N HIS B 177 -17.16 38.90 5.15
CA HIS B 177 -16.20 38.39 4.19
C HIS B 177 -14.92 39.21 4.26
N ARG B 178 -13.97 38.88 3.37
CA ARG B 178 -12.67 39.52 3.33
C ARG B 178 -12.55 40.23 1.98
N PRO B 179 -13.01 41.47 1.85
CA PRO B 179 -13.05 42.11 0.53
C PRO B 179 -11.75 42.83 0.17
N VAL B 180 -11.50 42.87 -1.14
CA VAL B 180 -10.31 43.52 -1.69
C VAL B 180 -10.70 44.18 -3.01
N ILE B 181 -10.23 45.41 -3.23
CA ILE B 181 -10.64 46.23 -4.37
C ILE B 181 -9.49 46.30 -5.38
N GLU B 182 -9.86 46.31 -6.66
CA GLU B 182 -8.91 46.41 -7.77
C GLU B 182 -9.49 47.33 -8.82
N SER B 183 -8.88 48.50 -9.02
CA SER B 183 -9.29 49.41 -10.08
C SER B 183 -8.65 49.06 -11.42
N ASP B 184 -7.41 48.61 -11.41
CA ASP B 184 -6.70 48.29 -12.64
C ASP B 184 -7.10 46.90 -13.12
N PRO B 185 -7.55 46.75 -14.36
CA PRO B 185 -7.96 45.42 -14.83
C PRO B 185 -6.81 44.46 -15.05
N GLU B 186 -5.61 44.96 -15.35
CA GLU B 186 -4.46 44.06 -15.51
C GLU B 186 -4.10 43.40 -14.19
N LYS B 187 -3.95 44.20 -13.12
CA LYS B 187 -3.69 43.63 -11.81
C LYS B 187 -4.83 42.72 -11.36
N ALA B 188 -6.07 43.08 -11.71
CA ALA B 188 -7.22 42.27 -11.31
C ALA B 188 -7.17 40.89 -11.97
N LYS B 189 -6.73 40.83 -13.22
CA LYS B 189 -6.62 39.53 -13.90
C LYS B 189 -5.65 38.62 -13.16
N ILE B 190 -4.57 39.17 -12.62
CA ILE B 190 -3.58 38.38 -11.90
C ILE B 190 -4.14 37.91 -10.56
N SER B 191 -4.71 38.84 -9.79
CA SER B 191 -5.31 38.48 -8.51
C SER B 191 -6.41 37.45 -8.69
N ALA B 192 -7.22 37.58 -9.74
CA ALA B 192 -8.32 36.65 -9.96
C ALA B 192 -7.83 35.22 -10.16
N GLY B 193 -6.57 35.03 -10.53
CA GLY B 193 -5.97 33.73 -10.67
C GLY B 193 -5.43 33.13 -9.39
N GLY B 194 -5.50 33.86 -8.29
CA GLY B 194 -5.02 33.36 -7.02
C GLY B 194 -6.15 32.82 -6.15
N PRO B 195 -5.97 32.85 -4.83
CA PRO B 195 -7.00 32.34 -3.91
C PRO B 195 -8.16 33.32 -3.73
N VAL B 196 -9.03 33.36 -4.74
CA VAL B 196 -10.18 34.25 -4.75
C VAL B 196 -11.44 33.40 -4.83
N ASP B 197 -12.41 33.71 -3.97
CA ASP B 197 -13.64 32.94 -3.92
C ASP B 197 -14.74 33.54 -4.80
N LEU B 198 -14.70 34.84 -5.05
CA LEU B 198 -15.76 35.51 -5.81
C LEU B 198 -15.19 36.78 -6.41
N VAL B 199 -15.64 37.09 -7.63
CA VAL B 199 -15.31 38.35 -8.30
C VAL B 199 -16.60 39.14 -8.51
N ILE B 200 -16.60 40.38 -8.03
CA ILE B 200 -17.71 41.31 -8.26
C ILE B 200 -17.19 42.39 -9.20
N VAL B 201 -17.66 42.37 -10.44
CA VAL B 201 -17.20 43.28 -11.48
C VAL B 201 -18.32 44.26 -11.81
N ASN B 202 -17.93 45.48 -12.14
CA ASN B 202 -18.86 46.52 -12.54
C ASN B 202 -18.99 46.51 -14.06
N ALA B 203 -20.16 46.09 -14.55
CA ALA B 203 -20.38 46.03 -15.99
C ALA B 203 -20.32 47.43 -16.61
N ALA B 204 -20.80 48.44 -15.88
CA ALA B 204 -20.82 49.82 -16.39
C ALA B 204 -19.60 50.59 -15.89
N ALA B 205 -18.42 50.05 -16.19
CA ALA B 205 -17.18 50.72 -15.79
C ALA B 205 -16.82 51.82 -16.80
N LYS B 206 -15.96 52.73 -16.36
CA LYS B 206 -15.62 53.87 -17.20
C LYS B 206 -14.29 53.69 -17.93
N ASN B 207 -13.29 53.11 -17.26
CA ASN B 207 -11.96 52.97 -17.83
C ASN B 207 -11.66 51.58 -18.36
N PHE B 208 -12.62 50.66 -18.31
CA PHE B 208 -12.43 49.32 -18.86
C PHE B 208 -13.78 48.68 -19.10
N ASP B 209 -13.78 47.67 -19.97
CA ASP B 209 -15.00 46.93 -20.28
C ASP B 209 -15.12 45.75 -19.33
N GLY B 210 -15.98 45.90 -18.32
CA GLY B 210 -16.17 44.81 -17.36
C GLY B 210 -16.62 43.52 -17.98
N LEU B 211 -17.36 43.58 -19.09
CA LEU B 211 -17.81 42.36 -19.74
C LEU B 211 -16.68 41.71 -20.53
N ARG B 212 -15.82 42.50 -21.17
CA ARG B 212 -14.61 41.93 -21.76
C ARG B 212 -13.73 41.29 -20.70
N PHE B 213 -13.56 41.97 -19.56
CA PHE B 213 -12.82 41.38 -18.45
C PHE B 213 -13.41 40.04 -18.02
N THR B 214 -14.73 39.99 -17.83
CA THR B 214 -15.39 38.75 -17.44
C THR B 214 -15.19 37.67 -18.50
N ALA B 215 -15.32 38.03 -19.78
CA ALA B 215 -15.15 37.05 -20.85
C ALA B 215 -13.72 36.51 -20.87
N ALA B 216 -12.74 37.36 -20.55
CA ALA B 216 -11.37 36.89 -20.46
C ALA B 216 -11.21 35.84 -19.36
N LEU B 217 -11.84 36.06 -18.21
CA LEU B 217 -11.82 35.07 -17.13
C LEU B 217 -12.39 33.73 -17.59
N ARG B 218 -13.54 33.77 -18.27
CA ARG B 218 -14.20 32.54 -18.71
C ARG B 218 -13.45 31.82 -19.82
N SER B 219 -12.60 32.53 -20.57
CA SER B 219 -11.86 31.91 -21.66
C SER B 219 -10.68 31.08 -21.16
N GLU B 220 -10.04 31.50 -20.07
CA GLU B 220 -8.89 30.79 -19.54
C GLU B 220 -9.35 29.62 -18.67
N GLU B 221 -8.67 28.48 -18.83
CA GLU B 221 -9.01 27.30 -18.02
C GLU B 221 -8.72 27.54 -16.54
N ARG B 222 -7.68 28.31 -16.23
CA ARG B 222 -7.36 28.64 -14.84
C ARG B 222 -8.56 29.25 -14.10
N THR B 223 -9.27 30.17 -14.74
CA THR B 223 -10.34 30.91 -14.09
C THR B 223 -11.71 30.64 -14.71
N ARG B 224 -11.84 29.58 -15.53
CA ARG B 224 -13.06 29.38 -16.30
C ARG B 224 -14.30 29.23 -15.41
N GLN B 225 -14.14 28.64 -14.23
CA GLN B 225 -15.28 28.38 -13.36
C GLN B 225 -15.30 29.26 -12.12
N LEU B 226 -14.50 30.32 -12.10
CA LEU B 226 -14.49 31.24 -10.98
C LEU B 226 -15.84 31.96 -10.90
N PRO B 227 -16.50 31.96 -9.74
CA PRO B 227 -17.79 32.65 -9.63
C PRO B 227 -17.64 34.16 -9.82
N VAL B 228 -18.56 34.73 -10.60
CA VAL B 228 -18.54 36.15 -10.94
C VAL B 228 -19.94 36.72 -10.74
N LEU B 229 -20.03 37.83 -10.00
CA LEU B 229 -21.23 38.64 -9.94
C LEU B 229 -20.99 39.96 -10.67
N ALA B 230 -21.96 40.37 -11.47
CA ALA B 230 -21.88 41.59 -12.25
C ALA B 230 -22.83 42.63 -11.67
N MET B 231 -22.30 43.82 -11.42
CA MET B 231 -23.12 44.97 -11.03
C MET B 231 -23.62 45.65 -12.30
N VAL B 232 -24.94 45.67 -12.47
CA VAL B 232 -25.55 46.09 -13.73
C VAL B 232 -26.50 47.26 -13.48
N ASP B 233 -26.68 48.07 -14.51
CA ASP B 233 -27.69 49.13 -14.49
C ASP B 233 -29.05 48.53 -14.83
N PRO B 234 -30.08 48.80 -14.02
CA PRO B 234 -31.40 48.23 -14.33
C PRO B 234 -32.07 48.84 -15.57
N ASP B 235 -31.69 50.06 -15.97
CA ASP B 235 -32.20 50.63 -17.20
C ASP B 235 -31.69 49.86 -18.43
N ASP B 236 -30.43 49.42 -18.39
CA ASP B 236 -29.78 48.81 -19.56
C ASP B 236 -30.04 47.31 -19.52
N ARG B 237 -31.14 46.89 -20.17
CA ARG B 237 -31.46 45.47 -20.26
C ARG B 237 -30.48 44.72 -21.16
N GLY B 238 -29.95 45.40 -22.18
CA GLY B 238 -29.05 44.74 -23.10
C GLY B 238 -27.76 44.27 -22.46
N ARG B 239 -27.20 45.07 -21.55
CA ARG B 239 -25.98 44.63 -20.88
C ARG B 239 -26.25 43.51 -19.87
N MET B 240 -27.41 43.54 -19.21
CA MET B 240 -27.76 42.45 -18.30
C MET B 240 -27.76 41.11 -19.03
N VAL B 241 -28.48 41.02 -20.15
CA VAL B 241 -28.55 39.76 -20.88
C VAL B 241 -27.17 39.39 -21.42
N LYS B 242 -26.40 40.38 -21.89
CA LYS B 242 -25.08 40.10 -22.41
C LYS B 242 -24.17 39.52 -21.33
N ALA B 243 -24.22 40.08 -20.13
CA ALA B 243 -23.41 39.54 -19.04
C ALA B 243 -23.79 38.10 -18.71
N LEU B 244 -25.09 37.81 -18.66
CA LEU B 244 -25.53 36.45 -18.40
C LEU B 244 -25.13 35.51 -19.53
N GLU B 245 -25.13 36.01 -20.78
CA GLU B 245 -24.68 35.19 -21.90
C GLU B 245 -23.20 34.86 -21.78
N ILE B 246 -22.38 35.82 -21.35
CA ILE B 246 -20.95 35.61 -21.22
C ILE B 246 -20.65 34.51 -20.20
N GLY B 247 -21.49 34.39 -19.18
CA GLY B 247 -21.33 33.30 -18.23
C GLY B 247 -21.23 33.80 -16.80
N VAL B 248 -21.70 35.02 -16.56
CA VAL B 248 -21.81 35.53 -15.20
C VAL B 248 -22.80 34.68 -14.42
N ASN B 249 -22.48 34.43 -13.14
CA ASN B 249 -23.31 33.54 -12.33
C ASN B 249 -24.64 34.18 -11.95
N ASP B 250 -24.60 35.46 -11.56
CA ASP B 250 -25.82 36.20 -11.27
C ASP B 250 -25.47 37.69 -11.29
N ILE B 251 -26.50 38.52 -11.25
CA ILE B 251 -26.32 39.96 -11.43
C ILE B 251 -26.87 40.70 -10.21
N LEU B 252 -26.33 41.89 -9.98
CA LEU B 252 -26.72 42.76 -8.88
C LEU B 252 -27.15 44.10 -9.46
N SER B 253 -28.40 44.49 -9.19
CA SER B 253 -28.92 45.75 -9.69
C SER B 253 -28.35 46.91 -8.89
N ARG B 254 -28.08 48.02 -9.58
CA ARG B 254 -27.57 49.24 -8.98
C ARG B 254 -28.70 50.23 -8.70
N PRO B 255 -28.66 50.94 -7.57
CA PRO B 255 -27.63 50.92 -6.52
C PRO B 255 -27.68 49.64 -5.69
N ILE B 256 -26.54 49.23 -5.13
CA ILE B 256 -26.42 47.89 -4.56
C ILE B 256 -27.19 47.82 -3.25
N ASP B 257 -28.12 46.86 -3.16
CA ASP B 257 -28.84 46.61 -1.92
C ASP B 257 -27.98 45.76 -0.99
N PRO B 258 -27.81 46.16 0.28
CA PRO B 258 -26.98 45.35 1.19
C PRO B 258 -27.48 43.93 1.38
N GLN B 259 -28.79 43.74 1.53
CA GLN B 259 -29.32 42.40 1.79
C GLN B 259 -29.25 41.52 0.55
N GLU B 260 -29.49 42.11 -0.63
CA GLU B 260 -29.31 41.36 -1.87
C GLU B 260 -27.85 40.98 -2.06
N LEU B 261 -26.93 41.91 -1.79
CA LEU B 261 -25.51 41.63 -1.91
C LEU B 261 -25.12 40.46 -0.99
N SER B 262 -25.58 40.50 0.26
CA SER B 262 -25.29 39.42 1.19
C SER B 262 -25.79 38.08 0.67
N ALA B 263 -27.04 38.04 0.19
CA ALA B 263 -27.63 36.78 -0.27
C ALA B 263 -26.85 36.19 -1.44
N ARG B 264 -26.58 37.00 -2.47
CA ARG B 264 -25.97 36.49 -3.69
C ARG B 264 -24.54 36.02 -3.45
N VAL B 265 -23.80 36.75 -2.62
CA VAL B 265 -22.41 36.36 -2.32
C VAL B 265 -22.40 35.05 -1.56
N LYS B 266 -23.24 34.92 -0.54
CA LYS B 266 -23.33 33.68 0.23
C LYS B 266 -23.65 32.49 -0.66
N THR B 267 -24.54 32.68 -1.63
CA THR B 267 -24.91 31.59 -2.52
C THR B 267 -23.73 31.14 -3.37
N GLN B 268 -22.98 32.10 -3.94
CA GLN B 268 -21.88 31.74 -4.83
C GLN B 268 -20.73 31.11 -4.08
N ILE B 269 -20.41 31.63 -2.89
CA ILE B 269 -19.30 31.11 -2.11
C ILE B 269 -19.60 29.70 -1.61
N GLN B 270 -20.82 29.48 -1.11
CA GLN B 270 -21.18 28.16 -0.62
C GLN B 270 -21.22 27.15 -1.75
N ARG B 271 -21.74 27.54 -2.92
CA ARG B 271 -21.74 26.64 -4.07
C ARG B 271 -20.33 26.25 -4.46
N LYS B 272 -19.40 27.20 -4.46
CA LYS B 272 -18.03 26.91 -4.84
C LYS B 272 -17.39 25.91 -3.87
N ARG B 273 -17.60 26.13 -2.57
CA ARG B 273 -17.01 25.25 -1.57
C ARG B 273 -17.57 23.83 -1.65
N TYR B 274 -18.88 23.71 -1.93
CA TYR B 274 -19.46 22.38 -2.15
C TYR B 274 -18.78 21.65 -3.30
N THR B 275 -18.65 22.34 -4.44
CA THR B 275 -18.08 21.70 -5.63
C THR B 275 -16.62 21.32 -5.41
N ASP B 276 -15.83 22.23 -4.83
CA ASP B 276 -14.41 21.94 -4.63
C ASP B 276 -14.23 20.73 -3.73
N TYR B 277 -15.02 20.65 -2.66
CA TYR B 277 -14.96 19.49 -1.79
C TYR B 277 -15.41 18.22 -2.50
N LEU B 278 -16.42 18.33 -3.37
CA LEU B 278 -16.92 17.15 -4.06
C LEU B 278 -15.98 16.65 -5.15
N ARG B 279 -15.23 17.55 -5.81
CA ARG B 279 -14.43 17.18 -6.97
C ARG B 279 -12.94 17.01 -6.66
N ASN B 280 -12.40 17.84 -5.77
CA ASN B 280 -10.99 17.77 -5.44
C ASN B 280 -10.75 16.71 -4.36
N ASN B 281 -11.58 16.72 -3.32
CA ASN B 281 -11.43 15.77 -2.21
C ASN B 281 -12.14 14.44 -2.47
N LEU B 282 -13.47 14.45 -2.57
CA LEU B 282 -14.24 13.20 -2.51
C LEU B 282 -14.09 12.35 -3.78
N ASP B 283 -13.98 12.98 -4.95
CA ASP B 283 -13.86 12.19 -6.17
C ASP B 283 -12.54 11.44 -6.23
N HIS B 284 -11.49 12.02 -5.66
CA HIS B 284 -10.16 11.42 -5.61
C HIS B 284 -9.99 10.44 -4.45
N SER B 285 -11.03 10.19 -3.66
CA SER B 285 -10.95 9.23 -2.56
C SER B 285 -11.06 7.80 -3.06
N LEU B 286 -10.50 6.87 -2.27
CA LEU B 286 -10.35 5.48 -2.71
C LEU B 286 -11.66 4.70 -2.67
N GLU B 287 -12.61 5.07 -1.82
CA GLU B 287 -13.88 4.36 -1.78
C GLU B 287 -14.79 4.71 -2.95
N LEU B 288 -14.58 5.87 -3.58
CA LEU B 288 -15.46 6.37 -4.63
C LEU B 288 -14.84 6.25 -6.01
N ALA B 289 -13.68 5.63 -6.14
CA ALA B 289 -13.02 5.52 -7.43
C ALA B 289 -13.83 4.66 -8.39
N VAL B 290 -13.62 4.89 -9.69
CA VAL B 290 -14.35 4.20 -10.74
C VAL B 290 -13.43 3.51 -11.74
N THR B 291 -12.12 3.53 -11.53
CA THR B 291 -11.17 2.92 -12.45
C THR B 291 -10.18 2.07 -11.66
N ASP B 292 -9.97 0.84 -12.12
CA ASP B 292 -9.00 -0.06 -11.50
C ASP B 292 -7.57 0.40 -11.80
N GLN B 293 -6.76 0.54 -10.75
CA GLN B 293 -5.43 1.11 -10.93
C GLN B 293 -4.47 0.14 -11.62
N LEU B 294 -4.65 -1.16 -11.42
CA LEU B 294 -3.75 -2.13 -12.05
C LEU B 294 -4.03 -2.28 -13.53
N THR B 295 -5.24 -2.70 -13.89
CA THR B 295 -5.56 -3.00 -15.28
C THR B 295 -5.84 -1.74 -16.10
N GLY B 296 -6.31 -0.68 -15.46
CA GLY B 296 -6.75 0.50 -16.18
C GLY B 296 -8.19 0.45 -16.64
N LEU B 297 -8.88 -0.65 -16.44
CA LEU B 297 -10.29 -0.76 -16.80
C LEU B 297 -11.16 -0.08 -15.75
N HIS B 298 -12.45 0.07 -16.08
CA HIS B 298 -13.40 0.49 -15.07
C HIS B 298 -13.67 -0.65 -14.09
N ASN B 299 -14.25 -0.29 -12.95
CA ASN B 299 -14.48 -1.24 -11.87
C ASN B 299 -15.97 -1.54 -11.73
N ARG B 300 -16.33 -2.16 -10.59
CA ARG B 300 -17.72 -2.54 -10.36
C ARG B 300 -18.61 -1.33 -10.10
N ARG B 301 -18.07 -0.27 -9.50
CA ARG B 301 -18.86 0.94 -9.28
C ARG B 301 -19.34 1.52 -10.60
N TYR B 302 -18.43 1.70 -11.56
CA TYR B 302 -18.80 2.22 -12.87
C TYR B 302 -19.81 1.31 -13.56
N MET B 303 -19.53 0.01 -13.59
CA MET B 303 -20.39 -0.93 -14.29
C MET B 303 -21.81 -0.94 -13.71
N THR B 304 -21.92 -0.89 -12.38
CA THR B 304 -23.23 -0.92 -11.74
C THR B 304 -24.07 0.28 -12.14
N GLY B 305 -23.48 1.48 -12.12
CA GLY B 305 -24.21 2.67 -12.53
C GLY B 305 -24.74 2.56 -13.95
N GLN B 306 -23.87 2.16 -14.89
CA GLN B 306 -24.28 2.06 -16.28
C GLN B 306 -25.30 0.94 -16.47
N LEU B 307 -25.14 -0.18 -15.77
CA LEU B 307 -26.04 -1.31 -15.94
C LEU B 307 -27.47 -0.97 -15.53
N ASP B 308 -27.63 -0.08 -14.55
CA ASP B 308 -28.96 0.31 -14.11
C ASP B 308 -29.78 0.89 -15.26
N SER B 309 -29.23 1.90 -15.94
CA SER B 309 -29.94 2.50 -17.07
C SER B 309 -30.11 1.51 -18.21
N LEU B 310 -29.08 0.71 -18.49
CA LEU B 310 -29.15 -0.25 -19.59
C LEU B 310 -30.28 -1.25 -19.38
N VAL B 311 -30.44 -1.78 -18.16
CA VAL B 311 -31.45 -2.79 -17.92
C VAL B 311 -32.84 -2.17 -17.90
N LYS B 312 -32.98 -0.98 -17.30
CA LYS B 312 -34.29 -0.34 -17.24
C LYS B 312 -34.84 -0.07 -18.63
N ARG B 313 -33.98 0.37 -19.55
CA ARG B 313 -34.41 0.58 -20.92
C ARG B 313 -34.81 -0.73 -21.59
N ALA B 314 -34.07 -1.81 -21.29
CA ALA B 314 -34.38 -3.11 -21.88
C ALA B 314 -35.73 -3.62 -21.40
N THR B 315 -36.09 -3.33 -20.15
CA THR B 315 -37.37 -3.77 -19.60
C THR B 315 -38.56 -3.10 -20.30
N LEU B 316 -38.36 -1.94 -20.91
CA LEU B 316 -39.43 -1.23 -21.60
C LEU B 316 -39.71 -1.76 -22.99
N GLY B 317 -38.97 -2.77 -23.45
CA GLY B 317 -39.18 -3.30 -24.78
C GLY B 317 -38.19 -2.74 -25.77
N GLY B 318 -37.19 -3.54 -26.12
CA GLY B 318 -36.16 -3.09 -27.05
C GLY B 318 -35.04 -4.11 -27.11
N ASP B 319 -33.92 -3.66 -27.66
CA ASP B 319 -32.76 -4.54 -27.77
C ASP B 319 -32.26 -4.88 -26.37
N PRO B 320 -31.95 -6.15 -26.11
CA PRO B 320 -31.56 -6.55 -24.75
C PRO B 320 -30.11 -6.19 -24.43
N VAL B 321 -29.74 -6.43 -23.19
CA VAL B 321 -28.38 -6.25 -22.70
C VAL B 321 -27.80 -7.62 -22.38
N SER B 322 -26.58 -7.88 -22.85
CA SER B 322 -25.88 -9.11 -22.54
C SER B 322 -24.75 -8.85 -21.56
N ALA B 323 -24.37 -9.88 -20.82
CA ALA B 323 -23.34 -9.80 -19.79
C ALA B 323 -22.42 -11.01 -19.90
N LEU B 324 -21.12 -10.76 -19.96
CA LEU B 324 -20.11 -11.80 -19.97
C LEU B 324 -19.30 -11.73 -18.68
N LEU B 325 -19.23 -12.84 -17.96
CA LEU B 325 -18.37 -12.97 -16.78
C LEU B 325 -17.22 -13.92 -17.12
N ILE B 326 -16.00 -13.38 -17.11
CA ILE B 326 -14.81 -14.15 -17.44
C ILE B 326 -13.99 -14.35 -16.17
N ASP B 327 -13.64 -15.60 -15.88
CA ASP B 327 -12.81 -15.97 -14.74
C ASP B 327 -11.62 -16.76 -15.25
N ILE B 328 -10.42 -16.35 -14.85
CA ILE B 328 -9.20 -17.02 -15.27
C ILE B 328 -9.04 -18.31 -14.47
N ASP B 329 -8.69 -19.40 -15.17
CA ASP B 329 -8.57 -20.70 -14.53
C ASP B 329 -7.20 -20.87 -13.91
N PHE B 330 -7.17 -21.30 -12.65
CA PHE B 330 -5.93 -21.64 -11.96
C PHE B 330 -4.99 -20.44 -11.85
N PHE B 331 -5.53 -19.30 -11.40
CA PHE B 331 -4.67 -18.13 -11.29
C PHE B 331 -3.74 -18.23 -10.10
N LYS B 332 -4.13 -18.96 -9.04
CA LYS B 332 -3.21 -19.17 -7.92
C LYS B 332 -1.91 -19.80 -8.39
N LYS B 333 -2.00 -20.80 -9.28
CA LYS B 333 -0.82 -21.49 -9.76
C LYS B 333 0.16 -20.55 -10.45
N ILE B 334 -0.37 -19.53 -11.16
CA ILE B 334 0.50 -18.53 -11.78
C ILE B 334 1.30 -17.79 -10.71
N ASN B 335 0.61 -17.29 -9.68
CA ASN B 335 1.31 -16.60 -8.60
C ASN B 335 2.29 -17.52 -7.89
N ASP B 336 1.95 -18.80 -7.76
CA ASP B 336 2.83 -19.73 -7.07
C ASP B 336 4.10 -20.00 -7.88
N THR B 337 3.94 -20.31 -9.17
CA THR B 337 5.09 -20.67 -10.00
C THR B 337 5.91 -19.44 -10.37
N PHE B 338 5.25 -18.34 -10.74
CA PHE B 338 5.96 -17.19 -11.29
C PHE B 338 6.02 -15.98 -10.37
N GLY B 339 5.19 -15.92 -9.34
CA GLY B 339 5.20 -14.80 -8.42
C GLY B 339 4.06 -13.84 -8.65
N HIS B 340 3.87 -12.95 -7.66
CA HIS B 340 2.76 -12.01 -7.70
C HIS B 340 2.97 -10.92 -8.73
N ASP B 341 4.23 -10.54 -8.98
CA ASP B 341 4.49 -9.47 -9.95
C ASP B 341 4.21 -9.94 -11.37
N ILE B 342 4.55 -11.18 -11.69
CA ILE B 342 4.21 -11.74 -12.99
C ILE B 342 2.70 -11.91 -13.11
N GLY B 343 2.04 -12.32 -12.01
CA GLY B 343 0.59 -12.37 -12.01
C GLY B 343 -0.04 -11.04 -12.37
N ASP B 344 0.51 -9.95 -11.84
CA ASP B 344 0.01 -8.62 -12.18
C ASP B 344 0.26 -8.29 -13.65
N GLU B 345 1.38 -8.76 -14.20
CA GLU B 345 1.62 -8.56 -15.63
C GLU B 345 0.58 -9.27 -16.47
N VAL B 346 0.21 -10.49 -16.08
CA VAL B 346 -0.80 -11.23 -16.84
C VAL B 346 -2.14 -10.51 -16.80
N LEU B 347 -2.52 -9.98 -15.63
CA LEU B 347 -3.78 -9.26 -15.53
C LEU B 347 -3.78 -8.01 -16.40
N ARG B 348 -2.66 -7.26 -16.40
CA ARG B 348 -2.58 -6.07 -17.24
C ARG B 348 -2.67 -6.45 -18.71
N GLU B 349 -1.90 -7.46 -19.12
CA GLU B 349 -1.93 -7.89 -20.52
C GLU B 349 -3.28 -8.50 -20.89
N PHE B 350 -3.92 -9.20 -19.95
CA PHE B 350 -5.24 -9.75 -20.21
C PHE B 350 -6.25 -8.64 -20.47
N ALA B 351 -6.21 -7.58 -19.67
CA ALA B 351 -7.16 -6.48 -19.84
C ALA B 351 -7.01 -5.82 -21.20
N LEU B 352 -5.77 -5.67 -21.68
CA LEU B 352 -5.55 -5.10 -23.00
C LEU B 352 -6.16 -5.99 -24.09
N ARG B 353 -5.90 -7.30 -24.00
CA ARG B 353 -6.48 -8.21 -24.99
C ARG B 353 -8.00 -8.16 -24.96
N LEU B 354 -8.58 -8.13 -23.76
CA LEU B 354 -10.03 -8.13 -23.63
C LEU B 354 -10.64 -6.88 -24.28
N ALA B 355 -10.09 -5.71 -23.96
CA ALA B 355 -10.66 -4.47 -24.48
C ALA B 355 -10.47 -4.34 -25.99
N SER B 356 -9.37 -4.85 -26.53
CA SER B 356 -9.12 -4.78 -27.97
C SER B 356 -10.12 -5.60 -28.78
N ASN B 357 -10.66 -6.67 -28.21
CA ASN B 357 -11.52 -7.58 -28.96
C ASN B 357 -13.00 -7.40 -28.64
N VAL B 358 -13.37 -6.28 -28.00
CA VAL B 358 -14.78 -5.91 -27.84
C VAL B 358 -14.93 -4.45 -28.23
N ARG B 359 -16.18 -4.05 -28.48
CA ARG B 359 -16.45 -2.71 -28.96
C ARG B 359 -16.18 -1.67 -27.88
N ALA B 360 -15.78 -0.48 -28.33
CA ALA B 360 -15.59 0.63 -27.39
C ALA B 360 -16.90 1.04 -26.74
N ILE B 361 -18.03 0.69 -27.35
CA ILE B 361 -19.32 0.92 -26.71
C ILE B 361 -19.61 -0.11 -25.63
N ASP B 362 -18.91 -1.23 -25.61
CA ASP B 362 -19.06 -2.22 -24.55
C ASP B 362 -18.35 -1.73 -23.28
N LEU B 363 -18.62 -2.45 -22.18
CA LEU B 363 -18.09 -2.09 -20.86
C LEU B 363 -17.23 -3.25 -20.34
N PRO B 364 -15.98 -3.35 -20.77
CA PRO B 364 -15.05 -4.34 -20.18
C PRO B 364 -14.49 -3.83 -18.88
N CYS B 365 -14.95 -4.40 -17.77
CA CYS B 365 -14.56 -3.96 -16.44
C CYS B 365 -13.93 -5.12 -15.68
N ARG B 366 -13.15 -4.76 -14.65
CA ARG B 366 -12.60 -5.73 -13.72
C ARG B 366 -13.63 -5.98 -12.64
N TYR B 367 -14.22 -7.18 -12.64
CA TYR B 367 -15.33 -7.49 -11.76
C TYR B 367 -14.86 -7.93 -10.39
N GLY B 368 -13.90 -8.87 -10.35
CA GLY B 368 -13.32 -9.35 -9.11
C GLY B 368 -11.81 -9.22 -9.16
N GLY B 369 -11.14 -10.10 -8.41
CA GLY B 369 -9.69 -10.11 -8.41
C GLY B 369 -9.16 -10.50 -9.77
N GLU B 370 -9.42 -11.74 -10.18
CA GLU B 370 -9.06 -12.25 -11.49
C GLU B 370 -10.29 -12.54 -12.34
N GLU B 371 -11.40 -11.88 -12.04
CA GLU B 371 -12.65 -12.04 -12.76
C GLU B 371 -12.99 -10.74 -13.50
N PHE B 372 -13.43 -10.87 -14.74
CA PHE B 372 -13.74 -9.72 -15.57
C PHE B 372 -15.19 -9.81 -16.05
N VAL B 373 -15.77 -8.64 -16.33
CA VAL B 373 -17.13 -8.55 -16.84
C VAL B 373 -17.12 -7.70 -18.10
N VAL B 374 -17.93 -8.09 -19.08
CA VAL B 374 -18.16 -7.31 -20.29
C VAL B 374 -19.66 -7.12 -20.44
N ILE B 375 -20.11 -5.88 -20.31
CA ILE B 375 -21.51 -5.54 -20.55
C ILE B 375 -21.66 -5.08 -21.99
N MET B 376 -22.59 -5.71 -22.71
CA MET B 376 -22.74 -5.48 -24.15
C MET B 376 -24.13 -4.95 -24.46
N PRO B 377 -24.29 -3.64 -24.66
CA PRO B 377 -25.62 -3.09 -24.90
C PRO B 377 -26.11 -3.43 -26.30
N ASP B 378 -27.44 -3.51 -26.43
CA ASP B 378 -28.11 -3.84 -27.69
C ASP B 378 -27.57 -5.16 -28.25
N THR B 379 -27.58 -6.19 -27.41
CA THR B 379 -27.01 -7.48 -27.77
C THR B 379 -27.84 -8.62 -27.19
N ALA B 380 -28.10 -9.64 -28.00
CA ALA B 380 -28.90 -10.78 -27.60
C ALA B 380 -28.02 -11.93 -27.13
N LEU B 381 -28.65 -12.90 -26.46
CA LEU B 381 -27.93 -14.04 -25.91
C LEU B 381 -27.23 -14.84 -27.00
N ALA B 382 -27.92 -15.09 -28.11
CA ALA B 382 -27.35 -15.91 -29.17
C ALA B 382 -26.04 -15.31 -29.69
N ASP B 383 -26.01 -13.99 -29.87
CA ASP B 383 -24.77 -13.34 -30.29
C ASP B 383 -23.75 -13.34 -29.17
N ALA B 384 -24.18 -13.03 -27.95
CA ALA B 384 -23.28 -13.01 -26.80
C ALA B 384 -22.53 -14.33 -26.64
N LEU B 385 -23.19 -15.45 -26.89
CA LEU B 385 -22.52 -16.75 -26.80
C LEU B 385 -21.42 -16.88 -27.84
N ARG B 386 -21.67 -16.41 -29.07
CA ARG B 386 -20.65 -16.46 -30.11
C ARG B 386 -19.54 -15.44 -29.84
N ILE B 387 -19.86 -14.33 -29.18
CA ILE B 387 -18.85 -13.34 -28.84
C ILE B 387 -17.89 -13.89 -27.80
N ALA B 388 -18.43 -14.56 -26.77
CA ALA B 388 -17.58 -15.18 -25.77
C ALA B 388 -16.61 -16.17 -26.39
N GLU B 389 -17.06 -16.91 -27.40
CA GLU B 389 -16.16 -17.83 -28.10
C GLU B 389 -15.05 -17.09 -28.83
N ARG B 390 -15.38 -15.94 -29.42
CA ARG B 390 -14.35 -15.12 -30.05
C ARG B 390 -13.33 -14.62 -29.03
N ILE B 391 -13.81 -14.19 -27.86
CA ILE B 391 -12.90 -13.70 -26.82
C ILE B 391 -11.99 -14.81 -26.33
N ARG B 392 -12.57 -15.98 -26.05
CA ARG B 392 -11.80 -17.12 -25.55
C ARG B 392 -10.69 -17.49 -26.52
N MET B 393 -10.97 -17.45 -27.82
CA MET B 393 -9.95 -17.83 -28.81
C MET B 393 -8.81 -16.83 -28.84
N HIS B 394 -9.08 -15.55 -28.60
CA HIS B 394 -8.02 -14.54 -28.67
C HIS B 394 -7.17 -14.49 -27.40
N VAL B 395 -7.77 -14.71 -26.23
CA VAL B 395 -6.99 -14.63 -25.00
C VAL B 395 -6.29 -15.96 -24.70
N SER B 396 -6.95 -17.09 -24.99
CA SER B 396 -6.37 -18.40 -24.71
C SER B 396 -5.58 -18.96 -25.88
N GLY B 397 -5.82 -18.47 -27.10
CA GLY B 397 -5.12 -18.97 -28.26
C GLY B 397 -3.69 -18.52 -28.34
N SER B 398 -3.35 -17.40 -27.70
CA SER B 398 -2.00 -16.88 -27.75
C SER B 398 -1.39 -16.88 -26.36
N PRO B 399 -0.11 -17.25 -26.23
CA PRO B 399 0.53 -17.24 -24.93
C PRO B 399 0.87 -15.83 -24.46
N PHE B 400 1.03 -15.71 -23.14
CA PHE B 400 1.38 -14.45 -22.51
C PHE B 400 2.88 -14.43 -22.26
N THR B 401 3.57 -13.45 -22.83
CA THR B 401 5.00 -13.28 -22.62
C THR B 401 5.22 -12.38 -21.41
N VAL B 402 5.99 -12.87 -20.43
CA VAL B 402 6.23 -12.15 -19.19
C VAL B 402 7.72 -12.16 -18.88
N ALA B 403 8.09 -11.39 -17.85
CA ALA B 403 9.46 -11.30 -17.36
C ALA B 403 10.39 -10.69 -18.41
N HIS B 404 9.92 -9.64 -19.08
CA HIS B 404 10.67 -8.97 -20.15
C HIS B 404 11.14 -9.96 -21.22
N GLY B 405 10.23 -10.86 -21.62
CA GLY B 405 10.51 -11.82 -22.67
C GLY B 405 11.16 -13.11 -22.21
N ARG B 406 11.45 -13.26 -20.91
CA ARG B 406 12.18 -14.43 -20.46
C ARG B 406 11.29 -15.65 -20.30
N GLU B 407 9.99 -15.47 -20.05
CA GLU B 407 9.08 -16.56 -19.77
C GLU B 407 7.83 -16.43 -20.64
N MET B 408 7.27 -17.58 -21.02
CA MET B 408 6.05 -17.67 -21.81
C MET B 408 5.02 -18.46 -21.01
N LEU B 409 3.76 -18.04 -21.06
CA LEU B 409 2.73 -18.66 -20.23
C LEU B 409 1.40 -18.74 -20.98
N ASN B 410 0.71 -19.86 -20.80
CA ASN B 410 -0.62 -20.08 -21.36
C ASN B 410 -1.69 -19.85 -20.30
N VAL B 411 -2.86 -19.40 -20.75
CA VAL B 411 -3.98 -19.08 -19.86
C VAL B 411 -5.27 -19.60 -20.47
N THR B 412 -6.17 -20.10 -19.61
CA THR B 412 -7.50 -20.52 -20.00
C THR B 412 -8.52 -19.85 -19.09
N ILE B 413 -9.74 -19.68 -19.59
CA ILE B 413 -10.77 -18.93 -18.89
C ILE B 413 -12.11 -19.68 -18.97
N SER B 414 -12.91 -19.52 -17.92
CA SER B 414 -14.29 -20.00 -17.89
C SER B 414 -15.23 -18.80 -18.02
N ILE B 415 -16.24 -18.92 -18.87
CA ILE B 415 -17.12 -17.80 -19.19
C ILE B 415 -18.56 -18.17 -18.87
N GLY B 416 -19.28 -17.23 -18.28
CA GLY B 416 -20.72 -17.35 -18.09
C GLY B 416 -21.42 -16.21 -18.80
N VAL B 417 -22.50 -16.53 -19.50
CA VAL B 417 -23.16 -15.60 -20.40
C VAL B 417 -24.62 -15.46 -19.99
N SER B 418 -25.12 -14.23 -20.03
CA SER B 418 -26.51 -13.94 -19.71
C SER B 418 -26.97 -12.74 -20.51
N ALA B 419 -28.29 -12.66 -20.71
CA ALA B 419 -28.91 -11.55 -21.41
C ALA B 419 -30.21 -11.19 -20.72
N THR B 420 -30.61 -9.93 -20.87
CA THR B 420 -31.86 -9.46 -20.27
C THR B 420 -32.96 -9.81 -21.27
N ALA B 421 -33.55 -10.98 -21.08
CA ALA B 421 -34.69 -11.41 -21.88
C ALA B 421 -36.01 -11.36 -21.11
N GLY B 422 -35.96 -11.25 -19.78
CA GLY B 422 -37.18 -11.04 -19.04
C GLY B 422 -37.71 -9.62 -19.23
N GLU B 423 -39.00 -9.46 -18.95
CA GLU B 423 -39.62 -8.16 -19.16
C GLU B 423 -39.34 -7.22 -18.00
N GLY B 424 -39.19 -7.73 -16.79
CA GLY B 424 -38.92 -6.93 -15.61
C GLY B 424 -37.57 -7.22 -14.99
N ASP B 425 -36.64 -7.72 -15.79
CA ASP B 425 -35.33 -8.14 -15.29
C ASP B 425 -34.60 -7.00 -14.60
N THR B 426 -33.63 -7.36 -13.76
CA THR B 426 -32.89 -6.44 -12.93
C THR B 426 -31.40 -6.70 -13.10
N PRO B 427 -30.55 -5.70 -12.82
CA PRO B 427 -29.09 -5.92 -12.94
C PRO B 427 -28.57 -7.07 -12.10
N GLU B 428 -29.05 -7.21 -10.86
CA GLU B 428 -28.56 -8.29 -9.99
C GLU B 428 -28.87 -9.66 -10.58
N ALA B 429 -30.10 -9.85 -11.08
CA ALA B 429 -30.47 -11.13 -11.67
C ALA B 429 -29.63 -11.43 -12.91
N LEU B 430 -29.37 -10.40 -13.73
CA LEU B 430 -28.56 -10.60 -14.93
C LEU B 430 -27.17 -11.10 -14.57
N LEU B 431 -26.53 -10.48 -13.56
CA LEU B 431 -25.18 -10.88 -13.19
C LEU B 431 -25.18 -12.22 -12.45
N LYS B 432 -26.19 -12.45 -11.61
CA LYS B 432 -26.31 -13.74 -10.92
C LYS B 432 -26.48 -14.87 -11.93
N ARG B 433 -27.21 -14.62 -13.01
CA ARG B 433 -27.36 -15.65 -14.04
C ARG B 433 -26.04 -15.92 -14.75
N ALA B 434 -25.19 -14.90 -14.87
CA ALA B 434 -23.86 -15.13 -15.43
C ALA B 434 -22.95 -15.86 -14.45
N ASP B 435 -23.11 -15.59 -13.15
CA ASP B 435 -22.39 -16.34 -12.13
C ASP B 435 -22.67 -17.83 -12.23
N GLU B 436 -23.94 -18.21 -12.34
CA GLU B 436 -24.30 -19.60 -12.54
C GLU B 436 -23.55 -20.21 -13.72
N GLY B 437 -23.47 -19.46 -14.82
CA GLY B 437 -22.70 -19.93 -15.96
C GLY B 437 -21.25 -20.21 -15.62
N VAL B 438 -20.61 -19.32 -14.87
CA VAL B 438 -19.20 -19.50 -14.56
C VAL B 438 -19.00 -20.72 -13.66
N TYR B 439 -19.84 -20.87 -12.64
CA TYR B 439 -19.69 -22.02 -11.74
C TYR B 439 -19.94 -23.33 -12.46
N GLN B 440 -20.92 -23.36 -13.36
CA GLN B 440 -21.15 -24.58 -14.14
C GLN B 440 -20.02 -24.79 -15.15
N ALA B 441 -19.47 -23.71 -15.69
CA ALA B 441 -18.32 -23.84 -16.59
C ALA B 441 -17.10 -24.36 -15.86
N LYS B 442 -16.93 -23.99 -14.58
CA LYS B 442 -15.81 -24.52 -13.80
C LYS B 442 -16.02 -25.99 -13.47
N ALA B 443 -17.26 -26.39 -13.22
CA ALA B 443 -17.53 -27.77 -12.81
C ALA B 443 -17.29 -28.75 -13.95
N SER B 444 -17.70 -28.39 -15.17
CA SER B 444 -17.57 -29.28 -16.32
C SER B 444 -16.26 -28.99 -17.06
N GLY B 445 -15.15 -29.19 -16.34
CA GLY B 445 -13.84 -28.90 -16.89
C GLY B 445 -13.51 -27.42 -16.80
N ARG B 446 -12.59 -27.00 -17.66
CA ARG B 446 -12.18 -25.60 -17.74
C ARG B 446 -12.19 -25.17 -19.21
N ASN B 447 -11.98 -23.87 -19.43
CA ASN B 447 -11.89 -23.30 -20.77
C ASN B 447 -13.16 -23.57 -21.57
N ALA B 448 -14.31 -23.19 -21.00
CA ALA B 448 -15.60 -23.41 -21.62
C ALA B 448 -16.49 -22.19 -21.40
N VAL B 449 -17.59 -22.14 -22.16
CA VAL B 449 -18.58 -21.09 -22.05
C VAL B 449 -19.92 -21.73 -21.71
N VAL B 450 -20.66 -21.11 -20.80
CA VAL B 450 -21.96 -21.62 -20.36
C VAL B 450 -22.95 -20.45 -20.30
N GLY B 451 -24.10 -20.64 -20.92
CA GLY B 451 -25.14 -19.61 -20.92
C GLY B 451 -26.35 -20.01 -20.11
N ALA C 3 23.02 -17.55 33.09
CA ALA C 3 21.66 -17.69 33.61
C ALA C 3 21.68 -17.76 35.13
N ARG C 4 20.70 -17.14 35.78
CA ARG C 4 20.67 -17.02 37.22
C ARG C 4 19.66 -18.00 37.81
N ILE C 5 20.13 -18.84 38.75
CA ILE C 5 19.32 -19.89 39.36
C ILE C 5 19.22 -19.62 40.85
N LEU C 6 18.02 -19.78 41.38
CA LEU C 6 17.75 -19.68 42.82
C LEU C 6 17.51 -21.09 43.37
N VAL C 7 18.30 -21.48 44.36
CA VAL C 7 18.21 -22.80 44.99
C VAL C 7 17.65 -22.64 46.40
N VAL C 8 16.66 -23.45 46.74
CA VAL C 8 15.94 -23.33 48.01
C VAL C 8 15.84 -24.71 48.66
N ASP C 9 16.44 -24.85 49.84
CA ASP C 9 16.34 -26.08 50.61
C ASP C 9 16.58 -25.76 52.08
N ASP C 10 15.87 -26.48 52.96
CA ASP C 10 16.00 -26.24 54.40
C ASP C 10 17.35 -26.69 54.94
N ILE C 11 17.98 -27.67 54.30
CA ILE C 11 19.25 -28.23 54.77
C ILE C 11 20.38 -27.55 54.02
N GLU C 12 21.32 -26.97 54.76
CA GLU C 12 22.38 -26.16 54.15
C GLU C 12 23.29 -27.02 53.28
N ALA C 13 23.57 -28.26 53.70
CA ALA C 13 24.46 -29.13 52.93
C ALA C 13 23.90 -29.42 51.54
N ASN C 14 22.59 -29.64 51.45
CA ASN C 14 21.96 -29.84 50.15
C ASN C 14 22.13 -28.62 49.26
N VAL C 15 22.00 -27.43 49.84
CA VAL C 15 22.11 -26.19 49.07
C VAL C 15 23.52 -26.00 48.55
N ARG C 16 24.52 -26.20 49.41
CA ARG C 16 25.91 -26.01 49.01
C ARG C 16 26.33 -27.01 47.94
N LEU C 17 25.85 -28.25 48.05
CA LEU C 17 26.16 -29.26 47.04
C LEU C 17 25.64 -28.86 45.66
N LEU C 18 24.38 -28.43 45.59
CA LEU C 18 23.82 -28.00 44.31
C LEU C 18 24.52 -26.75 43.79
N GLU C 19 24.74 -25.77 44.68
CA GLU C 19 25.44 -24.55 44.28
C GLU C 19 26.79 -24.87 43.67
N ALA C 20 27.52 -25.82 44.27
CA ALA C 20 28.83 -26.19 43.73
C ALA C 20 28.71 -26.82 42.35
N LYS C 21 27.74 -27.72 42.17
CA LYS C 21 27.57 -28.38 40.88
C LYS C 21 27.17 -27.39 39.80
N LEU C 22 26.25 -26.47 40.11
CA LEU C 22 25.74 -25.55 39.10
C LEU C 22 26.77 -24.47 38.75
N THR C 23 27.48 -23.96 39.76
CA THR C 23 28.52 -22.97 39.48
C THR C 23 29.65 -23.57 38.66
N ALA C 24 29.93 -24.87 38.83
CA ALA C 24 30.93 -25.52 38.00
C ALA C 24 30.53 -25.53 36.53
N GLU C 25 29.22 -25.48 36.24
CA GLU C 25 28.72 -25.44 34.87
C GLU C 25 28.37 -24.02 34.44
N TYR C 26 28.99 -23.01 35.05
CA TYR C 26 28.93 -21.62 34.60
C TYR C 26 27.55 -21.01 34.80
N TYR C 27 26.88 -21.37 35.89
CA TYR C 27 25.61 -20.76 36.27
C TYR C 27 25.82 -19.81 37.44
N GLU C 28 25.02 -18.74 37.47
CA GLU C 28 25.05 -17.78 38.56
C GLU C 28 23.99 -18.18 39.58
N VAL C 29 24.42 -18.56 40.77
CA VAL C 29 23.57 -19.25 41.74
C VAL C 29 23.38 -18.38 42.97
N SER C 30 22.12 -18.18 43.36
CA SER C 30 21.76 -17.62 44.66
C SER C 30 21.06 -18.70 45.48
N THR C 31 21.01 -18.49 46.79
CA THR C 31 20.52 -19.52 47.72
C THR C 31 19.56 -18.92 48.73
N ALA C 32 18.59 -19.74 49.15
CA ALA C 32 17.69 -19.41 50.23
C ALA C 32 17.37 -20.68 51.01
N MET C 33 17.14 -20.53 52.31
CA MET C 33 16.97 -21.68 53.19
C MET C 33 15.60 -21.72 53.87
N ASP C 34 14.67 -20.86 53.46
CA ASP C 34 13.30 -20.93 53.93
C ASP C 34 12.40 -20.23 52.92
N GLY C 35 11.10 -20.43 53.10
CA GLY C 35 10.11 -19.92 52.18
C GLY C 35 10.08 -18.40 52.07
N PRO C 36 9.85 -17.71 53.20
CA PRO C 36 9.80 -16.23 53.15
C PRO C 36 10.99 -15.57 52.48
N THR C 37 12.21 -16.00 52.79
CA THR C 37 13.38 -15.40 52.16
C THR C 37 13.43 -15.68 50.66
N ALA C 38 13.08 -16.92 50.26
CA ALA C 38 13.08 -17.26 48.84
C ALA C 38 12.08 -16.43 48.06
N LEU C 39 10.90 -16.20 48.66
CA LEU C 39 9.89 -15.38 47.99
C LEU C 39 10.35 -13.93 47.87
N ALA C 40 11.02 -13.41 48.90
CA ALA C 40 11.56 -12.06 48.83
C ALA C 40 12.69 -11.96 47.82
N MET C 41 13.58 -12.95 47.78
CA MET C 41 14.68 -12.94 46.83
C MET C 41 14.18 -13.03 45.39
N ALA C 42 13.17 -13.87 45.15
CA ALA C 42 12.66 -14.06 43.79
C ALA C 42 12.07 -12.76 43.24
N ALA C 43 11.29 -12.04 44.07
CA ALA C 43 10.70 -10.80 43.60
C ALA C 43 11.75 -9.71 43.40
N ARG C 44 12.80 -9.71 44.22
CA ARG C 44 13.82 -8.67 44.17
C ARG C 44 14.80 -8.91 43.02
N ASP C 45 15.27 -10.15 42.87
CA ASP C 45 16.31 -10.45 41.89
C ASP C 45 15.76 -10.95 40.56
N LEU C 46 14.52 -11.44 40.54
CA LEU C 46 13.85 -11.95 39.35
C LEU C 46 14.73 -12.97 38.63
N PRO C 47 14.93 -14.17 39.21
CA PRO C 47 15.82 -15.16 38.60
C PRO C 47 15.24 -15.80 37.34
N ASP C 48 16.04 -16.64 36.68
CA ASP C 48 15.58 -17.34 35.49
C ASP C 48 14.92 -18.67 35.82
N ILE C 49 15.47 -19.43 36.77
CA ILE C 49 14.91 -20.70 37.19
C ILE C 49 15.00 -20.78 38.71
N ILE C 50 14.00 -21.42 39.31
CA ILE C 50 13.98 -21.68 40.75
C ILE C 50 13.95 -23.19 40.96
N LEU C 51 14.93 -23.69 41.72
CA LEU C 51 14.97 -25.08 42.17
C LEU C 51 14.51 -25.10 43.63
N LEU C 52 13.44 -25.84 43.91
CA LEU C 52 12.70 -25.70 45.15
C LEU C 52 12.43 -27.07 45.77
N ASP C 53 12.87 -27.25 47.02
CA ASP C 53 12.55 -28.46 47.76
C ASP C 53 11.10 -28.45 48.22
N VAL C 54 10.44 -29.61 48.12
CA VAL C 54 9.04 -29.69 48.52
C VAL C 54 8.86 -29.75 50.03
N MET C 55 9.81 -30.35 50.76
CA MET C 55 9.66 -30.61 52.19
C MET C 55 10.57 -29.65 52.97
N MET C 56 9.97 -28.60 53.52
CA MET C 56 10.67 -27.65 54.38
C MET C 56 9.81 -27.33 55.60
N PRO C 57 10.44 -27.13 56.77
CA PRO C 57 9.66 -26.78 57.96
C PRO C 57 9.02 -25.40 57.83
N GLY C 58 7.77 -25.29 58.27
CA GLY C 58 7.01 -24.05 58.24
C GLY C 58 6.29 -23.80 56.93
N MET C 59 7.00 -23.27 55.94
CA MET C 59 6.43 -23.03 54.63
C MET C 59 6.97 -24.09 53.67
N ASP C 60 6.10 -25.01 53.26
CA ASP C 60 6.52 -26.06 52.34
C ASP C 60 6.72 -25.50 50.94
N GLY C 61 7.36 -26.31 50.10
CA GLY C 61 7.62 -25.88 48.73
C GLY C 61 6.35 -25.64 47.95
N PHE C 62 5.31 -26.45 48.18
CA PHE C 62 4.04 -26.24 47.49
C PHE C 62 3.49 -24.85 47.76
N THR C 63 3.54 -24.39 49.01
CA THR C 63 3.09 -23.05 49.35
C THR C 63 3.96 -21.99 48.68
N VAL C 64 5.28 -22.17 48.70
CA VAL C 64 6.16 -21.23 48.03
C VAL C 64 5.83 -21.14 46.55
N CYS C 65 5.62 -22.29 45.91
CA CYS C 65 5.24 -22.31 44.50
C CYS C 65 3.95 -21.55 44.26
N ARG C 66 2.92 -21.79 45.08
CA ARG C 66 1.66 -21.10 44.89
C ARG C 66 1.83 -19.59 45.03
N LYS C 67 2.64 -19.17 46.00
CA LYS C 67 2.86 -17.74 46.22
C LYS C 67 3.70 -17.11 45.11
N LEU C 68 4.58 -17.90 44.49
CA LEU C 68 5.34 -17.40 43.35
C LEU C 68 4.41 -17.10 42.18
N LYS C 69 3.39 -17.94 41.97
CA LYS C 69 2.44 -17.72 40.89
C LYS C 69 1.43 -16.64 41.22
N ASP C 70 1.22 -16.34 42.51
CA ASP C 70 0.31 -15.26 42.86
C ASP C 70 0.91 -13.90 42.51
N ASP C 71 2.19 -13.71 42.81
CA ASP C 71 2.90 -12.49 42.45
C ASP C 71 2.97 -12.38 40.93
N PRO C 72 2.45 -11.31 40.33
CA PRO C 72 2.52 -11.19 38.87
C PRO C 72 3.92 -10.98 38.34
N THR C 73 4.86 -10.52 39.15
CA THR C 73 6.21 -10.26 38.70
C THR C 73 7.07 -11.52 38.63
N THR C 74 6.66 -12.58 39.32
CA THR C 74 7.40 -13.83 39.35
C THR C 74 6.60 -15.00 38.77
N ARG C 75 5.38 -14.74 38.30
CA ARG C 75 4.53 -15.82 37.79
C ARG C 75 5.17 -16.53 36.60
N HIS C 76 5.99 -15.84 35.83
CA HIS C 76 6.54 -16.39 34.59
C HIS C 76 7.78 -17.24 34.81
N ILE C 77 8.39 -17.18 35.99
CA ILE C 77 9.67 -17.86 36.25
C ILE C 77 9.43 -19.36 36.43
N PRO C 78 10.04 -20.21 35.60
CA PRO C 78 9.90 -21.66 35.78
C PRO C 78 10.37 -22.12 37.15
N VAL C 79 9.57 -23.00 37.77
CA VAL C 79 9.88 -23.57 39.08
C VAL C 79 10.02 -25.09 38.92
N VAL C 80 11.15 -25.62 39.40
CA VAL C 80 11.37 -27.06 39.44
C VAL C 80 11.28 -27.52 40.89
N LEU C 81 10.46 -28.54 41.14
CA LEU C 81 10.29 -29.10 42.47
C LEU C 81 11.17 -30.32 42.63
N ILE C 82 11.97 -30.33 43.69
CA ILE C 82 12.82 -31.47 44.02
C ILE C 82 12.01 -32.36 44.97
N THR C 83 11.65 -33.55 44.49
CA THR C 83 10.87 -34.49 45.27
C THR C 83 11.75 -35.64 45.71
N ALA C 84 11.16 -36.60 46.39
CA ALA C 84 11.91 -37.76 46.82
C ALA C 84 11.69 -38.88 45.79
N LEU C 85 12.13 -40.08 46.13
CA LEU C 85 12.05 -41.21 45.21
C LEU C 85 10.60 -41.49 44.83
N ASP C 86 9.76 -41.73 45.84
CA ASP C 86 8.35 -42.02 45.63
C ASP C 86 7.55 -40.74 45.82
N GLY C 87 7.62 -39.86 44.83
CA GLY C 87 6.96 -38.58 44.89
C GLY C 87 5.72 -38.44 44.01
N ARG C 88 5.04 -39.54 43.69
CA ARG C 88 3.84 -39.47 42.85
C ARG C 88 2.85 -38.46 43.41
N GLY C 89 2.53 -38.56 44.70
CA GLY C 89 1.64 -37.58 45.30
C GLY C 89 2.22 -36.17 45.29
N ASP C 90 3.53 -36.05 45.57
CA ASP C 90 4.17 -34.74 45.52
C ASP C 90 4.09 -34.13 44.13
N ARG C 91 4.33 -34.93 43.09
CA ARG C 91 4.29 -34.39 41.73
C ARG C 91 2.86 -34.00 41.35
N ILE C 92 1.87 -34.77 41.81
CA ILE C 92 0.48 -34.41 41.56
C ILE C 92 0.15 -33.07 42.21
N GLN C 93 0.51 -32.91 43.49
CA GLN C 93 0.29 -31.63 44.15
C GLN C 93 1.22 -30.55 43.60
N GLY C 94 2.37 -30.95 43.07
CA GLY C 94 3.27 -29.98 42.46
C GLY C 94 2.67 -29.33 41.23
N LEU C 95 2.05 -30.13 40.36
CA LEU C 95 1.40 -29.57 39.18
C LEU C 95 0.25 -28.64 39.56
N GLU C 96 -0.52 -29.00 40.58
CA GLU C 96 -1.58 -28.11 41.06
C GLU C 96 -1.01 -26.81 41.60
N SER C 97 0.16 -26.85 42.23
CA SER C 97 0.78 -25.64 42.75
C SER C 97 1.39 -24.78 41.64
N GLY C 98 1.58 -25.34 40.44
CA GLY C 98 2.11 -24.61 39.32
C GLY C 98 3.55 -24.88 38.99
N ALA C 99 4.07 -26.06 39.31
CA ALA C 99 5.45 -26.39 38.99
C ALA C 99 5.62 -26.63 37.50
N SER C 100 6.79 -26.25 36.98
CA SER C 100 7.11 -26.48 35.57
C SER C 100 7.56 -27.91 35.32
N ASP C 101 8.44 -28.44 36.16
CA ASP C 101 8.94 -29.80 36.02
C ASP C 101 9.46 -30.27 37.38
N PHE C 102 10.09 -31.45 37.39
CA PHE C 102 10.47 -32.09 38.64
C PHE C 102 11.86 -32.71 38.54
N LEU C 103 12.54 -32.76 39.67
CA LEU C 103 13.73 -33.57 39.86
C LEU C 103 13.52 -34.42 41.10
N THR C 104 14.12 -35.61 41.13
CA THR C 104 13.98 -36.53 42.25
C THR C 104 15.33 -36.70 42.95
N LYS C 105 15.30 -36.68 44.30
CA LYS C 105 16.56 -36.89 45.01
C LYS C 105 16.74 -38.36 45.36
N PRO C 106 17.99 -38.85 45.39
CA PRO C 106 19.25 -38.11 45.22
C PRO C 106 19.46 -37.59 43.80
N ILE C 107 20.06 -36.41 43.71
CA ILE C 107 20.10 -35.67 42.44
C ILE C 107 21.02 -36.37 41.46
N ASP C 108 20.48 -36.67 40.28
CA ASP C 108 21.27 -37.26 39.21
C ASP C 108 21.76 -36.13 38.32
N ASP C 109 23.10 -36.00 38.19
CA ASP C 109 23.67 -34.84 37.52
C ASP C 109 23.20 -34.73 36.07
N VAL C 110 23.05 -35.85 35.38
CA VAL C 110 22.58 -35.81 34.00
C VAL C 110 21.16 -35.25 33.94
N MET C 111 20.29 -35.72 34.85
CA MET C 111 18.92 -35.20 34.87
C MET C 111 18.88 -33.76 35.32
N LEU C 112 19.76 -33.38 36.25
CA LEU C 112 19.79 -32.00 36.74
C LEU C 112 20.06 -31.02 35.60
N PHE C 113 21.17 -31.21 34.88
CA PHE C 113 21.55 -30.26 33.84
C PHE C 113 20.67 -30.40 32.60
N ALA C 114 20.11 -31.57 32.34
CA ALA C 114 19.16 -31.71 31.25
C ALA C 114 17.95 -30.81 31.48
N ARG C 115 17.38 -30.87 32.69
CA ARG C 115 16.22 -30.03 33.01
C ARG C 115 16.57 -28.56 32.95
N VAL C 116 17.70 -28.17 33.55
CA VAL C 116 18.08 -26.76 33.58
C VAL C 116 18.27 -26.22 32.16
N ARG C 117 19.03 -26.95 31.34
CA ARG C 117 19.25 -26.52 29.96
C ARG C 117 17.93 -26.36 29.21
N SER C 118 17.02 -27.33 29.34
CA SER C 118 15.72 -27.20 28.67
C SER C 118 14.95 -25.98 29.12
N LEU C 119 14.87 -25.75 30.45
CA LEU C 119 14.04 -24.66 30.96
C LEU C 119 14.70 -23.29 30.78
N THR C 120 16.03 -23.22 30.71
CA THR C 120 16.66 -21.93 30.41
C THR C 120 16.36 -21.49 28.98
N ARG C 121 16.38 -22.44 28.04
CA ARG C 121 15.99 -22.12 26.67
C ARG C 121 14.54 -21.67 26.59
N PHE C 122 13.66 -22.31 27.36
CA PHE C 122 12.27 -21.87 27.42
C PHE C 122 12.17 -20.48 28.01
N LYS C 123 12.99 -20.16 29.01
CA LYS C 123 12.96 -18.83 29.62
C LYS C 123 13.30 -17.74 28.61
N LEU C 124 14.17 -18.05 27.64
CA LEU C 124 14.55 -17.05 26.64
C LEU C 124 13.34 -16.62 25.83
N VAL C 125 12.57 -17.60 25.34
CA VAL C 125 11.39 -17.27 24.53
C VAL C 125 10.32 -16.61 25.41
N ILE C 126 10.18 -17.06 26.65
CA ILE C 126 9.25 -16.43 27.58
C ILE C 126 9.56 -14.94 27.72
N ASP C 127 10.84 -14.61 27.93
CA ASP C 127 11.23 -13.21 28.07
C ASP C 127 10.93 -12.41 26.80
N GLU C 128 11.24 -12.99 25.64
CA GLU C 128 11.00 -12.27 24.39
C GLU C 128 9.52 -12.04 24.14
N LEU C 129 8.69 -13.05 24.38
CA LEU C 129 7.25 -12.90 24.17
C LEU C 129 6.66 -11.82 25.08
N ARG C 130 7.13 -11.73 26.31
CA ARG C 130 6.61 -10.72 27.23
C ARG C 130 6.99 -9.31 26.79
N GLN C 131 8.17 -9.13 26.22
CA GLN C 131 8.58 -7.82 25.74
C GLN C 131 7.71 -7.36 24.58
N ARG C 132 7.50 -8.22 23.59
CA ARG C 132 6.65 -7.88 22.45
C ARG C 132 5.20 -7.65 22.88
N GLU C 133 4.70 -8.46 23.83
CA GLU C 133 3.34 -8.24 24.30
C GLU C 133 3.20 -6.87 24.95
N ALA C 134 4.27 -6.37 25.59
CA ALA C 134 4.22 -5.03 26.15
C ALA C 134 4.07 -3.97 25.07
N SER C 135 4.86 -4.06 24.00
CA SER C 135 4.75 -3.11 22.89
C SER C 135 3.40 -3.28 22.20
N ALA C 147 -4.27 -17.53 17.95
CA ALA C 147 -2.95 -17.74 18.53
C ALA C 147 -3.04 -18.61 19.77
N ARG C 148 -2.77 -19.91 19.60
CA ARG C 148 -2.81 -20.87 20.70
C ARG C 148 -1.42 -20.91 21.35
N LEU C 149 -1.34 -20.48 22.60
CA LEU C 149 -0.06 -20.34 23.28
C LEU C 149 0.01 -21.12 24.60
N ASP C 150 -0.89 -22.07 24.81
CA ASP C 150 -0.71 -23.02 25.90
C ASP C 150 0.11 -24.21 25.40
N GLY C 151 0.30 -25.20 26.26
CA GLY C 151 1.06 -26.38 25.87
C GLY C 151 0.19 -27.59 25.61
N LEU C 152 -1.10 -27.40 25.37
CA LEU C 152 -2.06 -28.49 25.28
C LEU C 152 -2.54 -28.68 23.85
N GLY C 153 -3.12 -29.85 23.60
CA GLY C 153 -3.78 -30.13 22.34
C GLY C 153 -2.86 -30.36 21.17
N GLY C 154 -1.61 -30.77 21.41
CA GLY C 154 -0.67 -30.97 20.33
C GLY C 154 -0.72 -32.37 19.74
N ARG C 155 -0.22 -32.48 18.51
CA ARG C 155 -0.05 -33.77 17.85
C ARG C 155 1.30 -34.34 18.25
N VAL C 156 1.30 -35.40 19.05
CA VAL C 156 2.51 -36.01 19.58
C VAL C 156 2.74 -37.34 18.88
N LEU C 157 3.94 -37.53 18.35
CA LEU C 157 4.28 -38.71 17.56
C LEU C 157 5.14 -39.63 18.43
N ILE C 158 4.60 -40.81 18.73
CA ILE C 158 5.28 -41.80 19.56
C ILE C 158 5.94 -42.82 18.63
N VAL C 159 7.27 -42.84 18.61
CA VAL C 159 8.04 -43.73 17.76
C VAL C 159 8.62 -44.82 18.67
N ASP C 160 7.99 -46.00 18.65
CA ASP C 160 8.35 -47.05 19.58
C ASP C 160 7.83 -48.38 19.06
N ASP C 161 8.64 -49.43 19.22
CA ASP C 161 8.24 -50.78 18.83
C ASP C 161 7.65 -51.58 19.97
N ASN C 162 7.91 -51.18 21.22
CA ASN C 162 7.25 -51.77 22.38
C ASN C 162 5.78 -51.36 22.36
N GLU C 163 4.90 -52.29 21.97
CA GLU C 163 3.48 -51.96 21.89
C GLU C 163 2.91 -51.59 23.26
N ARG C 164 3.17 -52.42 24.27
CA ARG C 164 2.61 -52.18 25.60
C ARG C 164 3.02 -50.81 26.12
N GLN C 165 4.29 -50.42 25.90
CA GLN C 165 4.75 -49.10 26.35
C GLN C 165 4.08 -47.99 25.54
N ALA C 166 4.12 -48.10 24.21
CA ALA C 166 3.54 -47.05 23.37
C ALA C 166 2.07 -46.84 23.65
N GLN C 167 1.31 -47.93 23.81
CA GLN C 167 -0.11 -47.81 24.11
C GLN C 167 -0.33 -47.14 25.46
N ARG C 168 0.50 -47.47 26.45
CA ARG C 168 0.38 -46.84 27.77
C ARG C 168 0.69 -45.35 27.68
N VAL C 169 1.74 -44.99 26.95
CA VAL C 169 2.09 -43.57 26.79
C VAL C 169 0.97 -42.84 26.08
N ALA C 170 0.45 -43.44 25.00
CA ALA C 170 -0.62 -42.79 24.23
C ALA C 170 -1.88 -42.60 25.08
N ALA C 171 -2.17 -43.55 25.96
CA ALA C 171 -3.34 -43.41 26.84
C ALA C 171 -3.14 -42.26 27.82
N GLU C 172 -1.94 -42.17 28.41
CA GLU C 172 -1.65 -41.08 29.34
C GLU C 172 -1.74 -39.73 28.65
N LEU C 173 -1.26 -39.66 27.40
CA LEU C 173 -1.28 -38.43 26.62
C LEU C 173 -2.61 -38.16 25.93
N GLY C 174 -3.55 -39.11 25.95
CA GLY C 174 -4.74 -39.00 25.12
C GLY C 174 -5.80 -38.06 25.62
N VAL C 175 -5.66 -37.50 26.83
CA VAL C 175 -6.69 -36.64 27.38
C VAL C 175 -6.34 -35.17 27.12
N GLU C 176 -5.04 -34.87 27.08
CA GLU C 176 -4.58 -33.51 26.89
C GLU C 176 -3.99 -33.26 25.51
N HIS C 177 -3.59 -34.29 24.79
CA HIS C 177 -2.97 -34.13 23.49
C HIS C 177 -3.59 -35.11 22.50
N ARG C 178 -3.06 -35.10 21.28
CA ARG C 178 -3.56 -35.93 20.19
C ARG C 178 -2.42 -36.88 19.80
N PRO C 179 -2.32 -38.04 20.44
CA PRO C 179 -1.15 -38.91 20.22
C PRO C 179 -1.31 -39.82 19.01
N VAL C 180 -0.17 -40.15 18.41
CA VAL C 180 -0.09 -41.02 17.23
C VAL C 180 1.14 -41.89 17.37
N ILE C 181 0.98 -43.18 17.08
CA ILE C 181 2.03 -44.19 17.28
C ILE C 181 2.60 -44.60 15.92
N GLU C 182 3.91 -44.82 15.89
CA GLU C 182 4.61 -45.27 14.68
C GLU C 182 5.68 -46.27 15.08
N SER C 183 5.51 -47.53 14.66
CA SER C 183 6.52 -48.55 14.89
C SER C 183 7.60 -48.55 13.81
N ASP C 184 7.22 -48.26 12.57
CA ASP C 184 8.17 -48.26 11.46
C ASP C 184 8.91 -46.93 11.42
N PRO C 185 10.25 -46.92 11.44
CA PRO C 185 10.96 -45.64 11.43
C PRO C 185 10.91 -44.91 10.11
N GLU C 186 10.76 -45.63 8.98
CA GLU C 186 10.65 -44.96 7.69
C GLU C 186 9.38 -44.14 7.60
N LYS C 187 8.23 -44.75 7.92
CA LYS C 187 6.98 -44.01 7.96
C LYS C 187 7.04 -42.89 9.00
N ALA C 188 7.75 -43.11 10.10
CA ALA C 188 7.86 -42.08 11.12
C ALA C 188 8.61 -40.86 10.61
N LYS C 189 9.63 -41.06 9.76
CA LYS C 189 10.35 -39.92 9.20
C LYS C 189 9.41 -39.03 8.39
N ILE C 190 8.48 -39.64 7.66
CA ILE C 190 7.59 -38.86 6.80
C ILE C 190 6.58 -38.11 7.66
N SER C 191 5.94 -38.81 8.61
CA SER C 191 5.00 -38.15 9.51
C SER C 191 5.68 -37.02 10.28
N ALA C 192 6.92 -37.23 10.71
CA ALA C 192 7.64 -36.21 11.47
C ALA C 192 7.89 -34.95 10.66
N GLY C 193 7.82 -35.03 9.33
CA GLY C 193 7.95 -33.86 8.48
C GLY C 193 6.67 -33.08 8.25
N GLY C 194 5.55 -33.55 8.79
CA GLY C 194 4.29 -32.86 8.67
C GLY C 194 3.96 -32.04 9.89
N PRO C 195 2.65 -31.84 10.14
CA PRO C 195 2.21 -31.05 11.30
C PRO C 195 2.30 -31.83 12.61
N VAL C 196 3.52 -31.95 13.12
CA VAL C 196 3.83 -32.66 14.34
C VAL C 196 4.41 -31.68 15.35
N ASP C 197 3.91 -31.73 16.58
CA ASP C 197 4.36 -30.81 17.62
C ASP C 197 5.47 -31.40 18.49
N LEU C 198 5.52 -32.72 18.63
CA LEU C 198 6.48 -33.36 19.51
C LEU C 198 6.68 -34.79 19.06
N VAL C 199 7.93 -35.27 19.16
CA VAL C 199 8.27 -36.66 18.90
C VAL C 199 8.79 -37.26 20.20
N ILE C 200 8.19 -38.37 20.61
CA ILE C 200 8.65 -39.15 21.75
C ILE C 200 9.23 -40.45 21.20
N VAL C 201 10.54 -40.59 21.26
CA VAL C 201 11.23 -41.74 20.70
C VAL C 201 11.77 -42.59 21.83
N ASN C 202 11.81 -43.89 21.61
CA ASN C 202 12.34 -44.84 22.58
C ASN C 202 13.81 -45.07 22.28
N ALA C 203 14.68 -44.58 23.17
CA ALA C 203 16.11 -44.77 22.97
C ALA C 203 16.47 -46.25 23.04
N ALA C 204 15.79 -47.02 23.88
CA ALA C 204 16.06 -48.44 24.04
C ALA C 204 15.10 -49.28 23.18
N ALA C 205 15.10 -48.97 21.89
CA ALA C 205 14.28 -49.70 20.93
C ALA C 205 15.01 -50.97 20.48
N LYS C 206 14.23 -51.92 19.96
CA LYS C 206 14.75 -53.22 19.53
C LYS C 206 14.95 -53.35 18.03
N ASN C 207 14.02 -52.85 17.21
CA ASN C 207 14.10 -53.06 15.77
C ASN C 207 14.65 -51.85 15.02
N PHE C 208 15.04 -50.80 15.73
CA PHE C 208 15.66 -49.64 15.11
C PHE C 208 16.43 -48.89 16.19
N ASP C 209 17.38 -48.09 15.75
CA ASP C 209 18.19 -47.27 16.66
C ASP C 209 17.46 -45.94 16.81
N GLY C 210 16.75 -45.79 17.92
CA GLY C 210 16.04 -44.55 18.17
C GLY C 210 16.95 -43.35 18.16
N LEU C 211 18.22 -43.55 18.51
CA LEU C 211 19.18 -42.45 18.52
C LEU C 211 19.61 -42.10 17.10
N ARG C 212 19.78 -43.10 16.24
CA ARG C 212 20.01 -42.84 14.82
C ARG C 212 18.81 -42.14 14.20
N PHE C 213 17.59 -42.58 14.55
CA PHE C 213 16.39 -41.91 14.08
C PHE C 213 16.39 -40.44 14.47
N THR C 214 16.69 -40.16 15.74
CA THR C 214 16.74 -38.77 16.21
C THR C 214 17.79 -37.97 15.45
N ALA C 215 18.96 -38.55 15.21
CA ALA C 215 20.01 -37.85 14.48
C ALA C 215 19.59 -37.54 13.05
N ALA C 216 18.83 -38.43 12.42
CA ALA C 216 18.29 -38.16 11.08
C ALA C 216 17.37 -36.95 11.10
N LEU C 217 16.51 -36.85 12.12
CA LEU C 217 15.64 -35.69 12.25
C LEU C 217 16.45 -34.39 12.32
N ARG C 218 17.49 -34.38 13.15
CA ARG C 218 18.29 -33.17 13.35
C ARG C 218 19.12 -32.80 12.14
N SER C 219 19.40 -33.75 11.24
CA SER C 219 20.21 -33.44 10.07
C SER C 219 19.42 -32.70 9.00
N GLU C 220 18.12 -32.98 8.87
CA GLU C 220 17.30 -32.32 7.87
C GLU C 220 16.83 -30.96 8.37
N GLU C 221 16.88 -29.96 7.49
CA GLU C 221 16.42 -28.63 7.88
C GLU C 221 14.93 -28.60 8.18
N ARG C 222 14.15 -29.41 7.45
CA ARG C 222 12.71 -29.50 7.70
C ARG C 222 12.40 -29.84 9.16
N THR C 223 13.15 -30.76 9.75
CA THR C 223 12.87 -31.26 11.09
C THR C 223 13.95 -30.90 12.11
N ARG C 224 14.87 -29.99 11.76
CA ARG C 224 16.03 -29.76 12.61
C ARG C 224 15.64 -29.24 13.99
N GLN C 225 14.57 -28.46 14.08
CA GLN C 225 14.16 -27.86 15.34
C GLN C 225 12.88 -28.48 15.89
N LEU C 226 12.45 -29.61 15.35
CA LEU C 226 11.29 -30.30 15.88
C LEU C 226 11.61 -30.83 17.28
N PRO C 227 10.78 -30.55 18.28
CA PRO C 227 11.07 -31.04 19.64
C PRO C 227 11.03 -32.55 19.73
N VAL C 228 12.00 -33.11 20.44
CA VAL C 228 12.13 -34.56 20.62
C VAL C 228 12.37 -34.88 22.09
N LEU C 229 11.57 -35.79 22.63
CA LEU C 229 11.81 -36.39 23.94
C LEU C 229 12.22 -37.84 23.76
N ALA C 230 13.24 -38.25 24.50
CA ALA C 230 13.76 -39.62 24.43
C ALA C 230 13.39 -40.37 25.70
N MET C 231 12.79 -41.54 25.55
CA MET C 231 12.53 -42.44 26.66
C MET C 231 13.78 -43.29 26.89
N VAL C 232 14.39 -43.17 28.07
CA VAL C 232 15.70 -43.75 28.33
C VAL C 232 15.62 -44.72 29.49
N ASP C 233 16.52 -45.71 29.49
CA ASP C 233 16.67 -46.58 30.66
C ASP C 233 17.57 -45.90 31.68
N PRO C 234 17.17 -45.83 32.95
CA PRO C 234 18.02 -45.15 33.94
C PRO C 234 19.30 -45.89 34.28
N ASP C 235 19.37 -47.21 34.07
CA ASP C 235 20.62 -47.93 34.29
C ASP C 235 21.72 -47.49 33.33
N ASP C 236 21.36 -47.26 32.06
CA ASP C 236 22.33 -46.97 31.01
C ASP C 236 22.57 -45.47 30.97
N ARG C 237 23.58 -45.00 31.72
CA ARG C 237 23.91 -43.58 31.70
C ARG C 237 24.53 -43.17 30.38
N GLY C 238 25.28 -44.07 29.72
CA GLY C 238 25.93 -43.72 28.47
C GLY C 238 24.94 -43.38 27.37
N ARG C 239 23.84 -44.13 27.29
CA ARG C 239 22.83 -43.84 26.27
C ARG C 239 22.11 -42.53 26.56
N MET C 240 21.88 -42.23 27.84
CA MET C 240 21.29 -40.95 28.22
C MET C 240 22.14 -39.78 27.72
N VAL C 241 23.44 -39.82 28.01
CA VAL C 241 24.33 -38.74 27.58
C VAL C 241 24.39 -38.67 26.05
N LYS C 242 24.40 -39.84 25.40
CA LYS C 242 24.46 -39.87 23.94
C LYS C 242 23.23 -39.21 23.33
N ALA C 243 22.05 -39.50 23.87
CA ALA C 243 20.82 -38.90 23.36
C ALA C 243 20.85 -37.38 23.49
N LEU C 244 21.28 -36.86 24.65
CA LEU C 244 21.36 -35.42 24.82
C LEU C 244 22.39 -34.80 23.88
N GLU C 245 23.49 -35.50 23.61
CA GLU C 245 24.48 -35.00 22.66
C GLU C 245 23.91 -34.92 21.26
N ILE C 246 23.11 -35.90 20.85
CA ILE C 246 22.52 -35.91 19.51
C ILE C 246 21.59 -34.71 19.32
N GLY C 247 20.95 -34.25 20.39
CA GLY C 247 20.17 -33.03 20.30
C GLY C 247 18.74 -33.21 20.78
N VAL C 248 18.50 -34.24 21.58
CA VAL C 248 17.22 -34.41 22.22
C VAL C 248 16.96 -33.25 23.18
N ASN C 249 15.71 -32.80 23.26
CA ASN C 249 15.39 -31.64 24.08
C ASN C 249 15.39 -32.00 25.57
N ASP C 250 14.83 -33.14 25.94
CA ASP C 250 14.87 -33.62 27.31
C ASP C 250 14.57 -35.11 27.29
N ILE C 251 14.79 -35.76 28.44
CA ILE C 251 14.71 -37.20 28.52
C ILE C 251 13.68 -37.60 29.57
N LEU C 252 13.12 -38.80 29.39
CA LEU C 252 12.13 -39.35 30.29
C LEU C 252 12.61 -40.72 30.76
N SER C 253 12.76 -40.89 32.07
CA SER C 253 13.22 -42.16 32.61
C SER C 253 12.10 -43.19 32.56
N ARG C 254 12.47 -44.44 32.29
CA ARG C 254 11.54 -45.56 32.22
C ARG C 254 11.53 -46.32 33.54
N PRO C 255 10.36 -46.76 34.03
CA PRO C 255 9.03 -46.65 33.44
C PRO C 255 8.48 -45.22 33.49
N ILE C 256 7.61 -44.86 32.56
CA ILE C 256 7.24 -43.47 32.34
C ILE C 256 6.33 -42.99 33.47
N ASP C 257 6.72 -41.91 34.14
CA ASP C 257 5.87 -41.31 35.17
C ASP C 257 4.83 -40.41 34.51
N PRO C 258 3.55 -40.56 34.84
CA PRO C 258 2.53 -39.69 34.21
C PRO C 258 2.74 -38.22 34.45
N GLN C 259 3.11 -37.82 35.67
CA GLN C 259 3.25 -36.39 35.96
C GLN C 259 4.50 -35.81 35.30
N GLU C 260 5.59 -36.57 35.26
CA GLU C 260 6.78 -36.14 34.54
C GLU C 260 6.50 -36.04 33.04
N LEU C 261 5.79 -37.03 32.49
CA LEU C 261 5.42 -37.00 31.08
C LEU C 261 4.59 -35.76 30.77
N SER C 262 3.58 -35.48 31.59
CA SER C 262 2.75 -34.31 31.38
C SER C 262 3.56 -33.03 31.37
N ALA C 263 4.40 -32.84 32.40
CA ALA C 263 5.17 -31.61 32.52
C ALA C 263 6.10 -31.42 31.33
N ARG C 264 6.86 -32.45 30.97
CA ARG C 264 7.88 -32.31 29.94
C ARG C 264 7.27 -32.07 28.57
N VAL C 265 6.16 -32.73 28.28
CA VAL C 265 5.48 -32.52 26.99
C VAL C 265 4.95 -31.10 26.91
N LYS C 266 4.30 -30.63 27.98
CA LYS C 266 3.77 -29.26 28.03
C LYS C 266 4.87 -28.24 27.80
N THR C 267 6.05 -28.46 28.38
CA THR C 267 7.15 -27.51 28.23
C THR C 267 7.62 -27.42 26.77
N GLN C 268 7.76 -28.57 26.10
CA GLN C 268 8.27 -28.56 24.74
C GLN C 268 7.25 -27.98 23.76
N ILE C 269 5.98 -28.34 23.92
CA ILE C 269 4.96 -27.85 22.99
C ILE C 269 4.77 -26.35 23.15
N GLN C 270 4.73 -25.86 24.41
CA GLN C 270 4.56 -24.43 24.63
C GLN C 270 5.76 -23.65 24.13
N ARG C 271 6.97 -24.19 24.32
CA ARG C 271 8.16 -23.54 23.81
C ARG C 271 8.12 -23.44 22.28
N LYS C 272 7.65 -24.50 21.61
CA LYS C 272 7.52 -24.46 20.16
C LYS C 272 6.56 -23.38 19.70
N ARG C 273 5.38 -23.32 20.35
CA ARG C 273 4.37 -22.35 19.94
C ARG C 273 4.84 -20.92 20.17
N TYR C 274 5.53 -20.68 21.29
CA TYR C 274 6.14 -19.36 21.52
C TYR C 274 7.10 -19.00 20.39
N THR C 275 7.98 -19.92 20.03
CA THR C 275 9.00 -19.63 19.02
C THR C 275 8.37 -19.36 17.66
N ASP C 276 7.45 -20.23 17.23
CA ASP C 276 6.83 -20.08 15.92
C ASP C 276 6.03 -18.79 15.83
N TYR C 277 5.32 -18.45 16.91
CA TYR C 277 4.55 -17.20 16.92
C TYR C 277 5.45 -15.98 16.83
N LEU C 278 6.61 -16.02 17.49
CA LEU C 278 7.51 -14.87 17.46
C LEU C 278 8.22 -14.72 16.12
N ARG C 279 8.43 -15.82 15.40
CA ARG C 279 9.25 -15.81 14.19
C ARG C 279 8.44 -15.75 12.91
N ASN C 280 7.29 -16.42 12.88
CA ASN C 280 6.45 -16.46 11.69
C ASN C 280 5.48 -15.30 11.64
N ASN C 281 4.78 -15.01 12.74
CA ASN C 281 3.82 -13.91 12.76
C ASN C 281 4.47 -12.55 13.05
N LEU C 282 5.02 -12.38 14.27
CA LEU C 282 5.41 -11.05 14.73
C LEU C 282 6.65 -10.52 14.01
N ASP C 283 7.61 -11.39 13.68
CA ASP C 283 8.81 -10.90 13.01
C ASP C 283 8.50 -10.43 11.60
N HIS C 284 7.53 -11.05 10.94
CA HIS C 284 7.10 -10.66 9.61
C HIS C 284 6.11 -9.49 9.63
N SER C 285 5.78 -8.95 10.79
CA SER C 285 4.89 -7.80 10.86
C SER C 285 5.67 -6.53 10.53
N LEU C 286 4.94 -5.53 10.05
CA LEU C 286 5.57 -4.33 9.53
C LEU C 286 6.08 -3.40 10.62
N GLU C 287 5.53 -3.48 11.82
CA GLU C 287 6.01 -2.63 12.91
C GLU C 287 7.33 -3.10 13.50
N LEU C 288 7.66 -4.38 13.34
CA LEU C 288 8.86 -4.97 13.93
C LEU C 288 9.93 -5.26 12.88
N ALA C 289 9.73 -4.84 11.64
CA ALA C 289 10.70 -5.09 10.59
C ALA C 289 12.00 -4.35 10.86
N VAL C 290 13.08 -4.87 10.28
CA VAL C 290 14.41 -4.31 10.48
C VAL C 290 15.11 -3.95 9.17
N THR C 291 14.44 -4.10 8.03
CA THR C 291 15.02 -3.78 6.74
C THR C 291 14.04 -2.94 5.94
N ASP C 292 14.52 -1.84 5.37
CA ASP C 292 13.70 -1.00 4.50
C ASP C 292 13.49 -1.68 3.15
N GLN C 293 12.23 -1.79 2.74
CA GLN C 293 11.92 -2.51 1.51
C GLN C 293 12.36 -1.76 0.26
N LEU C 294 12.33 -0.42 0.31
CA LEU C 294 12.71 0.36 -0.86
C LEU C 294 14.22 0.30 -1.10
N THR C 295 15.00 0.80 -0.14
CA THR C 295 16.44 0.92 -0.33
C THR C 295 17.16 -0.40 -0.12
N GLY C 296 16.61 -1.30 0.70
CA GLY C 296 17.30 -2.52 1.07
C GLY C 296 18.24 -2.38 2.26
N LEU C 297 18.38 -1.18 2.82
CA LEU C 297 19.19 -0.96 4.00
C LEU C 297 18.41 -1.35 5.26
N HIS C 298 19.12 -1.39 6.39
CA HIS C 298 18.46 -1.50 7.67
C HIS C 298 17.79 -0.18 8.03
N ASN C 299 16.88 -0.23 9.00
CA ASN C 299 16.09 0.92 9.42
C ASN C 299 16.54 1.40 10.80
N ARG C 300 15.71 2.24 11.43
CA ARG C 300 16.10 2.78 12.74
C ARG C 300 16.03 1.73 13.82
N ARG C 301 15.08 0.80 13.72
CA ARG C 301 14.94 -0.25 14.73
C ARG C 301 16.23 -1.07 14.85
N TYR C 302 16.77 -1.50 13.72
CA TYR C 302 18.03 -2.24 13.72
C TYR C 302 19.15 -1.39 14.31
N MET C 303 19.25 -0.13 13.86
CA MET C 303 20.34 0.75 14.28
C MET C 303 20.32 0.99 15.79
N THR C 304 19.13 1.22 16.36
CA THR C 304 19.02 1.48 17.80
C THR C 304 19.53 0.31 18.63
N GLY C 305 19.14 -0.92 18.26
CA GLY C 305 19.64 -2.07 18.98
C GLY C 305 21.16 -2.15 18.99
N GLN C 306 21.77 -2.03 17.81
CA GLN C 306 23.22 -2.13 17.70
C GLN C 306 23.92 -0.96 18.38
N LEU C 307 23.38 0.26 18.21
CA LEU C 307 24.02 1.44 18.77
C LEU C 307 24.05 1.41 20.29
N ASP C 308 23.06 0.76 20.91
CA ASP C 308 23.00 0.67 22.36
C ASP C 308 24.25 0.00 22.93
N SER C 309 24.61 -1.19 22.42
CA SER C 309 25.82 -1.85 22.88
C SER C 309 27.07 -1.04 22.49
N LEU C 310 27.08 -0.47 21.28
CA LEU C 310 28.24 0.28 20.82
C LEU C 310 28.55 1.46 21.75
N VAL C 311 27.52 2.19 22.16
CA VAL C 311 27.74 3.36 23.01
C VAL C 311 28.12 2.93 24.42
N LYS C 312 27.51 1.85 24.92
CA LYS C 312 27.84 1.37 26.27
C LYS C 312 29.31 0.99 26.37
N ARG C 313 29.85 0.31 25.35
CA ARG C 313 31.27 -0.05 25.35
C ARG C 313 32.15 1.19 25.26
N ALA C 314 31.72 2.19 24.48
CA ALA C 314 32.53 3.41 24.35
C ALA C 314 32.60 4.18 25.67
N THR C 315 31.52 4.17 26.44
CA THR C 315 31.51 4.89 27.71
C THR C 315 32.45 4.28 28.73
N LEU C 316 32.81 3.01 28.58
CA LEU C 316 33.73 2.36 29.52
C LEU C 316 35.20 2.67 29.24
N GLY C 317 35.50 3.45 28.21
CA GLY C 317 36.88 3.76 27.91
C GLY C 317 37.43 2.88 26.80
N GLY C 318 37.53 3.44 25.60
CA GLY C 318 38.00 2.68 24.45
C GLY C 318 37.81 3.50 23.19
N ASP C 319 37.90 2.81 22.05
CA ASP C 319 37.69 3.49 20.79
C ASP C 319 36.25 3.99 20.70
N PRO C 320 36.03 5.23 20.30
CA PRO C 320 34.68 5.79 20.30
C PRO C 320 33.85 5.32 19.11
N VAL C 321 32.58 5.70 19.14
CA VAL C 321 31.63 5.43 18.06
C VAL C 321 31.29 6.74 17.39
N SER C 322 31.35 6.76 16.06
CA SER C 322 30.98 7.94 15.28
C SER C 322 29.63 7.74 14.61
N ALA C 323 28.96 8.85 14.34
CA ALA C 323 27.64 8.84 13.73
C ALA C 323 27.59 9.87 12.62
N LEU C 324 27.18 9.44 11.43
CA LEU C 324 26.99 10.32 10.29
C LEU C 324 25.50 10.38 9.96
N LEU C 325 24.96 11.59 9.92
CA LEU C 325 23.58 11.81 9.49
C LEU C 325 23.59 12.53 8.16
N ILE C 326 23.08 11.86 7.11
CA ILE C 326 23.07 12.40 5.76
C ILE C 326 21.65 12.74 5.38
N ASP C 327 21.44 13.97 4.90
CA ASP C 327 20.14 14.43 4.43
C ASP C 327 20.29 14.96 3.01
N ILE C 328 19.44 14.48 2.11
CA ILE C 328 19.49 14.90 0.71
C ILE C 328 18.85 16.28 0.60
N ASP C 329 19.52 17.19 -0.10
CA ASP C 329 19.06 18.56 -0.23
C ASP C 329 18.07 18.69 -1.37
N PHE C 330 16.93 19.34 -1.09
CA PHE C 330 15.92 19.67 -2.09
C PHE C 330 15.34 18.42 -2.74
N PHE C 331 14.94 17.46 -1.89
CA PHE C 331 14.38 16.23 -2.43
C PHE C 331 12.96 16.43 -2.95
N LYS C 332 12.22 17.39 -2.39
CA LYS C 332 10.90 17.72 -2.93
C LYS C 332 11.00 18.08 -4.40
N LYS C 333 12.00 18.90 -4.77
CA LYS C 333 12.13 19.33 -6.15
C LYS C 333 12.34 18.17 -7.11
N ILE C 334 13.02 17.11 -6.65
CA ILE C 334 13.16 15.91 -7.49
C ILE C 334 11.78 15.31 -7.75
N ASN C 335 10.99 15.12 -6.70
CA ASN C 335 9.64 14.57 -6.87
C ASN C 335 8.77 15.51 -7.71
N ASP C 336 8.92 16.82 -7.54
CA ASP C 336 8.11 17.76 -8.31
C ASP C 336 8.47 17.76 -9.78
N THR C 337 9.76 17.82 -10.10
CA THR C 337 10.24 17.86 -11.48
C THR C 337 10.14 16.52 -12.19
N PHE C 338 10.52 15.42 -11.54
CA PHE C 338 10.65 14.13 -12.21
C PHE C 338 9.61 13.10 -11.80
N GLY C 339 8.90 13.30 -10.70
CA GLY C 339 7.90 12.38 -10.24
C GLY C 339 8.35 11.57 -9.03
N HIS C 340 7.37 10.95 -8.37
CA HIS C 340 7.67 10.20 -7.15
C HIS C 340 8.39 8.90 -7.47
N ASP C 341 8.13 8.32 -8.65
CA ASP C 341 8.78 7.07 -9.02
C ASP C 341 10.27 7.28 -9.30
N ILE C 342 10.62 8.39 -9.94
CA ILE C 342 12.02 8.72 -10.15
C ILE C 342 12.68 9.04 -8.80
N GLY C 343 11.97 9.70 -7.91
CA GLY C 343 12.46 9.90 -6.56
C GLY C 343 12.82 8.60 -5.89
N ASP C 344 11.99 7.57 -6.06
CA ASP C 344 12.30 6.26 -5.50
C ASP C 344 13.53 5.64 -6.15
N GLU C 345 13.73 5.89 -7.45
CA GLU C 345 14.94 5.42 -8.13
C GLU C 345 16.18 6.06 -7.53
N VAL C 346 16.12 7.36 -7.22
CA VAL C 346 17.26 8.06 -6.66
C VAL C 346 17.61 7.50 -5.27
N LEU C 347 16.60 7.23 -4.45
CA LEU C 347 16.86 6.70 -3.11
C LEU C 347 17.52 5.32 -3.17
N ARG C 348 17.05 4.45 -4.07
CA ARG C 348 17.66 3.14 -4.20
C ARG C 348 19.11 3.25 -4.66
N GLU C 349 19.36 4.06 -5.69
CA GLU C 349 20.72 4.23 -6.19
C GLU C 349 21.60 4.92 -5.16
N PHE C 350 21.04 5.86 -4.40
CA PHE C 350 21.81 6.51 -3.34
C PHE C 350 22.23 5.51 -2.27
N ALA C 351 21.32 4.62 -1.87
CA ALA C 351 21.64 3.63 -0.85
C ALA C 351 22.76 2.71 -1.33
N LEU C 352 22.75 2.33 -2.61
CA LEU C 352 23.81 1.50 -3.14
C LEU C 352 25.15 2.21 -3.09
N ARG C 353 25.19 3.48 -3.53
CA ARG C 353 26.44 4.23 -3.47
C ARG C 353 26.94 4.38 -2.04
N LEU C 354 26.02 4.66 -1.10
CA LEU C 354 26.42 4.88 0.29
C LEU C 354 27.07 3.62 0.89
N ALA C 355 26.41 2.47 0.72
CA ALA C 355 26.95 1.23 1.28
C ALA C 355 28.25 0.81 0.59
N SER C 356 28.37 1.07 -0.71
CA SER C 356 29.56 0.68 -1.45
C SER C 356 30.80 1.42 -0.99
N ASN C 357 30.66 2.66 -0.52
CA ASN C 357 31.79 3.51 -0.18
C ASN C 357 32.00 3.62 1.33
N VAL C 358 31.41 2.71 2.10
CA VAL C 358 31.64 2.63 3.53
C VAL C 358 31.90 1.17 3.87
N ARG C 359 32.52 0.94 5.03
CA ARG C 359 32.90 -0.42 5.41
C ARG C 359 31.67 -1.28 5.70
N ALA C 360 31.79 -2.58 5.40
CA ALA C 360 30.73 -3.52 5.73
C ALA C 360 30.54 -3.66 7.23
N ILE C 361 31.55 -3.32 8.02
CA ILE C 361 31.40 -3.31 9.47
C ILE C 361 30.61 -2.10 9.95
N ASP C 362 30.49 -1.07 9.13
CA ASP C 362 29.67 0.09 9.45
C ASP C 362 28.19 -0.24 9.25
N LEU C 363 27.33 0.67 9.72
CA LEU C 363 25.88 0.48 9.67
C LEU C 363 25.24 1.60 8.85
N PRO C 364 25.21 1.46 7.53
CA PRO C 364 24.46 2.41 6.69
C PRO C 364 22.97 2.08 6.69
N CYS C 365 22.19 2.87 7.41
CA CYS C 365 20.76 2.61 7.59
C CYS C 365 19.95 3.78 7.06
N ARG C 366 18.69 3.51 6.76
CA ARG C 366 17.73 4.55 6.38
C ARG C 366 17.11 5.11 7.65
N TYR C 367 17.47 6.35 7.99
CA TYR C 367 17.06 6.93 9.26
C TYR C 367 15.67 7.54 9.19
N GLY C 368 15.41 8.35 8.16
CA GLY C 368 14.12 8.97 7.93
C GLY C 368 13.63 8.69 6.52
N GLY C 369 12.83 9.61 6.00
CA GLY C 369 12.33 9.48 4.65
C GLY C 369 13.44 9.56 3.63
N GLU C 370 14.07 10.74 3.52
CA GLU C 370 15.22 10.95 2.67
C GLU C 370 16.49 11.22 3.46
N GLU C 371 16.53 10.76 4.71
CA GLU C 371 17.67 10.94 5.59
C GLU C 371 18.29 9.58 5.89
N PHE C 372 19.62 9.52 5.88
CA PHE C 372 20.36 8.29 6.12
C PHE C 372 21.32 8.46 7.28
N VAL C 373 21.65 7.34 7.91
CA VAL C 373 22.60 7.31 9.03
C VAL C 373 23.68 6.28 8.74
N VAL C 374 24.91 6.61 9.11
CA VAL C 374 26.03 5.67 9.05
C VAL C 374 26.66 5.64 10.44
N ILE C 375 26.55 4.50 11.11
CA ILE C 375 27.22 4.28 12.40
C ILE C 375 28.55 3.61 12.14
N MET C 376 29.62 4.20 12.67
CA MET C 376 30.98 3.73 12.40
C MET C 376 31.66 3.34 13.70
N PRO C 377 31.71 2.06 14.04
CA PRO C 377 32.34 1.65 15.32
C PRO C 377 33.85 1.76 15.25
N ASP C 378 34.45 2.00 16.42
CA ASP C 378 35.90 2.15 16.55
C ASP C 378 36.43 3.24 15.61
N THR C 379 35.81 4.41 15.70
CA THR C 379 36.12 5.52 14.81
C THR C 379 36.04 6.82 15.58
N ALA C 380 37.01 7.70 15.36
CA ALA C 380 37.10 8.98 16.06
C ALA C 380 36.44 10.08 15.24
N LEU C 381 36.16 11.20 15.92
CA LEU C 381 35.49 12.31 15.27
C LEU C 381 36.32 12.87 14.11
N ALA C 382 37.64 13.01 14.32
CA ALA C 382 38.49 13.58 13.28
C ALA C 382 38.43 12.77 11.99
N ASP C 383 38.46 11.44 12.10
CA ASP C 383 38.35 10.60 10.91
C ASP C 383 36.95 10.66 10.32
N ALA C 384 35.93 10.58 11.19
CA ALA C 384 34.54 10.66 10.73
C ALA C 384 34.29 11.88 9.86
N LEU C 385 34.90 13.02 10.23
CA LEU C 385 34.75 14.22 9.41
C LEU C 385 35.37 14.03 8.03
N ARG C 386 36.54 13.40 7.97
CA ARG C 386 37.15 13.15 6.67
C ARG C 386 36.41 12.08 5.89
N ILE C 387 35.77 11.14 6.58
CA ILE C 387 34.97 10.12 5.90
C ILE C 387 33.73 10.74 5.29
N ALA C 388 33.06 11.63 6.02
CA ALA C 388 31.90 12.34 5.47
C ALA C 388 32.27 13.10 4.21
N GLU C 389 33.47 13.68 4.17
CA GLU C 389 33.93 14.37 2.97
C GLU C 389 34.11 13.39 1.82
N ARG C 390 34.62 12.20 2.11
CA ARG C 390 34.74 11.17 1.06
C ARG C 390 33.37 10.76 0.55
N ILE C 391 32.39 10.61 1.45
CA ILE C 391 31.04 10.20 1.05
C ILE C 391 30.41 11.28 0.17
N ARG C 392 30.51 12.54 0.59
CA ARG C 392 29.90 13.64 -0.16
C ARG C 392 30.43 13.70 -1.58
N MET C 393 31.74 13.49 -1.76
CA MET C 393 32.32 13.58 -3.10
C MET C 393 31.86 12.42 -3.99
N HIS C 394 31.61 11.24 -3.42
CA HIS C 394 31.21 10.11 -4.24
C HIS C 394 29.74 10.19 -4.66
N VAL C 395 28.88 10.68 -3.78
CA VAL C 395 27.45 10.80 -4.12
C VAL C 395 27.17 12.09 -4.89
N SER C 396 27.84 13.19 -4.56
CA SER C 396 27.59 14.46 -5.22
C SER C 396 28.47 14.67 -6.44
N GLY C 397 29.59 13.94 -6.54
CA GLY C 397 30.47 14.10 -7.68
C GLY C 397 29.96 13.44 -8.95
N SER C 398 29.09 12.44 -8.82
CA SER C 398 28.60 11.72 -9.98
C SER C 398 27.09 11.90 -10.12
N PRO C 399 26.60 12.08 -11.34
CA PRO C 399 25.16 12.23 -11.54
C PRO C 399 24.43 10.91 -11.42
N PHE C 400 23.12 11.01 -11.16
CA PHE C 400 22.24 9.86 -11.03
C PHE C 400 21.49 9.68 -12.34
N THR C 401 21.66 8.52 -12.97
CA THR C 401 20.95 8.19 -14.20
C THR C 401 19.62 7.53 -13.84
N VAL C 402 18.53 8.10 -14.34
CA VAL C 402 17.19 7.64 -14.01
C VAL C 402 16.37 7.51 -15.28
N ALA C 403 15.17 6.94 -15.12
CA ALA C 403 14.19 6.81 -16.20
C ALA C 403 14.71 5.89 -17.30
N HIS C 404 15.31 4.77 -16.90
CA HIS C 404 15.91 3.81 -17.83
C HIS C 404 16.91 4.49 -18.76
N GLY C 405 17.72 5.39 -18.20
CA GLY C 405 18.72 6.08 -18.99
C GLY C 405 18.25 7.34 -19.68
N ARG C 406 16.97 7.70 -19.56
CA ARG C 406 16.46 8.85 -20.29
C ARG C 406 16.85 10.18 -19.63
N GLU C 407 17.07 10.18 -18.32
CA GLU C 407 17.31 11.41 -17.58
C GLU C 407 18.53 11.27 -16.69
N MET C 408 19.25 12.38 -16.52
CA MET C 408 20.38 12.47 -15.62
C MET C 408 20.10 13.57 -14.61
N LEU C 409 20.50 13.35 -13.36
CA LEU C 409 20.18 14.26 -12.29
C LEU C 409 21.36 14.37 -11.33
N ASN C 410 21.60 15.59 -10.85
CA ASN C 410 22.63 15.84 -9.85
C ASN C 410 21.99 15.97 -8.47
N VAL C 411 22.72 15.56 -7.44
CA VAL C 411 22.23 15.59 -6.07
C VAL C 411 23.34 16.12 -5.17
N THR C 412 22.94 16.88 -4.15
CA THR C 412 23.83 17.36 -3.10
C THR C 412 23.24 17.01 -1.74
N ILE C 413 24.11 16.85 -0.75
CA ILE C 413 23.73 16.34 0.57
C ILE C 413 24.40 17.18 1.66
N SER C 414 23.70 17.31 2.79
CA SER C 414 24.24 17.91 4.02
C SER C 414 24.45 16.82 5.06
N ILE C 415 25.61 16.87 5.73
CA ILE C 415 26.01 15.84 6.68
C ILE C 415 26.26 16.47 8.05
N GLY C 416 25.80 15.80 9.10
CA GLY C 416 26.14 16.15 10.47
C GLY C 416 26.84 14.99 11.15
N VAL C 417 27.92 15.30 11.87
CA VAL C 417 28.83 14.29 12.39
C VAL C 417 28.94 14.43 13.91
N SER C 418 29.00 13.29 14.60
CA SER C 418 29.17 13.26 16.05
C SER C 418 29.92 11.99 16.43
N ALA C 419 30.55 12.03 17.62
CA ALA C 419 31.29 10.89 18.15
C ALA C 419 31.03 10.78 19.65
N THR C 420 31.16 9.55 20.17
CA THR C 420 30.91 9.25 21.57
C THR C 420 32.15 9.51 22.40
N ALA C 421 32.25 10.73 22.94
CA ALA C 421 33.25 11.09 23.93
C ALA C 421 32.54 11.30 25.26
N GLY C 422 32.92 10.52 26.27
CA GLY C 422 32.41 10.76 27.61
C GLY C 422 31.96 9.54 28.38
N GLU C 423 31.85 9.67 29.70
CA GLU C 423 31.46 8.56 30.55
C GLU C 423 29.96 8.33 30.57
N GLY C 424 29.16 9.39 30.44
CA GLY C 424 27.72 9.25 30.55
C GLY C 424 27.00 9.51 29.26
N ASP C 425 27.69 9.37 28.13
CA ASP C 425 27.05 9.59 26.84
C ASP C 425 26.00 8.51 26.59
N THR C 426 25.02 8.84 25.76
CA THR C 426 23.89 7.98 25.45
C THR C 426 23.67 7.96 23.95
N PRO C 427 23.00 6.93 23.43
CA PRO C 427 22.66 6.93 22.00
C PRO C 427 21.85 8.16 21.58
N GLU C 428 20.90 8.58 22.41
CA GLU C 428 20.08 9.74 22.08
C GLU C 428 20.93 11.01 21.98
N ALA C 429 21.84 11.21 22.93
CA ALA C 429 22.70 12.40 22.89
C ALA C 429 23.59 12.38 21.66
N LEU C 430 24.11 11.21 21.30
CA LEU C 430 24.97 11.11 20.12
C LEU C 430 24.22 11.51 18.86
N LEU C 431 22.98 11.03 18.71
CA LEU C 431 22.21 11.35 17.51
C LEU C 431 21.72 12.80 17.54
N LYS C 432 21.34 13.30 18.72
CA LYS C 432 20.93 14.69 18.84
C LYS C 432 22.06 15.63 18.43
N ARG C 433 23.30 15.26 18.76
CA ARG C 433 24.43 16.09 18.33
C ARG C 433 24.63 16.03 16.83
N ALA C 434 24.31 14.89 16.19
CA ALA C 434 24.40 14.81 14.74
C ALA C 434 23.26 15.56 14.07
N ASP C 435 22.06 15.55 14.69
CA ASP C 435 20.95 16.34 14.15
C ASP C 435 21.33 17.81 14.05
N GLU C 436 21.88 18.39 15.13
CA GLU C 436 22.34 19.76 15.10
C GLU C 436 23.33 19.99 13.96
N GLY C 437 24.24 19.04 13.75
CA GLY C 437 25.15 19.15 12.62
C GLY C 437 24.40 19.31 11.30
N VAL C 438 23.36 18.51 11.10
CA VAL C 438 22.60 18.58 9.85
C VAL C 438 21.85 19.89 9.76
N TYR C 439 21.20 20.31 10.86
CA TYR C 439 20.43 21.56 10.84
C TYR C 439 21.32 22.76 10.59
N GLN C 440 22.52 22.80 11.19
CA GLN C 440 23.43 23.91 10.92
C GLN C 440 24.00 23.83 9.52
N ALA C 441 24.26 22.61 9.02
CA ALA C 441 24.73 22.47 7.65
C ALA C 441 23.67 22.90 6.65
N LYS C 442 22.39 22.63 6.96
CA LYS C 442 21.31 23.06 6.10
C LYS C 442 21.13 24.58 6.14
N ALA C 443 21.32 25.19 7.31
CA ALA C 443 21.11 26.63 7.45
C ALA C 443 22.18 27.42 6.69
N SER C 444 23.44 26.99 6.77
CA SER C 444 24.53 27.71 6.11
C SER C 444 24.79 27.16 4.71
N GLY C 445 23.77 27.28 3.87
CA GLY C 445 23.85 26.74 2.53
C GLY C 445 23.55 25.25 2.50
N ARG C 446 24.04 24.60 1.44
CA ARG C 446 23.88 23.17 1.28
C ARG C 446 25.22 22.55 0.91
N ASN C 447 25.24 21.22 0.86
CA ASN C 447 26.41 20.45 0.44
C ASN C 447 27.63 20.74 1.31
N ALA C 448 27.46 20.56 2.62
CA ALA C 448 28.51 20.79 3.59
C ALA C 448 28.45 19.74 4.68
N VAL C 449 29.52 19.68 5.47
CA VAL C 449 29.61 18.80 6.63
C VAL C 449 29.83 19.66 7.86
N VAL C 450 29.16 19.30 8.96
CA VAL C 450 29.23 20.02 10.21
C VAL C 450 29.39 19.02 11.34
N GLY C 451 30.38 19.23 12.19
CA GLY C 451 30.63 18.37 13.34
C GLY C 451 30.33 19.08 14.62
N LYS C 452 29.52 18.44 15.47
CA LYS C 452 29.24 18.95 16.80
C LYS C 452 29.68 17.92 17.84
N SER D 2 -8.44 36.25 -24.57
CA SER D 2 -9.27 35.08 -24.81
C SER D 2 -8.61 34.13 -25.81
N ALA D 3 -9.41 33.61 -26.74
CA ALA D 3 -8.94 32.64 -27.72
C ALA D 3 -8.43 33.34 -28.97
N ARG D 4 -7.38 32.76 -29.56
CA ARG D 4 -6.67 33.36 -30.69
C ARG D 4 -7.08 32.65 -31.98
N ILE D 5 -7.61 33.43 -32.93
CA ILE D 5 -8.16 32.92 -34.19
C ILE D 5 -7.39 33.50 -35.36
N LEU D 6 -7.08 32.65 -36.33
CA LEU D 6 -6.45 33.06 -37.58
C LEU D 6 -7.46 32.96 -38.71
N VAL D 7 -7.71 34.07 -39.39
CA VAL D 7 -8.68 34.15 -40.49
C VAL D 7 -7.91 34.28 -41.80
N VAL D 8 -8.25 33.45 -42.78
CA VAL D 8 -7.53 33.37 -44.05
C VAL D 8 -8.53 33.42 -45.19
N ASP D 9 -8.41 34.46 -46.02
CA ASP D 9 -9.22 34.59 -47.23
C ASP D 9 -8.46 35.46 -48.22
N ASP D 10 -8.60 35.15 -49.51
CA ASP D 10 -7.89 35.92 -50.53
C ASP D 10 -8.47 37.33 -50.68
N ILE D 11 -9.74 37.53 -50.34
CA ILE D 11 -10.41 38.81 -50.49
C ILE D 11 -10.37 39.53 -49.15
N GLU D 12 -9.80 40.74 -49.14
CA GLU D 12 -9.57 41.45 -47.88
C GLU D 12 -10.90 41.80 -47.20
N ALA D 13 -11.92 42.13 -47.98
CA ALA D 13 -13.21 42.49 -47.38
C ALA D 13 -13.80 41.34 -46.57
N ASN D 14 -13.67 40.11 -47.07
CA ASN D 14 -14.11 38.95 -46.30
C ASN D 14 -13.34 38.84 -45.00
N VAL D 15 -12.03 39.10 -45.04
CA VAL D 15 -11.20 38.98 -43.84
C VAL D 15 -11.58 40.04 -42.82
N ARG D 16 -11.75 41.29 -43.27
CA ARG D 16 -12.10 42.37 -42.34
C ARG D 16 -13.48 42.16 -41.75
N LEU D 17 -14.40 41.61 -42.55
CA LEU D 17 -15.75 41.32 -42.06
C LEU D 17 -15.70 40.32 -40.90
N LEU D 18 -14.97 39.21 -41.08
CA LEU D 18 -14.88 38.19 -40.04
C LEU D 18 -14.14 38.72 -38.81
N GLU D 19 -13.04 39.45 -39.02
CA GLU D 19 -12.27 40.01 -37.92
C GLU D 19 -13.14 40.87 -37.01
N ALA D 20 -14.00 41.71 -37.62
CA ALA D 20 -14.86 42.59 -36.83
C ALA D 20 -15.85 41.80 -35.99
N LYS D 21 -16.49 40.79 -36.57
CA LYS D 21 -17.49 40.01 -35.82
C LYS D 21 -16.84 39.29 -34.63
N LEU D 22 -15.67 38.71 -34.85
CA LEU D 22 -15.02 37.91 -33.82
C LEU D 22 -14.44 38.80 -32.72
N THR D 23 -13.88 39.95 -33.10
CA THR D 23 -13.37 40.88 -32.11
C THR D 23 -14.49 41.45 -31.25
N ALA D 24 -15.69 41.61 -31.81
CA ALA D 24 -16.82 42.08 -31.02
C ALA D 24 -17.19 41.09 -29.93
N GLU D 25 -16.88 39.80 -30.14
CA GLU D 25 -17.13 38.75 -29.16
C GLU D 25 -15.89 38.43 -28.34
N TYR D 26 -14.96 39.39 -28.23
CA TYR D 26 -13.82 39.31 -27.32
C TYR D 26 -12.83 38.23 -27.74
N TYR D 27 -12.65 38.06 -29.03
CA TYR D 27 -11.65 37.15 -29.59
C TYR D 27 -10.45 37.94 -30.11
N GLU D 28 -9.28 37.33 -29.99
CA GLU D 28 -8.04 37.91 -30.51
C GLU D 28 -7.80 37.34 -31.91
N VAL D 29 -7.86 38.20 -32.93
CA VAL D 29 -7.94 37.78 -34.32
C VAL D 29 -6.68 38.21 -35.06
N SER D 30 -6.06 37.27 -35.76
CA SER D 30 -5.02 37.55 -36.74
C SER D 30 -5.53 37.23 -38.13
N THR D 31 -4.88 37.80 -39.14
CA THR D 31 -5.38 37.70 -40.51
C THR D 31 -4.25 37.34 -41.48
N ALA D 32 -4.61 36.61 -42.52
CA ALA D 32 -3.71 36.30 -43.63
C ALA D 32 -4.52 36.27 -44.92
N MET D 33 -3.88 36.65 -46.02
CA MET D 33 -4.59 36.79 -47.29
C MET D 33 -4.07 35.85 -48.37
N ASP D 34 -3.22 34.89 -48.01
CA ASP D 34 -2.81 33.85 -48.94
C ASP D 34 -2.28 32.67 -48.16
N GLY D 35 -2.09 31.56 -48.85
CA GLY D 35 -1.68 30.31 -48.24
C GLY D 35 -0.32 30.38 -47.56
N PRO D 36 0.73 30.73 -48.32
CA PRO D 36 2.07 30.84 -47.71
C PRO D 36 2.11 31.69 -46.45
N THR D 37 1.44 32.85 -46.47
CA THR D 37 1.42 33.72 -45.30
C THR D 37 0.69 33.06 -44.13
N ALA D 38 -0.42 32.38 -44.41
CA ALA D 38 -1.16 31.71 -43.34
C ALA D 38 -0.34 30.60 -42.70
N LEU D 39 0.38 29.82 -43.52
CA LEU D 39 1.20 28.75 -42.96
C LEU D 39 2.34 29.30 -42.12
N ALA D 40 2.95 30.40 -42.58
CA ALA D 40 4.03 31.00 -41.78
C ALA D 40 3.49 31.56 -40.48
N MET D 41 2.34 32.23 -40.52
CA MET D 41 1.76 32.78 -39.30
C MET D 41 1.32 31.67 -38.35
N ALA D 42 0.73 30.60 -38.88
CA ALA D 42 0.25 29.52 -38.01
C ALA D 42 1.40 28.86 -37.26
N ALA D 43 2.52 28.62 -37.95
CA ALA D 43 3.68 28.05 -37.29
C ALA D 43 4.30 29.01 -36.30
N ARG D 44 4.21 30.31 -36.58
CA ARG D 44 4.82 31.33 -35.72
C ARG D 44 3.99 31.57 -34.46
N ASP D 45 2.69 31.76 -34.61
CA ASP D 45 1.81 32.15 -33.50
C ASP D 45 1.12 30.97 -32.83
N LEU D 46 1.05 29.81 -33.50
CA LEU D 46 0.36 28.62 -33.01
C LEU D 46 -1.04 29.00 -32.53
N PRO D 47 -1.93 29.35 -33.44
CA PRO D 47 -3.27 29.80 -33.04
C PRO D 47 -4.10 28.66 -32.45
N ASP D 48 -5.27 29.02 -31.96
CA ASP D 48 -6.20 28.06 -31.38
C ASP D 48 -7.17 27.50 -32.40
N ILE D 49 -7.65 28.35 -33.32
CA ILE D 49 -8.55 27.94 -34.38
C ILE D 49 -8.13 28.66 -35.66
N ILE D 50 -8.26 27.97 -36.79
CA ILE D 50 -7.99 28.56 -38.09
C ILE D 50 -9.29 28.52 -38.91
N LEU D 51 -9.72 29.69 -39.37
CA LEU D 51 -10.83 29.80 -40.32
C LEU D 51 -10.23 30.03 -41.70
N LEU D 52 -10.53 29.11 -42.63
CA LEU D 52 -9.76 29.00 -43.86
C LEU D 52 -10.71 28.89 -45.06
N ASP D 53 -10.51 29.79 -46.04
CA ASP D 53 -11.25 29.73 -47.29
C ASP D 53 -10.75 28.56 -48.13
N VAL D 54 -11.68 27.83 -48.75
CA VAL D 54 -11.26 26.69 -49.56
C VAL D 54 -10.70 27.14 -50.90
N MET D 55 -11.21 28.23 -51.46
CA MET D 55 -10.82 28.67 -52.80
C MET D 55 -10.00 29.96 -52.69
N MET D 56 -8.69 29.83 -52.87
CA MET D 56 -7.68 30.88 -52.87
C MET D 56 -6.77 30.64 -54.07
N PRO D 57 -6.32 31.71 -54.75
CA PRO D 57 -5.45 31.52 -55.92
C PRO D 57 -4.00 31.21 -55.61
N GLY D 58 -3.39 30.29 -56.35
CA GLY D 58 -2.00 29.92 -56.17
C GLY D 58 -1.75 28.86 -55.11
N MET D 59 -2.63 28.75 -54.14
CA MET D 59 -2.60 27.73 -53.10
C MET D 59 -3.99 27.66 -52.49
N ASP D 60 -4.72 26.59 -52.79
CA ASP D 60 -6.06 26.45 -52.25
C ASP D 60 -6.04 26.07 -50.78
N GLY D 61 -7.22 26.22 -50.15
CA GLY D 61 -7.35 25.90 -48.74
C GLY D 61 -7.07 24.45 -48.43
N PHE D 62 -7.47 23.54 -49.32
CA PHE D 62 -7.18 22.13 -49.11
C PHE D 62 -5.69 21.90 -48.97
N THR D 63 -4.89 22.55 -49.82
CA THR D 63 -3.44 22.41 -49.73
C THR D 63 -2.91 22.97 -48.42
N VAL D 64 -3.43 24.13 -47.99
CA VAL D 64 -3.02 24.73 -46.72
C VAL D 64 -3.33 23.80 -45.57
N CYS D 65 -4.53 23.21 -45.58
CA CYS D 65 -4.94 22.27 -44.54
C CYS D 65 -4.01 21.07 -44.51
N ARG D 66 -3.73 20.49 -45.67
CA ARG D 66 -2.84 19.33 -45.75
C ARG D 66 -1.46 19.66 -45.23
N LYS D 67 -0.96 20.87 -45.54
CA LYS D 67 0.35 21.27 -45.04
C LYS D 67 0.32 21.58 -43.55
N LEU D 68 -0.82 22.04 -43.03
CA LEU D 68 -0.94 22.26 -41.60
C LEU D 68 -0.86 20.95 -40.83
N LYS D 69 -1.45 19.89 -41.37
CA LYS D 69 -1.41 18.58 -40.72
C LYS D 69 -0.07 17.89 -40.90
N ASP D 70 0.70 18.27 -41.91
CA ASP D 70 2.02 17.68 -42.10
C ASP D 70 3.01 18.19 -41.06
N ASP D 71 2.98 19.48 -40.77
CA ASP D 71 3.82 20.05 -39.72
C ASP D 71 3.39 19.49 -38.37
N PRO D 72 4.28 18.83 -37.62
CA PRO D 72 3.87 18.28 -36.32
C PRO D 72 3.57 19.35 -35.28
N THR D 73 4.06 20.57 -35.44
CA THR D 73 3.81 21.62 -34.46
C THR D 73 2.43 22.27 -34.63
N THR D 74 1.79 22.11 -35.78
CA THR D 74 0.49 22.69 -36.02
C THR D 74 -0.59 21.65 -36.30
N ARG D 75 -0.25 20.36 -36.25
CA ARG D 75 -1.19 19.29 -36.58
C ARG D 75 -2.41 19.32 -35.67
N HIS D 76 -2.26 19.81 -34.43
CA HIS D 76 -3.33 19.73 -33.44
C HIS D 76 -4.36 20.83 -33.57
N ILE D 77 -4.09 21.88 -34.35
CA ILE D 77 -4.97 23.04 -34.42
C ILE D 77 -6.21 22.74 -35.25
N PRO D 78 -7.41 22.82 -34.67
CA PRO D 78 -8.62 22.62 -35.47
C PRO D 78 -8.72 23.63 -36.61
N VAL D 79 -9.08 23.14 -37.79
CA VAL D 79 -9.23 23.94 -38.99
C VAL D 79 -10.67 23.87 -39.46
N VAL D 80 -11.28 25.04 -39.68
CA VAL D 80 -12.61 25.15 -40.28
C VAL D 80 -12.44 25.65 -41.71
N LEU D 81 -13.08 24.95 -42.64
CA LEU D 81 -13.04 25.35 -44.05
C LEU D 81 -14.28 26.15 -44.41
N ILE D 82 -14.07 27.35 -44.95
CA ILE D 82 -15.15 28.20 -45.42
C ILE D 82 -15.37 27.92 -46.90
N THR D 83 -16.53 27.37 -47.24
CA THR D 83 -16.88 27.02 -48.60
C THR D 83 -17.91 28.01 -49.15
N ALA D 84 -18.33 27.77 -50.38
CA ALA D 84 -19.40 28.54 -50.98
C ALA D 84 -20.69 27.73 -50.86
N LEU D 85 -21.77 28.18 -51.52
CA LEU D 85 -23.04 27.46 -51.42
C LEU D 85 -22.94 26.07 -52.02
N ASP D 86 -22.25 25.92 -53.15
CA ASP D 86 -22.12 24.63 -53.83
C ASP D 86 -20.84 23.92 -53.37
N GLY D 87 -20.84 23.51 -52.10
CA GLY D 87 -19.64 22.91 -51.54
C GLY D 87 -19.64 21.42 -51.25
N ARG D 88 -20.49 20.64 -51.93
CA ARG D 88 -20.49 19.19 -51.72
C ARG D 88 -19.10 18.61 -51.97
N GLY D 89 -18.54 18.89 -53.15
CA GLY D 89 -17.20 18.43 -53.46
C GLY D 89 -16.16 19.01 -52.53
N ASP D 90 -16.34 20.27 -52.14
CA ASP D 90 -15.41 20.91 -51.21
C ASP D 90 -15.37 20.18 -49.88
N ARG D 91 -16.52 19.78 -49.35
CA ARG D 91 -16.57 19.15 -48.03
C ARG D 91 -15.96 17.76 -48.05
N ILE D 92 -16.19 16.99 -49.12
CA ILE D 92 -15.59 15.66 -49.21
C ILE D 92 -14.06 15.78 -49.27
N GLN D 93 -13.56 16.66 -50.13
CA GLN D 93 -12.11 16.88 -50.18
C GLN D 93 -11.63 17.59 -48.93
N GLY D 94 -12.49 18.37 -48.28
CA GLY D 94 -12.11 19.01 -47.04
C GLY D 94 -11.82 18.02 -45.93
N LEU D 95 -12.70 17.02 -45.78
CA LEU D 95 -12.48 15.98 -44.78
C LEU D 95 -11.23 15.19 -45.10
N GLU D 96 -10.99 14.88 -46.38
CA GLU D 96 -9.78 14.17 -46.76
C GLU D 96 -8.53 14.99 -46.44
N SER D 97 -8.62 16.32 -46.54
CA SER D 97 -7.48 17.17 -46.22
C SER D 97 -7.25 17.31 -44.72
N GLY D 98 -8.23 16.93 -43.90
CA GLY D 98 -8.10 16.98 -42.46
C GLY D 98 -8.82 18.12 -41.79
N ALA D 99 -9.89 18.64 -42.38
CA ALA D 99 -10.64 19.73 -41.76
C ALA D 99 -11.44 19.22 -40.57
N SER D 100 -11.59 20.07 -39.56
CA SER D 100 -12.37 19.73 -38.38
C SER D 100 -13.87 19.91 -38.64
N ASP D 101 -14.25 21.02 -39.27
CA ASP D 101 -15.65 21.28 -39.55
C ASP D 101 -15.73 22.29 -40.70
N PHE D 102 -16.95 22.74 -41.01
CA PHE D 102 -17.15 23.58 -42.19
C PHE D 102 -18.08 24.74 -41.83
N LEU D 103 -17.85 25.86 -42.51
CA LEU D 103 -18.78 26.99 -42.56
C LEU D 103 -19.03 27.36 -44.01
N THR D 104 -20.23 27.85 -44.29
CA THR D 104 -20.63 28.22 -45.63
C THR D 104 -20.87 29.72 -45.74
N LYS D 105 -20.42 30.33 -46.91
CA LYS D 105 -20.68 31.74 -47.14
C LYS D 105 -21.97 31.93 -47.93
N PRO D 106 -22.71 33.01 -47.65
CA PRO D 106 -22.40 34.13 -46.74
C PRO D 106 -22.46 33.75 -45.27
N ILE D 107 -21.61 34.36 -44.45
CA ILE D 107 -21.38 33.91 -43.08
C ILE D 107 -22.62 34.17 -42.24
N ASP D 108 -23.15 33.12 -41.62
CA ASP D 108 -24.27 33.21 -40.69
C ASP D 108 -23.71 33.33 -39.28
N ASP D 109 -24.03 34.44 -38.60
CA ASP D 109 -23.42 34.71 -37.29
C ASP D 109 -23.75 33.62 -36.28
N VAL D 110 -24.98 33.09 -36.31
CA VAL D 110 -25.35 32.03 -35.38
C VAL D 110 -24.49 30.80 -35.62
N MET D 111 -24.34 30.39 -36.89
CA MET D 111 -23.51 29.24 -37.21
C MET D 111 -22.04 29.50 -36.94
N LEU D 112 -21.57 30.72 -37.19
CA LEU D 112 -20.18 31.07 -36.97
C LEU D 112 -19.79 30.90 -35.50
N PHE D 113 -20.54 31.56 -34.60
CA PHE D 113 -20.16 31.51 -33.19
C PHE D 113 -20.46 30.16 -32.57
N ALA D 114 -21.45 29.43 -33.09
CA ALA D 114 -21.68 28.07 -32.61
C ALA D 114 -20.47 27.20 -32.87
N ARG D 115 -19.94 27.26 -34.10
CA ARG D 115 -18.76 26.46 -34.43
C ARG D 115 -17.54 26.90 -33.61
N VAL D 116 -17.31 28.22 -33.52
CA VAL D 116 -16.15 28.73 -32.81
C VAL D 116 -16.21 28.34 -31.33
N ARG D 117 -17.35 28.60 -30.68
CA ARG D 117 -17.50 28.24 -29.28
C ARG D 117 -17.28 26.74 -29.06
N SER D 118 -17.84 25.91 -29.94
CA SER D 118 -17.65 24.46 -29.84
C SER D 118 -16.17 24.09 -29.94
N LEU D 119 -15.47 24.65 -30.94
CA LEU D 119 -14.10 24.24 -31.19
C LEU D 119 -13.10 24.87 -30.24
N THR D 120 -13.43 26.02 -29.64
CA THR D 120 -12.55 26.57 -28.61
C THR D 120 -12.56 25.69 -27.36
N ARG D 121 -13.74 25.18 -26.99
CA ARG D 121 -13.83 24.25 -25.88
C ARG D 121 -13.05 22.97 -26.17
N PHE D 122 -13.11 22.48 -27.40
CA PHE D 122 -12.32 21.32 -27.79
C PHE D 122 -10.83 21.64 -27.71
N LYS D 123 -10.44 22.86 -28.09
CA LYS D 123 -9.03 23.25 -28.02
C LYS D 123 -8.51 23.22 -26.59
N LEU D 124 -9.37 23.48 -25.60
CA LEU D 124 -8.93 23.49 -24.21
C LEU D 124 -8.41 22.12 -23.78
N VAL D 125 -9.19 21.07 -24.03
CA VAL D 125 -8.75 19.72 -23.65
C VAL D 125 -7.58 19.28 -24.53
N ILE D 126 -7.58 19.66 -25.81
CA ILE D 126 -6.43 19.37 -26.67
C ILE D 126 -5.15 19.91 -26.04
N ASP D 127 -5.17 21.17 -25.60
CA ASP D 127 -4.00 21.76 -24.97
C ASP D 127 -3.64 21.03 -23.68
N GLU D 128 -4.64 20.69 -22.87
CA GLU D 128 -4.37 20.03 -21.59
C GLU D 128 -3.77 18.64 -21.80
N LEU D 129 -4.30 17.87 -22.75
CA LEU D 129 -3.76 16.54 -23.01
C LEU D 129 -2.32 16.61 -23.50
N ARG D 130 -2.01 17.59 -24.35
CA ARG D 130 -0.63 17.74 -24.82
C ARG D 130 0.28 18.18 -23.69
N GLN D 131 -0.23 19.00 -22.78
CA GLN D 131 0.56 19.40 -21.62
C GLN D 131 0.85 18.20 -20.71
N ARG D 132 -0.15 17.33 -20.50
CA ARG D 132 0.08 16.12 -19.73
C ARG D 132 1.13 15.23 -20.39
N GLU D 133 1.06 15.08 -21.71
CA GLU D 133 1.99 14.23 -22.43
C GLU D 133 3.42 14.77 -22.38
N ALA D 134 3.59 16.09 -22.36
CA ALA D 134 4.91 16.67 -22.21
C ALA D 134 5.50 16.32 -20.84
N SER D 135 4.69 16.48 -19.78
CA SER D 135 5.17 16.13 -18.44
C SER D 135 5.46 14.65 -18.32
N GLY D 136 4.67 13.81 -19.01
CA GLY D 136 4.92 12.38 -18.99
C GLY D 136 6.25 12.01 -19.63
N ARG D 137 6.65 12.74 -20.67
CA ARG D 137 7.97 12.51 -21.26
C ARG D 137 9.08 12.93 -20.31
N ARG D 138 8.91 14.05 -19.61
CA ARG D 138 9.90 14.48 -18.64
C ARG D 138 10.03 13.49 -17.50
N MET D 139 8.95 12.77 -17.17
CA MET D 139 8.96 11.76 -16.14
C MET D 139 9.28 10.37 -16.69
N GLY D 140 9.80 10.29 -17.92
CA GLY D 140 10.23 9.03 -18.49
C GLY D 140 9.10 8.10 -18.89
N VAL D 141 8.14 8.62 -19.66
CA VAL D 141 7.04 7.81 -20.16
C VAL D 141 6.76 8.13 -21.63
N ALA D 147 -5.81 4.23 -24.13
CA ALA D 147 -7.24 4.46 -24.31
C ALA D 147 -7.57 4.85 -25.76
N ARG D 148 -8.85 4.88 -26.08
CA ARG D 148 -9.32 5.22 -27.42
C ARG D 148 -9.56 6.72 -27.52
N LEU D 149 -8.77 7.40 -28.36
CA LEU D 149 -8.81 8.85 -28.42
C LEU D 149 -9.08 9.39 -29.82
N ASP D 150 -9.62 8.57 -30.72
CA ASP D 150 -10.14 9.10 -31.96
C ASP D 150 -11.61 9.49 -31.76
N GLY D 151 -12.27 9.91 -32.83
CA GLY D 151 -13.67 10.28 -32.73
C GLY D 151 -14.60 9.25 -33.31
N LEU D 152 -14.13 8.01 -33.46
CA LEU D 152 -14.86 6.96 -34.15
C LEU D 152 -15.34 5.89 -33.18
N GLY D 153 -16.31 5.10 -33.63
CA GLY D 153 -16.78 3.96 -32.88
C GLY D 153 -17.65 4.27 -31.68
N GLY D 154 -18.31 5.43 -31.66
CA GLY D 154 -19.13 5.81 -30.53
C GLY D 154 -20.56 5.33 -30.64
N ARG D 155 -21.22 5.22 -29.48
CA ARG D 155 -22.64 4.92 -29.41
C ARG D 155 -23.40 6.24 -29.51
N VAL D 156 -24.10 6.44 -30.62
CA VAL D 156 -24.81 7.67 -30.91
C VAL D 156 -26.31 7.40 -30.81
N LEU D 157 -27.01 8.23 -30.03
CA LEU D 157 -28.43 8.06 -29.77
C LEU D 157 -29.20 9.10 -30.58
N ILE D 158 -29.99 8.63 -31.56
CA ILE D 158 -30.77 9.50 -32.44
C ILE D 158 -32.19 9.55 -31.89
N VAL D 159 -32.61 10.73 -31.45
CA VAL D 159 -33.95 10.94 -30.90
C VAL D 159 -34.74 11.73 -31.94
N ASP D 160 -35.60 11.03 -32.69
CA ASP D 160 -36.31 11.64 -33.80
C ASP D 160 -37.51 10.79 -34.17
N ASP D 161 -38.63 11.47 -34.48
CA ASP D 161 -39.83 10.78 -34.93
C ASP D 161 -39.94 10.70 -36.44
N ASN D 162 -39.21 11.55 -37.18
CA ASN D 162 -39.13 11.45 -38.63
C ASN D 162 -38.35 10.20 -38.97
N GLU D 163 -39.07 9.16 -39.43
CA GLU D 163 -38.41 7.89 -39.73
C GLU D 163 -37.42 8.04 -40.88
N ARG D 164 -37.84 8.66 -41.98
CA ARG D 164 -36.97 8.79 -43.14
C ARG D 164 -35.68 9.53 -42.78
N GLN D 165 -35.78 10.58 -41.97
CA GLN D 165 -34.59 11.31 -41.55
C GLN D 165 -33.72 10.46 -40.65
N ALA D 166 -34.31 9.85 -39.62
CA ALA D 166 -33.55 9.03 -38.68
C ALA D 166 -32.84 7.88 -39.38
N GLN D 167 -33.52 7.21 -40.30
CA GLN D 167 -32.90 6.11 -41.03
C GLN D 167 -31.71 6.60 -41.85
N ARG D 168 -31.85 7.77 -42.49
CA ARG D 168 -30.74 8.32 -43.26
C ARG D 168 -29.57 8.70 -42.36
N VAL D 169 -29.85 9.33 -41.21
CA VAL D 169 -28.79 9.70 -40.28
C VAL D 169 -28.09 8.45 -39.76
N ALA D 170 -28.87 7.44 -39.37
CA ALA D 170 -28.27 6.21 -38.87
C ALA D 170 -27.44 5.51 -39.94
N ALA D 171 -27.89 5.57 -41.20
CA ALA D 171 -27.12 4.96 -42.28
C ALA D 171 -25.79 5.68 -42.49
N GLU D 172 -25.81 7.02 -42.48
CA GLU D 172 -24.58 7.78 -42.62
C GLU D 172 -23.63 7.50 -41.45
N LEU D 173 -24.18 7.37 -40.24
CA LEU D 173 -23.37 7.11 -39.06
C LEU D 173 -23.04 5.64 -38.87
N GLY D 174 -23.63 4.74 -39.66
CA GLY D 174 -23.48 3.31 -39.41
C GLY D 174 -22.17 2.72 -39.85
N VAL D 175 -21.34 3.49 -40.54
CA VAL D 175 -20.07 2.97 -41.03
C VAL D 175 -18.94 3.28 -40.06
N GLU D 176 -19.04 4.39 -39.34
CA GLU D 176 -18.00 4.83 -38.42
C GLU D 176 -18.39 4.71 -36.96
N HIS D 177 -19.68 4.64 -36.65
CA HIS D 177 -20.16 4.62 -35.27
C HIS D 177 -21.20 3.53 -35.10
N ARG D 178 -21.76 3.47 -33.88
CA ARG D 178 -22.78 2.49 -33.50
C ARG D 178 -24.06 3.26 -33.18
N PRO D 179 -24.91 3.53 -34.17
CA PRO D 179 -26.08 4.37 -33.95
C PRO D 179 -27.29 3.59 -33.45
N VAL D 180 -28.15 4.30 -32.71
CA VAL D 180 -29.36 3.71 -32.15
C VAL D 180 -30.45 4.78 -32.23
N ILE D 181 -31.65 4.38 -32.67
CA ILE D 181 -32.75 5.31 -32.91
C ILE D 181 -33.78 5.18 -31.80
N GLU D 182 -34.36 6.31 -31.40
CA GLU D 182 -35.37 6.33 -30.34
C GLU D 182 -36.45 7.33 -30.74
N SER D 183 -37.67 6.84 -30.98
CA SER D 183 -38.78 7.74 -31.30
C SER D 183 -39.45 8.27 -30.03
N ASP D 184 -39.54 7.43 -29.00
CA ASP D 184 -40.20 7.81 -27.76
C ASP D 184 -39.24 8.61 -26.89
N PRO D 185 -39.61 9.82 -26.47
CA PRO D 185 -38.69 10.59 -25.59
C PRO D 185 -38.59 10.02 -24.19
N GLU D 186 -39.60 9.30 -23.73
CA GLU D 186 -39.52 8.66 -22.42
C GLU D 186 -38.42 7.60 -22.40
N LYS D 187 -38.45 6.69 -23.39
CA LYS D 187 -37.39 5.69 -23.51
C LYS D 187 -36.03 6.35 -23.78
N ALA D 188 -36.01 7.43 -24.55
CA ALA D 188 -34.73 8.07 -24.88
C ALA D 188 -34.07 8.67 -23.65
N LYS D 189 -34.85 9.21 -22.71
CA LYS D 189 -34.29 9.74 -21.48
C LYS D 189 -33.57 8.66 -20.68
N ILE D 190 -34.12 7.45 -20.67
CA ILE D 190 -33.52 6.37 -19.87
C ILE D 190 -32.24 5.88 -20.53
N SER D 191 -32.29 5.58 -21.83
CA SER D 191 -31.10 5.15 -22.55
C SER D 191 -30.00 6.21 -22.48
N ALA D 192 -30.38 7.49 -22.55
CA ALA D 192 -29.41 8.57 -22.53
C ALA D 192 -28.59 8.60 -21.24
N GLY D 193 -29.09 7.97 -20.18
CA GLY D 193 -28.35 7.87 -18.94
C GLY D 193 -27.35 6.74 -18.86
N GLY D 194 -27.27 5.92 -19.91
CA GLY D 194 -26.34 4.82 -19.94
C GLY D 194 -25.06 5.17 -20.70
N PRO D 195 -24.41 4.15 -21.27
CA PRO D 195 -23.16 4.37 -22.03
C PRO D 195 -23.40 4.94 -23.42
N VAL D 196 -23.71 6.24 -23.46
CA VAL D 196 -24.00 6.96 -24.69
C VAL D 196 -22.96 8.06 -24.86
N ASP D 197 -22.41 8.15 -26.07
CA ASP D 197 -21.39 9.15 -26.36
C ASP D 197 -21.96 10.42 -26.95
N LEU D 198 -23.11 10.34 -27.63
CA LEU D 198 -23.66 11.50 -28.30
C LEU D 198 -25.17 11.31 -28.48
N VAL D 199 -25.91 12.41 -28.35
CA VAL D 199 -27.34 12.43 -28.61
C VAL D 199 -27.59 13.39 -29.77
N ILE D 200 -28.27 12.91 -30.80
CA ILE D 200 -28.69 13.73 -31.93
C ILE D 200 -30.21 13.86 -31.86
N VAL D 201 -30.69 15.04 -31.51
CA VAL D 201 -32.11 15.30 -31.34
C VAL D 201 -32.59 16.23 -32.44
N ASN D 202 -33.82 16.03 -32.87
CA ASN D 202 -34.46 16.88 -33.86
C ASN D 202 -35.27 17.95 -33.15
N ALA D 203 -34.83 19.20 -33.26
CA ALA D 203 -35.57 20.31 -32.65
C ALA D 203 -36.95 20.45 -33.27
N ALA D 204 -37.08 20.16 -34.57
CA ALA D 204 -38.34 20.29 -35.27
C ALA D 204 -39.07 18.95 -35.31
N ALA D 205 -39.29 18.39 -34.13
CA ALA D 205 -40.04 17.14 -34.05
C ALA D 205 -41.53 17.44 -34.07
N LYS D 206 -42.31 16.42 -34.41
CA LYS D 206 -43.75 16.55 -34.55
C LYS D 206 -44.51 16.08 -33.32
N ASN D 207 -44.05 14.98 -32.70
CA ASN D 207 -44.71 14.38 -31.56
C ASN D 207 -44.03 14.69 -30.22
N PHE D 208 -42.97 15.49 -30.23
CA PHE D 208 -42.33 15.91 -28.99
C PHE D 208 -41.53 17.17 -29.23
N ASP D 209 -41.26 17.90 -28.14
CA ASP D 209 -40.45 19.12 -28.16
C ASP D 209 -39.00 18.72 -27.94
N GLY D 210 -38.21 18.68 -29.02
CA GLY D 210 -36.81 18.33 -28.91
C GLY D 210 -36.02 19.22 -27.98
N LEU D 211 -36.41 20.49 -27.87
CA LEU D 211 -35.70 21.40 -26.97
C LEU D 211 -36.10 21.17 -25.51
N ARG D 212 -37.37 20.85 -25.26
CA ARG D 212 -37.79 20.44 -23.93
C ARG D 212 -37.07 19.17 -23.51
N PHE D 213 -36.95 18.20 -24.42
CA PHE D 213 -36.17 17.00 -24.15
C PHE D 213 -34.73 17.35 -23.81
N THR D 214 -34.11 18.22 -24.62
CA THR D 214 -32.73 18.61 -24.37
C THR D 214 -32.58 19.30 -23.02
N ALA D 215 -33.51 20.18 -22.66
CA ALA D 215 -33.41 20.89 -21.40
C ALA D 215 -33.50 19.92 -20.21
N ALA D 216 -34.32 18.88 -20.34
CA ALA D 216 -34.40 17.87 -19.30
C ALA D 216 -33.06 17.14 -19.11
N LEU D 217 -32.38 16.82 -20.21
CA LEU D 217 -31.05 16.21 -20.12
C LEU D 217 -30.09 17.10 -19.35
N ARG D 218 -30.10 18.40 -19.64
CA ARG D 218 -29.18 19.33 -18.99
C ARG D 218 -29.55 19.57 -17.54
N SER D 219 -30.80 19.32 -17.15
CA SER D 219 -31.22 19.55 -15.77
C SER D 219 -30.70 18.46 -14.83
N GLU D 220 -30.60 17.22 -15.31
CA GLU D 220 -30.13 16.13 -14.48
C GLU D 220 -28.60 16.11 -14.46
N GLU D 221 -28.04 15.89 -13.27
CA GLU D 221 -26.59 15.82 -13.14
C GLU D 221 -26.02 14.62 -13.89
N ARG D 222 -26.77 13.51 -13.93
CA ARG D 222 -26.33 12.33 -14.66
C ARG D 222 -26.01 12.65 -16.11
N THR D 223 -26.85 13.46 -16.77
CA THR D 223 -26.72 13.71 -18.20
C THR D 223 -26.38 15.17 -18.50
N ARG D 224 -26.03 15.96 -17.50
CA ARG D 224 -25.81 17.39 -17.67
C ARG D 224 -24.71 17.71 -18.66
N GLN D 225 -23.68 16.85 -18.74
CA GLN D 225 -22.54 17.12 -19.60
C GLN D 225 -22.51 16.18 -20.80
N LEU D 226 -23.59 15.46 -21.05
CA LEU D 226 -23.67 14.59 -22.22
C LEU D 226 -23.70 15.43 -23.49
N PRO D 227 -22.84 15.15 -24.46
CA PRO D 227 -22.86 15.94 -25.71
C PRO D 227 -24.16 15.75 -26.48
N VAL D 228 -24.69 16.86 -26.99
CA VAL D 228 -25.95 16.88 -27.72
C VAL D 228 -25.77 17.71 -28.99
N LEU D 229 -26.18 17.14 -30.13
CA LEU D 229 -26.32 17.87 -31.37
C LEU D 229 -27.80 18.01 -31.70
N ALA D 230 -28.18 19.20 -32.14
CA ALA D 230 -29.57 19.49 -32.50
C ALA D 230 -29.69 19.67 -34.00
N MET D 231 -30.64 18.95 -34.60
CA MET D 231 -30.99 19.13 -36.00
C MET D 231 -32.06 20.22 -36.08
N VAL D 232 -31.73 21.32 -36.78
CA VAL D 232 -32.55 22.52 -36.77
C VAL D 232 -32.94 22.89 -38.19
N ASP D 233 -34.08 23.58 -38.31
CA ASP D 233 -34.45 24.19 -39.58
C ASP D 233 -33.74 25.53 -39.71
N PRO D 234 -33.05 25.80 -40.83
CA PRO D 234 -32.35 27.08 -40.97
C PRO D 234 -33.28 28.26 -41.14
N ASP D 235 -34.53 28.03 -41.55
CA ASP D 235 -35.51 29.12 -41.64
C ASP D 235 -35.80 29.70 -40.27
N ASP D 236 -35.91 28.86 -39.25
CA ASP D 236 -36.30 29.27 -37.91
C ASP D 236 -35.05 29.66 -37.14
N ARG D 237 -34.69 30.95 -37.21
CA ARG D 237 -33.51 31.42 -36.48
C ARG D 237 -33.75 31.43 -34.98
N GLY D 238 -34.99 31.69 -34.54
CA GLY D 238 -35.27 31.73 -33.11
C GLY D 238 -35.07 30.38 -32.45
N ARG D 239 -35.47 29.30 -33.12
CA ARG D 239 -35.30 27.97 -32.54
C ARG D 239 -33.82 27.59 -32.49
N MET D 240 -33.04 27.99 -33.49
CA MET D 240 -31.60 27.76 -33.47
C MET D 240 -30.97 28.41 -32.24
N VAL D 241 -31.27 29.69 -32.02
CA VAL D 241 -30.70 30.41 -30.89
C VAL D 241 -31.16 29.79 -29.57
N LYS D 242 -32.43 29.39 -29.50
CA LYS D 242 -32.95 28.80 -28.28
C LYS D 242 -32.22 27.51 -27.93
N ALA D 243 -31.97 26.65 -28.92
CA ALA D 243 -31.25 25.40 -28.67
C ALA D 243 -29.85 25.66 -28.14
N LEU D 244 -29.15 26.64 -28.72
CA LEU D 244 -27.81 26.97 -28.23
C LEU D 244 -27.87 27.53 -26.81
N GLU D 245 -28.92 28.29 -26.49
CA GLU D 245 -29.09 28.80 -25.14
C GLU D 245 -29.32 27.67 -24.13
N ILE D 246 -30.10 26.67 -24.51
CA ILE D 246 -30.41 25.55 -23.62
C ILE D 246 -29.14 24.79 -23.25
N GLY D 247 -28.17 24.74 -24.17
CA GLY D 247 -26.88 24.14 -23.86
C GLY D 247 -26.48 23.06 -24.84
N VAL D 248 -27.11 23.08 -26.02
CA VAL D 248 -26.70 22.17 -27.08
C VAL D 248 -25.26 22.48 -27.48
N ASN D 249 -24.49 21.44 -27.80
CA ASN D 249 -23.08 21.62 -28.10
C ASN D 249 -22.87 22.26 -29.48
N ASP D 250 -23.63 21.81 -30.47
CA ASP D 250 -23.61 22.43 -31.80
C ASP D 250 -24.86 21.99 -32.54
N ILE D 251 -25.10 22.63 -33.68
CA ILE D 251 -26.34 22.43 -34.42
C ILE D 251 -26.05 21.98 -35.84
N LEU D 252 -27.01 21.26 -36.42
CA LEU D 252 -26.95 20.75 -37.78
C LEU D 252 -28.16 21.24 -38.54
N SER D 253 -27.93 21.98 -39.63
CA SER D 253 -29.02 22.49 -40.44
C SER D 253 -29.62 21.38 -41.30
N ARG D 254 -30.93 21.42 -41.48
CA ARG D 254 -31.70 20.47 -42.27
C ARG D 254 -31.95 21.01 -43.67
N PRO D 255 -31.89 20.17 -44.71
CA PRO D 255 -31.62 18.72 -44.68
C PRO D 255 -30.16 18.40 -44.37
N ILE D 256 -29.91 17.25 -43.77
CA ILE D 256 -28.61 16.96 -43.17
C ILE D 256 -27.59 16.65 -44.25
N ASP D 257 -26.47 17.38 -44.24
CA ASP D 257 -25.35 17.10 -45.12
C ASP D 257 -24.51 15.97 -44.54
N PRO D 258 -24.19 14.93 -45.31
CA PRO D 258 -23.40 13.81 -44.77
C PRO D 258 -22.04 14.24 -44.24
N GLN D 259 -21.34 15.13 -44.95
CA GLN D 259 -20.00 15.51 -44.52
C GLN D 259 -20.04 16.40 -43.28
N GLU D 260 -21.03 17.29 -43.19
CA GLU D 260 -21.20 18.07 -41.97
C GLU D 260 -21.55 17.17 -40.79
N LEU D 261 -22.44 16.20 -41.01
CA LEU D 261 -22.82 15.28 -39.95
C LEU D 261 -21.60 14.53 -39.42
N SER D 262 -20.78 14.00 -40.32
CA SER D 262 -19.58 13.29 -39.92
C SER D 262 -18.65 14.19 -39.10
N ALA D 263 -18.41 15.42 -39.58
CA ALA D 263 -17.48 16.32 -38.91
C ALA D 263 -17.93 16.64 -37.49
N ARG D 264 -19.21 17.02 -37.33
CA ARG D 264 -19.67 17.45 -36.01
C ARG D 264 -19.69 16.29 -35.03
N VAL D 265 -20.02 15.08 -35.51
CA VAL D 265 -20.04 13.92 -34.62
C VAL D 265 -18.64 13.59 -34.12
N LYS D 266 -17.65 13.52 -35.02
CA LYS D 266 -16.28 13.24 -34.57
C LYS D 266 -15.79 14.29 -33.58
N THR D 267 -16.16 15.55 -33.79
CA THR D 267 -15.70 16.59 -32.88
C THR D 267 -16.25 16.38 -31.46
N GLN D 268 -17.53 16.04 -31.35
CA GLN D 268 -18.14 15.89 -30.03
C GLN D 268 -17.63 14.63 -29.34
N ILE D 269 -17.50 13.53 -30.09
CA ILE D 269 -17.08 12.28 -29.49
C ILE D 269 -15.61 12.35 -29.05
N GLN D 270 -14.76 12.93 -29.89
CA GLN D 270 -13.35 13.04 -29.52
C GLN D 270 -13.15 13.97 -28.34
N ARG D 271 -13.92 15.07 -28.28
CA ARG D 271 -13.84 15.97 -27.13
C ARG D 271 -14.23 15.25 -25.85
N LYS D 272 -15.29 14.44 -25.91
CA LYS D 272 -15.74 13.71 -24.72
C LYS D 272 -14.68 12.74 -24.25
N ARG D 273 -14.08 11.99 -25.18
CA ARG D 273 -13.06 11.01 -24.81
C ARG D 273 -11.82 11.69 -24.24
N TYR D 274 -11.42 12.83 -24.81
CA TYR D 274 -10.33 13.61 -24.22
C TYR D 274 -10.66 14.00 -22.78
N THR D 275 -11.87 14.51 -22.57
CA THR D 275 -12.26 14.99 -21.25
C THR D 275 -12.28 13.85 -20.23
N ASP D 276 -12.91 12.72 -20.60
CA ASP D 276 -13.02 11.60 -19.68
C ASP D 276 -11.66 11.04 -19.32
N TYR D 277 -10.76 10.92 -20.31
CA TYR D 277 -9.42 10.42 -20.03
C TYR D 277 -8.66 11.38 -19.12
N LEU D 278 -8.84 12.68 -19.33
CA LEU D 278 -8.15 13.67 -18.49
C LEU D 278 -8.73 13.70 -17.09
N ARG D 279 -10.00 13.32 -16.93
CA ARG D 279 -10.72 13.46 -15.68
C ARG D 279 -10.77 12.18 -14.86
N ASN D 280 -10.84 11.02 -15.49
CA ASN D 280 -10.87 9.76 -14.72
C ASN D 280 -9.46 9.19 -14.52
N ASN D 281 -8.83 8.76 -15.61
CA ASN D 281 -7.52 8.11 -15.53
C ASN D 281 -6.51 9.02 -14.84
N LEU D 282 -6.28 10.20 -15.41
CA LEU D 282 -5.19 11.05 -14.93
C LEU D 282 -5.50 11.66 -13.56
N ASP D 283 -6.78 11.93 -13.26
CA ASP D 283 -7.12 12.50 -11.96
C ASP D 283 -6.88 11.50 -10.84
N HIS D 284 -7.01 10.20 -11.12
CA HIS D 284 -6.74 9.20 -10.11
C HIS D 284 -5.26 8.96 -9.91
N SER D 285 -4.40 9.64 -10.68
CA SER D 285 -2.97 9.54 -10.46
C SER D 285 -2.56 10.48 -9.33
N LEU D 286 -1.51 10.10 -8.61
CA LEU D 286 -1.08 10.83 -7.44
C LEU D 286 -0.31 12.10 -7.79
N GLU D 287 0.26 12.15 -8.99
CA GLU D 287 1.08 13.28 -9.39
C GLU D 287 0.26 14.53 -9.66
N LEU D 288 -1.03 14.36 -9.98
CA LEU D 288 -1.87 15.47 -10.42
C LEU D 288 -2.89 15.90 -9.38
N ALA D 289 -2.93 15.26 -8.22
CA ALA D 289 -3.88 15.63 -7.18
C ALA D 289 -3.52 16.97 -6.55
N VAL D 290 -4.53 17.62 -5.95
CA VAL D 290 -4.34 18.92 -5.31
C VAL D 290 -4.78 18.91 -3.86
N THR D 291 -5.21 17.77 -3.33
CA THR D 291 -5.64 17.67 -1.94
C THR D 291 -5.02 16.43 -1.32
N ASP D 292 -4.42 16.58 -0.14
CA ASP D 292 -3.90 15.44 0.58
C ASP D 292 -5.06 14.65 1.16
N GLN D 293 -5.12 13.35 0.86
CA GLN D 293 -6.29 12.56 1.23
C GLN D 293 -6.30 12.27 2.73
N LEU D 294 -5.12 12.19 3.36
CA LEU D 294 -5.06 11.90 4.79
C LEU D 294 -5.54 13.08 5.61
N THR D 295 -4.88 14.23 5.47
CA THR D 295 -5.20 15.39 6.30
C THR D 295 -6.45 16.10 5.82
N GLY D 296 -6.76 16.01 4.52
CA GLY D 296 -7.84 16.78 3.94
C GLY D 296 -7.45 18.17 3.50
N LEU D 297 -6.21 18.59 3.75
CA LEU D 297 -5.72 19.88 3.30
C LEU D 297 -5.30 19.81 1.83
N HIS D 298 -5.05 20.99 1.26
CA HIS D 298 -4.42 21.03 -0.05
C HIS D 298 -2.94 20.65 0.08
N ASN D 299 -2.33 20.33 -1.05
CA ASN D 299 -0.96 19.83 -1.06
C ASN D 299 -0.02 20.89 -1.64
N ARG D 300 1.21 20.46 -1.95
CA ARG D 300 2.21 21.40 -2.46
C ARG D 300 1.91 21.80 -3.89
N ARG D 301 1.32 20.91 -4.68
CA ARG D 301 0.94 21.25 -6.05
C ARG D 301 -0.03 22.42 -6.06
N TYR D 302 -1.07 22.35 -5.24
CA TYR D 302 -2.04 23.45 -5.14
C TYR D 302 -1.36 24.74 -4.67
N MET D 303 -0.55 24.64 -3.62
CA MET D 303 0.08 25.82 -3.01
C MET D 303 0.96 26.55 -4.02
N THR D 304 1.77 25.81 -4.77
CA THR D 304 2.70 26.43 -5.71
C THR D 304 1.95 27.25 -6.76
N GLY D 305 0.88 26.67 -7.33
CA GLY D 305 0.07 27.41 -8.29
C GLY D 305 -0.47 28.70 -7.73
N GLN D 306 -1.07 28.63 -6.54
CA GLN D 306 -1.67 29.83 -5.94
C GLN D 306 -0.60 30.84 -5.55
N LEU D 307 0.53 30.37 -5.01
CA LEU D 307 1.57 31.28 -4.53
C LEU D 307 2.17 32.10 -5.67
N ASP D 308 2.29 31.49 -6.86
CA ASP D 308 2.88 32.21 -7.99
C ASP D 308 2.09 33.49 -8.31
N SER D 309 0.77 33.35 -8.44
CA SER D 309 -0.07 34.54 -8.68
C SER D 309 0.01 35.50 -7.51
N LEU D 310 0.01 34.98 -6.28
CA LEU D 310 0.12 35.82 -5.09
C LEU D 310 1.42 36.60 -5.10
N VAL D 311 2.53 35.95 -5.48
CA VAL D 311 3.82 36.63 -5.50
C VAL D 311 3.89 37.60 -6.67
N LYS D 312 3.33 37.22 -7.82
CA LYS D 312 3.35 38.10 -8.99
C LYS D 312 2.63 39.42 -8.69
N ARG D 313 1.47 39.36 -8.02
CA ARG D 313 0.74 40.57 -7.69
C ARG D 313 1.51 41.43 -6.70
N ALA D 314 2.19 40.80 -5.73
CA ALA D 314 2.93 41.56 -4.73
C ALA D 314 4.11 42.30 -5.34
N THR D 315 4.77 41.71 -6.35
CA THR D 315 5.90 42.36 -6.98
C THR D 315 5.48 43.59 -7.78
N LEU D 316 4.23 43.68 -8.19
CA LEU D 316 3.73 44.83 -8.93
C LEU D 316 3.37 46.00 -8.02
N GLY D 317 3.54 45.87 -6.71
CA GLY D 317 3.22 46.92 -5.78
C GLY D 317 1.87 46.73 -5.12
N GLY D 318 1.89 46.30 -3.86
CA GLY D 318 0.67 46.07 -3.13
C GLY D 318 0.96 45.41 -1.79
N ASP D 319 -0.10 44.91 -1.18
CA ASP D 319 0.03 44.25 0.11
C ASP D 319 0.86 42.98 -0.03
N PRO D 320 1.81 42.73 0.86
CA PRO D 320 2.71 41.59 0.69
C PRO D 320 2.05 40.27 1.07
N VAL D 321 2.76 39.19 0.78
CA VAL D 321 2.35 37.83 1.10
C VAL D 321 3.30 37.28 2.15
N SER D 322 2.74 36.66 3.19
CA SER D 322 3.52 36.01 4.22
C SER D 322 3.45 34.49 4.06
N ALA D 323 4.47 33.81 4.58
CA ALA D 323 4.57 32.37 4.48
C ALA D 323 5.01 31.79 5.81
N LEU D 324 4.25 30.82 6.31
CA LEU D 324 4.58 30.10 7.53
C LEU D 324 4.92 28.66 7.20
N LEU D 325 6.08 28.21 7.64
CA LEU D 325 6.47 26.80 7.54
C LEU D 325 6.48 26.21 8.94
N ILE D 326 5.59 25.24 9.18
CA ILE D 326 5.45 24.59 10.47
C ILE D 326 5.96 23.17 10.34
N ASP D 327 6.87 22.78 11.25
CA ASP D 327 7.42 21.43 11.29
C ASP D 327 7.25 20.86 12.70
N ILE D 328 6.71 19.66 12.79
CA ILE D 328 6.45 19.02 14.07
C ILE D 328 7.75 18.45 14.64
N ASP D 329 7.98 18.70 15.93
CA ASP D 329 9.21 18.28 16.59
C ASP D 329 9.12 16.84 17.06
N PHE D 330 10.14 16.04 16.74
CA PHE D 330 10.28 14.67 17.23
C PHE D 330 9.11 13.80 16.76
N PHE D 331 8.81 13.85 15.47
CA PHE D 331 7.71 13.04 14.98
C PHE D 331 8.06 11.56 14.86
N LYS D 332 9.34 11.24 14.64
CA LYS D 332 9.77 9.84 14.65
C LYS D 332 9.41 9.17 15.97
N LYS D 333 9.62 9.88 17.08
CA LYS D 333 9.34 9.31 18.39
C LYS D 333 7.88 8.92 18.53
N ILE D 334 6.97 9.69 17.92
CA ILE D 334 5.55 9.33 17.94
C ILE D 334 5.33 8.01 17.21
N ASN D 335 5.85 7.90 15.98
CA ASN D 335 5.71 6.66 15.23
C ASN D 335 6.37 5.50 15.96
N ASP D 336 7.50 5.75 16.63
CA ASP D 336 8.20 4.69 17.34
C ASP D 336 7.40 4.22 18.55
N THR D 337 6.92 5.16 19.35
CA THR D 337 6.23 4.79 20.60
C THR D 337 4.84 4.23 20.32
N PHE D 338 4.10 4.86 19.42
CA PHE D 338 2.69 4.52 19.25
C PHE D 338 2.37 3.83 17.93
N GLY D 339 3.23 3.90 16.93
CA GLY D 339 2.99 3.27 15.66
C GLY D 339 2.62 4.29 14.59
N HIS D 340 2.65 3.81 13.34
CA HIS D 340 2.43 4.69 12.19
C HIS D 340 0.97 5.12 12.08
N ASP D 341 0.03 4.29 12.50
CA ASP D 341 -1.39 4.64 12.36
C ASP D 341 -1.78 5.74 13.33
N ILE D 342 -1.25 5.71 14.56
CA ILE D 342 -1.48 6.81 15.49
C ILE D 342 -0.78 8.07 15.00
N GLY D 343 0.41 7.93 14.44
CA GLY D 343 1.06 9.07 13.81
C GLY D 343 0.19 9.72 12.76
N ASP D 344 -0.51 8.91 11.96
CA ASP D 344 -1.43 9.47 10.97
C ASP D 344 -2.60 10.16 11.65
N GLU D 345 -3.06 9.63 12.79
CA GLU D 345 -4.13 10.29 13.54
C GLU D 345 -3.69 11.65 14.03
N VAL D 346 -2.44 11.77 14.49
CA VAL D 346 -1.93 13.05 14.98
C VAL D 346 -1.89 14.06 13.83
N LEU D 347 -1.46 13.63 12.64
CA LEU D 347 -1.43 14.53 11.50
C LEU D 347 -2.82 15.00 11.12
N ARG D 348 -3.81 14.11 11.16
CA ARG D 348 -5.18 14.51 10.84
C ARG D 348 -5.69 15.54 11.83
N GLU D 349 -5.51 15.29 13.13
CA GLU D 349 -5.97 16.23 14.14
C GLU D 349 -5.17 17.53 14.09
N PHE D 350 -3.88 17.45 13.79
CA PHE D 350 -3.08 18.67 13.67
C PHE D 350 -3.60 19.56 12.54
N ALA D 351 -3.93 18.96 11.39
CA ALA D 351 -4.43 19.74 10.27
C ALA D 351 -5.73 20.45 10.60
N LEU D 352 -6.61 19.80 11.36
CA LEU D 352 -7.86 20.43 11.78
C LEU D 352 -7.60 21.66 12.64
N ARG D 353 -6.72 21.53 13.65
CA ARG D 353 -6.40 22.67 14.49
C ARG D 353 -5.77 23.79 13.68
N LEU D 354 -4.87 23.45 12.75
CA LEU D 354 -4.18 24.48 11.97
C LEU D 354 -5.17 25.28 11.14
N ALA D 355 -6.09 24.60 10.44
CA ALA D 355 -7.06 25.29 9.60
C ALA D 355 -8.04 26.10 10.44
N SER D 356 -8.39 25.59 11.62
CA SER D 356 -9.35 26.30 12.48
C SER D 356 -8.82 27.63 12.97
N ASN D 357 -7.50 27.76 13.13
CA ASN D 357 -6.92 28.96 13.75
C ASN D 357 -6.28 29.89 12.74
N VAL D 358 -6.60 29.74 11.45
CA VAL D 358 -6.22 30.72 10.42
C VAL D 358 -7.44 30.98 9.55
N ARG D 359 -7.38 32.08 8.81
CA ARG D 359 -8.51 32.48 7.99
C ARG D 359 -8.73 31.50 6.85
N ALA D 360 -10.00 31.35 6.45
CA ALA D 360 -10.30 30.52 5.30
C ALA D 360 -9.70 31.07 4.01
N ILE D 361 -9.37 32.37 3.98
CA ILE D 361 -8.68 32.95 2.84
C ILE D 361 -7.21 32.57 2.82
N ASP D 362 -6.66 32.13 3.95
CA ASP D 362 -5.29 31.64 3.99
C ASP D 362 -5.24 30.24 3.39
N LEU D 363 -4.02 29.76 3.14
CA LEU D 363 -3.80 28.47 2.50
C LEU D 363 -3.01 27.56 3.44
N PRO D 364 -3.70 26.89 4.37
CA PRO D 364 -3.03 25.87 5.18
C PRO D 364 -2.92 24.56 4.40
N CYS D 365 -1.71 24.26 3.95
CA CYS D 365 -1.46 23.10 3.11
C CYS D 365 -0.44 22.18 3.77
N ARG D 366 -0.44 20.92 3.34
CA ARG D 366 0.58 19.96 3.75
C ARG D 366 1.78 20.12 2.82
N TYR D 367 2.87 20.65 3.36
CA TYR D 367 4.03 20.98 2.54
C TYR D 367 4.92 19.78 2.30
N GLY D 368 5.27 19.06 3.36
CA GLY D 368 6.08 17.87 3.31
C GLY D 368 5.40 16.71 3.98
N GLY D 369 6.20 15.79 4.51
CA GLY D 369 5.66 14.67 5.24
C GLY D 369 4.93 15.09 6.49
N GLU D 370 5.67 15.64 7.46
CA GLU D 370 5.08 16.19 8.68
C GLU D 370 5.31 17.70 8.77
N GLU D 371 5.51 18.35 7.63
CA GLU D 371 5.71 19.79 7.58
C GLU D 371 4.52 20.42 6.90
N PHE D 372 4.06 21.54 7.43
CA PHE D 372 2.90 22.24 6.92
C PHE D 372 3.29 23.67 6.51
N VAL D 373 2.51 24.23 5.59
CA VAL D 373 2.71 25.59 5.12
C VAL D 373 1.40 26.36 5.25
N VAL D 374 1.50 27.63 5.64
CA VAL D 374 0.37 28.55 5.67
C VAL D 374 0.76 29.77 4.87
N ILE D 375 0.10 29.96 3.72
CA ILE D 375 0.29 31.15 2.89
C ILE D 375 -0.79 32.16 3.25
N MET D 376 -0.38 33.38 3.58
CA MET D 376 -1.29 34.40 4.08
C MET D 376 -1.26 35.62 3.18
N PRO D 377 -2.23 35.77 2.28
CA PRO D 377 -2.22 36.93 1.38
C PRO D 377 -2.60 38.21 2.10
N ASP D 378 -2.07 39.32 1.58
CA ASP D 378 -2.32 40.65 2.13
C ASP D 378 -1.97 40.70 3.63
N THR D 379 -0.75 40.27 3.94
CA THR D 379 -0.29 40.14 5.32
C THR D 379 1.18 40.50 5.40
N ALA D 380 1.54 41.27 6.43
CA ALA D 380 2.91 41.73 6.62
C ALA D 380 3.67 40.79 7.56
N LEU D 381 4.99 40.94 7.55
CA LEU D 381 5.84 40.08 8.36
C LEU D 381 5.55 40.25 9.85
N ALA D 382 5.36 41.49 10.30
CA ALA D 382 5.14 41.74 11.72
C ALA D 382 3.92 40.99 12.25
N ASP D 383 2.82 40.99 11.48
CA ASP D 383 1.65 40.23 11.89
C ASP D 383 1.88 38.73 11.77
N ALA D 384 2.51 38.30 10.68
CA ALA D 384 2.79 36.89 10.47
C ALA D 384 3.52 36.26 11.66
N LEU D 385 4.46 36.98 12.25
CA LEU D 385 5.14 36.47 13.43
C LEU D 385 4.18 36.32 14.61
N ARG D 386 3.28 37.28 14.77
CA ARG D 386 2.30 37.19 15.85
C ARG D 386 1.26 36.12 15.58
N ILE D 387 0.96 35.85 14.30
CA ILE D 387 0.03 34.78 13.97
C ILE D 387 0.65 33.42 14.27
N ALA D 388 1.93 33.25 13.90
CA ALA D 388 2.63 32.00 14.21
C ALA D 388 2.64 31.73 15.72
N GLU D 389 2.77 32.78 16.53
CA GLU D 389 2.70 32.60 17.98
C GLU D 389 1.32 32.12 18.41
N ARG D 390 0.26 32.65 17.79
CA ARG D 390 -1.08 32.18 18.09
C ARG D 390 -1.25 30.70 17.72
N ILE D 391 -0.69 30.30 16.57
CA ILE D 391 -0.79 28.91 16.14
C ILE D 391 -0.05 28.01 17.13
N ARG D 392 1.17 28.39 17.49
CA ARG D 392 1.96 27.57 18.42
C ARG D 392 1.24 27.39 19.74
N MET D 393 0.56 28.43 20.23
CA MET D 393 -0.13 28.32 21.50
C MET D 393 -1.31 27.36 21.44
N HIS D 394 -1.98 27.27 20.29
CA HIS D 394 -3.15 26.40 20.18
C HIS D 394 -2.77 24.93 19.97
N VAL D 395 -1.67 24.65 19.27
CA VAL D 395 -1.29 23.26 19.06
C VAL D 395 -0.53 22.70 20.27
N SER D 396 0.28 23.53 20.92
CA SER D 396 1.07 23.06 22.05
C SER D 396 0.35 23.20 23.38
N GLY D 397 -0.66 24.06 23.46
CA GLY D 397 -1.37 24.23 24.72
C GLY D 397 -2.32 23.11 25.06
N SER D 398 -2.83 22.40 24.05
CA SER D 398 -3.79 21.33 24.27
C SER D 398 -3.24 20.00 23.75
N PRO D 399 -3.49 18.91 24.47
CA PRO D 399 -3.03 17.60 24.01
C PRO D 399 -3.88 17.06 22.87
N PHE D 400 -3.30 16.11 22.14
CA PHE D 400 -3.95 15.46 21.00
C PHE D 400 -4.52 14.11 21.45
N THR D 401 -5.82 13.93 21.25
CA THR D 401 -6.49 12.68 21.62
C THR D 401 -6.41 11.68 20.46
N VAL D 402 -5.85 10.50 20.75
CA VAL D 402 -5.64 9.46 19.75
C VAL D 402 -6.10 8.11 20.31
N ALA D 403 -6.06 7.09 19.46
CA ALA D 403 -6.34 5.70 19.83
C ALA D 403 -7.79 5.51 20.28
N HIS D 404 -8.72 6.09 19.53
CA HIS D 404 -10.15 6.04 19.88
C HIS D 404 -10.38 6.58 21.29
N GLY D 405 -9.65 7.64 21.64
CA GLY D 405 -9.79 8.27 22.93
C GLY D 405 -8.95 7.67 24.03
N ARG D 406 -8.21 6.59 23.76
CA ARG D 406 -7.49 5.90 24.82
C ARG D 406 -6.18 6.57 25.20
N GLU D 407 -5.57 7.35 24.31
CA GLU D 407 -4.26 7.91 24.58
C GLU D 407 -4.24 9.41 24.30
N MET D 408 -3.50 10.15 25.13
CA MET D 408 -3.34 11.59 24.97
C MET D 408 -1.85 11.94 24.93
N LEU D 409 -1.48 12.84 24.02
CA LEU D 409 -0.09 13.21 23.84
C LEU D 409 0.00 14.68 23.43
N ASN D 410 1.06 15.34 23.89
CA ASN D 410 1.36 16.72 23.53
C ASN D 410 2.39 16.78 22.40
N VAL D 411 2.33 17.86 21.64
CA VAL D 411 3.16 18.08 20.45
C VAL D 411 3.71 19.50 20.50
N THR D 412 4.94 19.67 20.01
CA THR D 412 5.54 20.99 19.85
C THR D 412 6.03 21.14 18.42
N ILE D 413 6.09 22.40 17.97
CA ILE D 413 6.39 22.72 16.58
C ILE D 413 7.39 23.87 16.49
N SER D 414 8.22 23.83 15.44
CA SER D 414 9.11 24.93 15.08
C SER D 414 8.57 25.62 13.84
N ILE D 415 8.55 26.95 13.84
CA ILE D 415 7.96 27.72 12.77
C ILE D 415 8.99 28.67 12.16
N GLY D 416 9.00 28.76 10.84
CA GLY D 416 9.79 29.77 10.14
C GLY D 416 8.87 30.67 9.32
N VAL D 417 9.13 31.97 9.38
CA VAL D 417 8.23 32.99 8.84
C VAL D 417 8.99 33.86 7.84
N SER D 418 8.32 34.20 6.74
CA SER D 418 8.87 35.07 5.72
C SER D 418 7.75 35.84 5.05
N ALA D 419 8.10 36.97 4.43
CA ALA D 419 7.15 37.81 3.72
C ALA D 419 7.78 38.33 2.43
N THR D 420 6.92 38.62 1.45
CA THR D 420 7.35 39.09 0.13
C THR D 420 7.53 40.60 0.14
N ALA D 421 8.75 41.04 0.42
CA ALA D 421 9.15 42.44 0.28
C ALA D 421 10.12 42.55 -0.89
N GLY D 422 9.71 43.23 -1.95
CA GLY D 422 10.62 43.55 -3.04
C GLY D 422 9.98 43.43 -4.41
N GLU D 423 10.62 44.06 -5.39
CA GLU D 423 10.10 44.08 -6.76
C GLU D 423 10.46 42.80 -7.52
N GLY D 424 11.59 42.17 -7.19
CA GLY D 424 12.01 40.99 -7.92
C GLY D 424 11.95 39.71 -7.11
N ASP D 425 11.14 39.71 -6.05
CA ASP D 425 11.00 38.52 -5.23
C ASP D 425 10.33 37.38 -6.01
N THR D 426 10.58 36.16 -5.58
CA THR D 426 10.09 34.96 -6.24
C THR D 426 9.49 34.01 -5.21
N PRO D 427 8.60 33.11 -5.63
CA PRO D 427 8.09 32.10 -4.69
C PRO D 427 9.19 31.27 -4.04
N GLU D 428 10.20 30.86 -4.82
CA GLU D 428 11.28 30.05 -4.27
C GLU D 428 12.03 30.80 -3.18
N ALA D 429 12.35 32.07 -3.42
CA ALA D 429 13.07 32.86 -2.42
C ALA D 429 12.23 33.03 -1.15
N LEU D 430 10.92 33.22 -1.30
CA LEU D 430 10.05 33.36 -0.14
C LEU D 430 10.07 32.12 0.74
N LEU D 431 9.96 30.94 0.12
CA LEU D 431 9.97 29.70 0.91
C LEU D 431 11.36 29.38 1.43
N LYS D 432 12.39 29.65 0.63
CA LYS D 432 13.75 29.41 1.10
C LYS D 432 14.06 30.24 2.33
N ARG D 433 13.53 31.47 2.40
CA ARG D 433 13.71 32.28 3.59
C ARG D 433 12.96 31.71 4.79
N ALA D 434 11.81 31.07 4.54
CA ALA D 434 11.09 30.42 5.63
C ALA D 434 11.78 29.14 6.08
N ASP D 435 12.39 28.41 5.14
CA ASP D 435 13.17 27.23 5.51
C ASP D 435 14.26 27.59 6.50
N GLU D 436 15.01 28.66 6.22
CA GLU D 436 16.04 29.12 7.14
C GLU D 436 15.46 29.39 8.53
N GLY D 437 14.27 29.99 8.59
CA GLY D 437 13.61 30.18 9.87
C GLY D 437 13.39 28.88 10.62
N VAL D 438 12.92 27.85 9.90
CA VAL D 438 12.66 26.57 10.55
C VAL D 438 13.95 25.91 11.02
N TYR D 439 14.98 25.92 10.17
CA TYR D 439 16.23 25.27 10.52
C TYR D 439 16.89 25.93 11.73
N GLN D 440 16.85 27.26 11.79
CA GLN D 440 17.42 27.93 12.95
C GLN D 440 16.56 27.72 14.19
N ALA D 441 15.24 27.65 14.03
CA ALA D 441 14.37 27.36 15.17
C ALA D 441 14.60 25.95 15.69
N LYS D 442 14.90 24.99 14.81
CA LYS D 442 15.20 23.64 15.26
C LYS D 442 16.54 23.58 15.98
N ALA D 443 17.52 24.35 15.51
CA ALA D 443 18.86 24.29 16.09
C ALA D 443 18.87 24.88 17.50
N SER D 444 18.17 25.99 17.72
CA SER D 444 18.16 26.66 19.02
C SER D 444 17.00 26.17 19.88
N GLY D 445 17.04 24.88 20.19
CA GLY D 445 15.98 24.25 20.94
C GLY D 445 14.80 23.87 20.06
N ARG D 446 13.64 23.74 20.69
CA ARG D 446 12.41 23.43 19.99
C ARG D 446 11.31 24.37 20.44
N ASN D 447 10.15 24.27 19.77
CA ASN D 447 8.95 25.04 20.13
C ASN D 447 9.21 26.54 20.10
N ALA D 448 9.70 27.03 18.94
CA ALA D 448 10.02 28.44 18.77
C ALA D 448 9.62 28.90 17.37
N VAL D 449 9.59 30.22 17.19
CA VAL D 449 9.32 30.84 15.90
C VAL D 449 10.50 31.73 15.52
N VAL D 450 10.88 31.68 14.25
CA VAL D 450 12.00 32.47 13.73
C VAL D 450 11.60 33.09 12.40
N GLY D 451 11.81 34.40 12.26
CA GLY D 451 11.49 35.12 11.04
C GLY D 451 12.76 35.58 10.34
N LYS D 452 12.81 35.33 9.03
CA LYS D 452 13.91 35.78 8.18
C LYS D 452 13.32 36.60 7.03
N ALA D 453 13.77 37.86 6.94
CA ALA D 453 13.20 38.80 5.98
C ALA D 453 14.21 39.24 4.93
P1 C2E E . -12.09 -39.19 18.23
O2P C2E E . -11.84 -40.46 19.02
O1P C2E E . -10.78 -38.46 18.31
O5' C2E E . -13.39 -38.46 19.01
C5' C2E E . -14.41 -39.30 19.64
C4' C2E E . -15.47 -38.40 20.34
O4' C2E E . -14.79 -37.60 21.56
C3' C2E E . -15.84 -37.53 19.55
O3' C2E E . -17.09 -38.02 18.76
C2' C2E E . -16.17 -36.28 20.43
O2' C2E E . -17.43 -36.49 20.88
C1' C2E E . -15.22 -36.36 21.58
N9 C2E E . -14.04 -35.46 21.38
C8 C2E E . -12.76 -35.71 21.04
N7 C2E E . -12.10 -34.52 21.03
C5 C2E E . -13.02 -33.59 21.37
C6 C2E E . -12.92 -32.07 21.54
O6 C2E E . -11.89 -31.54 21.35
N1 C2E E . -14.06 -31.27 21.91
C2 C2E E . -15.32 -31.89 22.14
N2 C2E E . -16.48 -31.10 22.52
N3 C2E E . -15.42 -33.34 21.98
C4 C2E E . -14.23 -34.17 21.59
P11 C2E E . -17.30 -37.10 17.29
O21 C2E E . -18.29 -37.82 16.41
O11 C2E E . -17.82 -35.70 17.43
O5A C2E E . -15.74 -37.31 16.64
C5A C2E E . -15.58 -38.63 16.00
C4A C2E E . -14.21 -38.80 15.30
O4A C2E E . -14.21 -37.74 14.06
C3A C2E E . -13.29 -38.43 16.04
O3A C2E E . -12.52 -39.65 16.63
C2A C2E E . -12.26 -37.68 15.13
O2A C2E E . -11.42 -38.61 14.63
C1A C2E E . -13.10 -37.06 14.04
N91 C2E E . -13.31 -35.61 14.36
C81 C2E E . -14.39 -35.02 14.88
N71 C2E E . -14.15 -33.70 14.97
C51 C2E E . -12.92 -33.49 14.50
C61 C2E E . -12.06 -32.24 14.32
O61 C2E E . -12.51 -31.20 14.65
N11 C2E E . -10.72 -32.28 13.77
C21 C2E E . -10.17 -33.52 13.37
N21 C2E E . -8.83 -33.61 12.81
N31 C2E E . -11.00 -34.74 13.53
C41 C2E E . -12.37 -34.69 14.10
PB G4P F . -18.50 -14.46 -3.99
O1B G4P F . -19.83 -14.85 -4.59
O2B G4P F . -18.64 -13.19 -3.18
O3B G4P F . -18.13 -15.62 -3.10
O3A G4P F . -17.30 -14.21 -5.11
PA G4P F . -15.74 -14.03 -4.59
O1A G4P F . -14.93 -15.29 -4.84
O2A G4P F . -15.88 -13.77 -3.10
O5' G4P F . -14.98 -12.71 -5.26
C5' G4P F . -13.65 -12.37 -4.90
C4' G4P F . -13.67 -11.46 -3.69
O4' G4P F . -12.87 -11.80 -2.74
C3' G4P F . -13.18 -9.93 -4.14
O3' G4P F . -14.20 -9.26 -5.04
C2' G4P F . -13.04 -9.34 -3.08
O2' G4P F . -14.28 -8.58 -2.70
C1' G4P F . -12.89 -10.49 -1.96
N9 G4P F . -11.89 -10.16 -1.15
C8 G4P F . -10.94 -11.03 -1.57
N7 G4P F . -9.84 -10.77 -0.77
C5 G4P F . -10.17 -9.79 0.09
C6 G4P F . -9.46 -9.02 1.23
O6 G4P F . -8.33 -9.30 1.50
N1 G4P F . -10.11 -7.98 1.98
C2 G4P F . -11.47 -7.63 1.68
N2 G4P F . -12.24 -6.61 2.36
N3 G4P F . -12.14 -8.34 0.60
C4 G4P F . -11.46 -9.42 -0.17
PC G4P F . -14.04 -7.63 -5.44
O1C G4P F . -14.30 -7.39 -6.92
O2C G4P F . -15.04 -6.85 -4.63
O3C G4P F . -12.51 -7.11 -5.01
PD G4P F . -12.28 -5.82 -3.96
O1D G4P F . -10.86 -5.80 -3.42
O2D G4P F . -13.26 -5.99 -2.82
O3D G4P F . -12.56 -4.53 -4.69
MG MG G . 47.70 -41.30 0.11
MG MG H . -16.69 -16.37 -2.15
P1 C2E I . -23.86 -6.21 -36.40
O2P C2E I . -24.86 -5.90 -37.50
O1P C2E I . -23.55 -4.89 -35.73
O5' C2E I . -22.56 -6.94 -37.18
C5' C2E I . -22.80 -7.67 -38.39
C4' C2E I . -21.44 -8.23 -38.89
O4' C2E I . -20.46 -7.00 -39.30
C3' C2E I . -20.87 -8.80 -37.95
O3' C2E I . -21.27 -10.31 -37.93
C2' C2E I . -19.33 -8.62 -38.24
O2' C2E I . -18.88 -9.56 -39.10
C1' C2E I . -19.25 -7.27 -38.90
N9 C2E I . -18.88 -6.21 -37.92
C8 C2E I . -19.59 -5.26 -37.31
N7 C2E I . -18.70 -4.59 -36.54
C5 C2E I . -17.48 -5.14 -36.70
C6 C2E I . -16.12 -4.81 -36.08
O6 C2E I . -16.02 -3.90 -35.32
N1 C2E I . -14.98 -5.58 -36.43
C2 C2E I . -15.10 -6.68 -37.36
N2 C2E I . -13.93 -7.45 -37.70
N3 C2E I . -16.40 -7.01 -37.95
C4 C2E I . -17.59 -6.20 -37.57
P11 C2E I . -21.02 -10.99 -36.37
O21 C2E I . -21.78 -12.30 -36.37
O11 C2E I . -19.59 -11.30 -36.00
O5A C2E I . -21.86 -9.92 -35.38
C5A C2E I . -23.30 -10.19 -35.37
C4A C2E I . -23.99 -9.26 -34.35
O4A C2E I . -23.43 -9.66 -32.87
C3A C2E I . -23.64 -8.06 -34.53
O3A C2E I . -24.68 -7.30 -35.40
C2A C2E I . -23.60 -7.44 -33.10
O2A C2E I . -24.84 -7.04 -32.74
C1A C2E I . -23.19 -8.58 -32.21
N91 C2E I . -21.72 -8.50 -31.90
C81 C2E I . -20.67 -9.17 -32.42
N71 C2E I . -19.57 -8.71 -31.78
C51 C2E I . -19.95 -7.79 -30.90
C61 C2E I . -19.15 -6.92 -29.91
O61 C2E I . -17.97 -7.05 -29.84
N11 C2E I . -19.82 -5.98 -29.07
C21 C2E I . -21.24 -5.84 -29.15
N21 C2E I . -21.92 -4.87 -28.30
N31 C2E I . -22.01 -6.66 -30.10
C41 C2E I . -21.29 -7.63 -30.98
P1 C2E J . -11.54 -4.37 -35.59
O2P C2E J . -10.16 -3.98 -36.07
O1P C2E J . -12.05 -5.36 -36.62
O5' C2E J . -12.41 -2.95 -35.48
C5' C2E J . -11.69 -1.73 -35.21
C4' C2E J . -12.68 -0.55 -35.22
O4' C2E J . -13.22 -0.26 -36.73
C3' C2E J . -13.68 -0.87 -34.55
O3' C2E J . -13.47 -0.48 -33.06
C2' C2E J . -14.86 -0.07 -35.21
O2' C2E J . -14.90 1.20 -34.71
C1' C2E J . -14.50 -0.03 -36.67
N9 C2E J . -15.17 -1.10 -37.47
C8 C2E J . -14.71 -2.21 -38.05
N7 C2E J . -15.81 -2.77 -38.65
C5 C2E J . -16.87 -1.99 -38.41
C6 C2E J . -18.34 -2.13 -38.84
O6 C2E J . -18.67 -3.06 -39.48
N1 C2E J . -19.28 -1.13 -38.45
C2 C2E J . -18.86 0.00 -37.66
N2 C2E J . -19.83 1.00 -37.27
N3 C2E J . -17.45 0.12 -37.25
C4 C2E J . -16.47 -0.92 -37.67
P11 C2E J . -14.44 -1.43 -32.01
O21 C2E J . -13.88 -1.21 -30.62
O11 C2E J . -15.91 -1.08 -31.93
O5A C2E J . -14.07 -2.99 -32.50
C5A C2E J . -12.87 -3.48 -31.80
C4A C2E J . -12.62 -4.96 -32.18
O4A C2E J . -13.80 -5.88 -31.51
C3A C2E J . -12.73 -5.14 -33.42
O3A C2E J . -11.33 -5.08 -34.08
C2A C2E J . -13.27 -6.58 -33.58
O2A C2E J . -12.24 -7.48 -33.53
C1A C2E J . -14.18 -6.75 -32.39
N91 C2E J . -15.60 -6.48 -32.77
C81 C2E J . -16.39 -5.45 -32.46
N71 C2E J . -17.59 -5.69 -33.04
C51 C2E J . -17.51 -6.85 -33.69
C61 C2E J . -18.54 -7.63 -34.53
O61 C2E J . -19.63 -7.18 -34.67
N11 C2E J . -18.19 -8.87 -35.13
C21 C2E J . -16.86 -9.40 -34.94
N21 C2E J . -16.49 -10.67 -35.55
N31 C2E J . -15.88 -8.66 -34.14
C41 C2E J . -16.26 -7.35 -33.53
PB G4P K . -11.09 -19.06 -8.54
O1B G4P K . -11.11 -20.54 -8.22
O2B G4P K . -12.36 -18.66 -9.27
O3B G4P K . -10.96 -18.27 -7.26
O3A G4P K . -9.75 -18.74 -9.46
PA G4P K . -8.27 -18.59 -8.76
O1A G4P K . -8.25 -19.24 -7.40
O2A G4P K . -7.19 -19.22 -9.62
O5' G4P K . -8.00 -16.96 -8.61
C5' G4P K . -7.89 -16.43 -7.31
C4' G4P K . -6.54 -15.76 -7.29
O4' G4P K . -6.54 -14.65 -7.95
C3' G4P K . -6.10 -15.54 -5.72
O3' G4P K . -4.71 -16.11 -5.77
C2' G4P K . -6.07 -14.31 -5.58
O2' G4P K . -5.30 -13.73 -4.44
C1' G4P K . -5.66 -13.81 -7.06
N9 G4P K . -5.46 -12.52 -7.32
C8 G4P K . -6.64 -11.94 -7.08
N7 G4P K . -6.44 -10.61 -7.37
C5 G4P K . -5.17 -10.46 -7.80
C6 G4P K . -4.25 -9.30 -8.29
O6 G4P K . -4.67 -8.19 -8.35
N1 G4P K . -2.87 -9.52 -8.69
C2 G4P K . -2.31 -10.84 -8.63
N2 G4P K . -0.96 -11.19 -9.00
N3 G4P K . -3.17 -11.92 -8.17
C4 G4P K . -4.58 -11.67 -7.77
PC G4P K . -3.59 -15.90 -4.54
O1C G4P K . -4.34 -16.15 -3.25
O2C G4P K . -2.40 -16.83 -4.61
O3C G4P K . -3.08 -14.32 -4.55
PD G4P K . -2.12 -13.74 -3.33
O1D G4P K . -0.70 -14.20 -3.57
O2D G4P K . -2.17 -12.22 -3.27
O3D G4P K . -2.62 -14.32 -2.01
P1 C2E L . -11.95 32.65 9.67
O2P C2E L . -11.55 31.36 8.98
O1P C2E L . -11.52 33.74 8.72
O5' C2E L . -11.13 32.68 11.15
C5' C2E L . -10.82 31.43 11.81
C4' C2E L . -10.08 31.76 13.14
O4' C2E L . -8.62 32.44 12.88
C3' C2E L . -10.75 32.62 13.73
O3' C2E L . -11.80 31.94 14.64
C2' C2E L . -9.71 33.43 14.59
O2' C2E L . -9.49 32.79 15.76
C1' C2E L . -8.47 33.41 13.75
N9 C2E L . -8.32 34.68 12.98
C8 C2E L . -8.41 34.96 11.68
N7 C2E L . -8.14 36.29 11.57
C5 C2E L . -7.89 36.77 12.79
C6 C2E L . -7.52 38.18 13.25
O6 C2E L . -7.44 39.06 12.46
N1 C2E L . -7.30 38.43 14.64
C2 C2E L . -7.40 37.36 15.59
N2 C2E L . -7.17 37.62 16.99
N3 C2E L . -7.75 36.01 15.15
C4 C2E L . -7.98 35.76 13.69
P11 C2E L . -13.08 33.02 15.02
O21 C2E L . -14.19 32.19 15.60
O11 C2E L . -12.75 34.10 16.03
O5A C2E L . -13.58 33.57 13.50
C5A C2E L . -14.52 32.65 12.88
C4A C2E L . -15.06 33.25 11.57
O4A C2E L . -15.96 34.58 11.87
C3A C2E L . -14.09 33.64 10.85
O3A C2E L . -13.62 32.53 9.86
C2A C2E L . -14.64 34.87 10.06
O2A C2E L . -15.29 34.46 8.93
C1A C2E L . -15.64 35.49 11.00
N91 C2E L . -15.05 36.69 11.70
C81 C2E L . -14.70 36.87 12.98
N71 C2E L . -14.25 38.15 13.07
C51 C2E L . -14.35 38.72 11.87
C61 C2E L . -13.99 40.12 11.37
O61 C2E L . -13.54 40.92 12.12
N11 C2E L . -14.19 40.48 9.99
C21 C2E L . -14.73 39.51 9.08
N21 C2E L . -14.95 39.86 7.69
N31 C2E L . -15.07 38.16 9.56
C41 C2E L . -14.86 37.81 11.00
MG MG M . -49.46 38.85 -1.77
MG MG N . -9.84 -19.14 -11.32
MG MG O . 13.42 -31.05 52.72
P1 C2E P . -13.60 -27.71 22.96
O2P C2E P . -13.80 -26.72 24.07
O1P C2E P . -14.62 -28.77 23.22
O5' C2E P . -12.01 -28.21 23.10
C5' C2E P . -11.03 -27.29 23.68
C4' C2E P . -9.67 -28.01 23.84
O4' C2E P . -9.78 -29.14 25.00
C3' C2E P . -9.44 -28.63 22.79
O3' C2E P . -8.63 -27.77 21.77
C2' C2E P . -8.65 -29.91 23.24
O2' C2E P . -7.36 -29.54 23.40
C1' C2E P . -9.20 -30.25 24.59
N9 C2E P . -10.24 -31.33 24.53
C8 C2E P . -11.56 -31.30 24.72
N7 C2E P . -12.02 -32.56 24.59
C5 C2E P . -10.94 -33.33 24.33
C6 C2E P . -10.79 -34.83 24.08
O6 C2E P . -11.76 -35.51 24.11
N1 C2E P . -9.52 -35.45 23.82
C2 C2E P . -8.34 -34.64 23.78
N2 C2E P . -7.04 -35.24 23.51
N3 C2E P . -8.49 -33.20 24.02
C4 C2E P . -9.81 -32.57 24.29
P11 C2E P . -8.84 -28.39 20.15
O21 C2E P . -8.32 -27.37 19.16
O11 C2E P . -8.10 -29.65 19.81
O5A C2E P . -10.54 -28.44 20.07
C5A C2E P . -11.10 -27.10 19.75
C4A C2E P . -12.63 -27.11 19.54
O4A C2E P . -12.94 -27.89 18.14
C3A C2E P . -13.21 -27.78 20.42
O3A C2E P . -13.84 -26.86 21.49
C2A C2E P . -14.41 -28.47 19.71
O2A C2E P . -15.40 -27.55 19.69
C1A C2E P . -13.92 -28.74 18.33
N91 C2E P . -13.44 -30.16 18.26
C81 C2E P . -12.18 -30.61 18.17
N71 C2E P . -12.19 -31.95 18.11
C51 C2E P . -13.48 -32.31 18.15
C61 C2E P . -14.19 -33.66 18.13
O61 C2E P . -13.52 -34.65 18.05
N11 C2E P . -15.61 -33.81 18.19
C21 C2E P . -16.42 -32.63 18.28
N21 C2E P . -17.87 -32.72 18.34
N31 C2E P . -15.75 -31.32 18.31
C41 C2E P . -14.28 -31.19 18.24
P1 C2E Q . 42.82 2.36 9.25
O2P C2E Q . 44.18 1.98 9.79
O1P C2E Q . 41.95 1.15 9.50
O5' C2E Q . 43.09 2.69 7.62
C5' C2E Q . 44.38 3.20 7.21
C4' C2E Q . 44.38 3.42 5.68
O4' C2E Q . 44.23 2.00 4.90
C3' C2E Q . 43.36 4.08 5.37
O3' C2E Q . 43.69 5.60 5.42
C2' C2E Q . 43.01 3.61 3.92
O2' C2E Q . 43.72 4.33 3.00
C1' C2E Q . 43.43 2.17 3.88
N9 C2E Q . 42.26 1.24 4.09
C8 C2E Q . 41.87 0.48 5.11
N7 C2E Q . 40.75 -0.14 4.69
C5 C2E Q . 40.48 0.25 3.43
C6 C2E Q . 39.35 -0.12 2.47
O6 C2E Q . 38.52 -0.89 2.82
N1 C2E Q . 39.30 0.46 1.17
C2 C2E Q . 40.33 1.38 0.77
N2 C2E Q . 40.27 1.96 -0.56
N3 C2E Q . 41.41 1.75 1.68
C4 C2E Q . 41.44 1.13 3.05
P11 C2E Q . 42.30 6.56 5.69
O21 C2E Q . 42.79 7.94 6.11
O11 C2E Q . 41.38 6.76 4.52
O5A C2E Q . 41.62 5.86 7.07
C5A C2E Q . 42.22 6.35 8.31
C4A C2E Q . 41.42 5.75 9.49
O4A C2E Q . 39.92 6.37 9.41
C3A C2E Q . 41.30 4.51 9.32
O3A C2E Q . 42.37 3.72 10.13
C2A C2E Q . 39.88 4.18 9.88
O2A C2E Q . 39.93 3.98 11.22
C1A C2E Q . 39.06 5.42 9.59
N91 C2E Q . 38.31 5.20 8.30
C81 C2E Q . 38.58 5.57 7.04
N71 C2E Q . 37.57 5.10 6.28
C51 C2E Q . 36.71 4.46 7.07
C61 C2E Q . 35.39 3.74 6.76
O61 C2E Q . 34.96 3.69 5.66
N11 C2E Q . 34.64 3.13 7.82
C21 C2E Q . 35.15 3.19 9.17
N21 C2E Q . 34.40 2.56 10.25
N31 C2E Q . 36.41 3.87 9.45
C41 C2E Q . 37.16 4.51 8.34
P1 C2E R . 37.39 -0.89 -1.64
O2P C2E R . 37.22 -1.53 -3.00
O1P C2E R . 38.69 -0.12 -1.71
O5' C2E R . 37.38 -2.15 -0.53
C5' C2E R . 36.66 -3.36 -0.86
C4' C2E R . 36.88 -4.37 0.29
O4' C2E R . 38.42 -4.87 0.32
C3' C2E R . 36.69 -3.77 1.37
O3' C2E R . 35.20 -3.87 1.78
C2' C2E R . 37.63 -4.51 2.38
O2' C2E R . 37.00 -5.63 2.85
C1' C2E R . 38.82 -4.90 1.56
N9 C2E R . 39.96 -3.92 1.68
C8 C2E R . 40.47 -3.02 0.83
N7 C2E R . 41.49 -2.42 1.50
C5 C2E R . 41.57 -2.98 2.72
C6 C2E R . 42.52 -2.71 3.88
O6 C2E R . 43.36 -1.88 3.78
N1 C2E R . 42.40 -3.44 5.10
C2 C2E R . 41.37 -4.45 5.22
N2 C2E R . 41.24 -5.18 6.46
N3 C2E R . 40.45 -4.70 4.11
C4 C2E R . 40.60 -3.92 2.84
P11 C2E R . 34.76 -2.59 2.84
O21 C2E R . 33.26 -2.56 2.85
O11 C2E R . 35.23 -2.72 4.26
O5A C2E R . 35.30 -1.22 2.01
C5A C2E R . 34.28 -0.77 1.05
C4A C2E R . 34.72 0.56 0.40
O4A C2E R . 34.65 1.75 1.52
C3A C2E R . 35.93 0.49 0.05
O3A C2E R . 36.04 0.10 -1.45
C2A C2E R . 36.45 1.96 0.20
O2A C2E R . 36.09 2.68 -0.90
C1A C2E R . 35.72 2.48 1.41
N91 C2E R . 36.57 2.29 2.62
C81 C2E R . 36.46 1.38 3.60
N71 C2E R . 37.48 1.63 4.46
C51 C2E R . 38.18 2.66 3.99
C61 C2E R . 39.42 3.37 4.54
O61 C2E R . 39.91 3.01 5.55
N11 C2E R . 39.98 4.48 3.82
C21 C2E R . 39.36 4.91 2.59
N21 C2E R . 39.92 6.04 1.86
N31 C2E R . 38.18 4.23 2.09
C41 C2E R . 37.61 3.07 2.83
PB G4P S . 13.89 18.23 4.49
O1B G4P S . 15.38 18.15 4.25
O2B G4P S . 13.45 19.68 4.40
O3B G4P S . 13.59 17.70 5.89
O3A G4P S . 13.08 17.34 3.35
PA G4P S . 13.49 17.34 1.75
O1A G4P S . 14.99 17.30 1.54
O2A G4P S . 12.93 18.54 1.03
O5' G4P S . 12.80 15.97 1.14
C5' G4P S . 11.60 15.67 1.80
C4' G4P S . 10.84 14.87 0.80
O4' G4P S . 11.31 13.68 0.82
C3' G4P S . 9.21 14.90 1.14
O3' G4P S . 8.63 15.29 -0.21
C2' G4P S . 8.96 13.74 1.49
O2' G4P S . 7.52 13.30 1.48
C1' G4P S . 10.05 12.90 0.60
N9 G4P S . 10.11 11.57 0.58
C8 G4P S . 10.25 11.22 1.87
N7 G4P S . 10.33 9.83 1.84
C5 G4P S . 10.29 9.44 0.54
C6 G4P S . 10.34 8.11 -0.25
O6 G4P S . 10.45 7.07 0.33
N1 G4P S . 10.27 8.07 -1.70
C2 G4P S . 10.15 9.28 -2.45
N2 G4P S . 10.07 9.39 -3.89
N3 G4P S . 10.10 10.54 -1.70
C4 G4P S . 10.17 10.56 -0.21
PC G4P S . 7.13 14.80 -0.85
O1C G4P S . 6.07 15.35 0.06
O2C G4P S . 6.89 15.33 -2.24
O3C G4P S . 7.05 13.12 -0.90
PD G4P S . 5.68 12.22 -0.57
O1D G4P S . 6.08 10.81 -0.19
O2D G4P S . 4.78 12.21 -1.79
O3D G4P S . 4.95 12.86 0.60
MG MG T . 16.56 17.20 2.74
MG MG U . -11.99 32.81 -51.95
P1 C2E V . -5.56 41.57 15.28
O2P C2E V . -4.42 42.36 15.89
O1P C2E V . -5.54 40.25 16.00
O5' C2E V . -5.21 41.49 13.64
C5' C2E V . -4.42 42.54 13.03
C4' C2E V . -4.17 42.18 11.53
O4' C2E V . -3.21 40.88 11.43
C3' C2E V . -5.24 41.87 10.99
O3' C2E V . -5.91 43.17 10.42
C2' C2E V . -4.81 40.86 9.87
O2' C2E V . -4.43 41.53 8.74
C1' C2E V . -3.63 40.12 10.47
N9 C2E V . -4.08 38.80 11.06
C8 C2E V . -4.32 38.40 12.31
N7 C2E V . -4.71 37.11 12.19
C5 C2E V . -4.71 36.76 10.90
C6 C2E V . -5.05 35.44 10.19
O6 C2E V . -5.39 34.49 10.81
N1 C2E V . -4.95 35.36 8.76
C2 C2E V . -4.52 36.51 8.00
N2 C2E V . -4.44 36.41 6.56
N3 C2E V . -4.20 37.76 8.69
C4 C2E V . -4.32 37.84 10.17
P11 C2E V . -7.62 43.04 10.35
O21 C2E V . -8.13 44.46 10.24
O11 C2E V . -8.20 42.28 9.18
O5A C2E V . -8.02 42.49 11.89
C5A C2E V . -8.26 43.59 12.84
C4A C2E V . -8.75 43.01 14.18
O4A C2E V . -10.26 42.44 13.96
C3A C2E V . -8.05 42.04 14.54
O3A C2E V . -6.96 42.48 15.56
C2A C2E V . -9.04 41.09 15.27
O2A C2E V . -9.20 41.48 16.56
C1A C2E V . -10.34 41.28 14.54
N91 C2E V . -10.54 40.19 13.50
C81 C2E V . -10.46 40.24 12.16
N71 C2E V . -10.71 38.99 11.72
C51 C2E V . -10.94 38.20 12.78
C61 C2E V . -11.27 36.71 12.90
O61 C2E V . -11.37 36.04 11.92
N11 C2E V . -11.47 36.11 14.18
C21 C2E V . -11.34 36.93 15.36
N21 C2E V . -11.54 36.32 16.68
N31 C2E V . -11.03 38.35 15.25
C41 C2E V . -10.82 38.96 13.90
PB G4P W . 12.29 16.71 13.63
O1B G4P W . 13.69 17.22 13.84
O2B G4P W . 11.78 16.12 14.92
O3B G4P W . 11.39 17.87 13.25
O3A G4P W . 12.24 15.55 12.42
PA G4P W . 10.97 14.50 12.26
O1A G4P W . 9.69 15.30 12.30
O2A G4P W . 10.95 13.52 13.43
O5' G4P W . 11.08 13.67 10.82
C5' G4P W . 9.93 13.60 10.03
C4' G4P W . 9.29 12.25 10.16
O4' G4P W . 8.02 12.38 9.98
C3' G4P W . 9.94 11.36 8.90
O3' G4P W . 10.41 10.02 9.46
C2' G4P W . 9.08 11.24 8.04
O2' G4P W . 9.27 9.99 7.26
C1' G4P W . 7.74 11.31 8.96
N9 G4P W . 6.50 11.19 8.44
C8 G4P W . 6.54 11.96 7.34
N7 G4P W . 5.28 11.84 6.78
C5 G4P W . 4.55 11.02 7.56
C6 G4P W . 3.10 10.45 7.54
O6 G4P W . 2.35 10.76 6.67
N1 G4P W . 2.60 9.56 8.55
C2 G4P W . 3.47 9.16 9.63
N2 G4P W . 3.09 8.27 10.71
N3 G4P W . 4.83 9.69 9.64
C4 G4P W . 5.33 10.62 8.59
PC G4P W . 9.41 8.67 9.81
O1C G4P W . 8.32 8.97 10.81
O2C G4P W . 8.74 8.21 8.54
O3C G4P W . 10.28 7.38 10.36
PD G4P W . 9.67 5.90 9.93
O1D G4P W . 10.18 4.78 10.83
O2D G4P W . 10.05 5.62 8.48
O3D G4P W . 8.16 5.99 10.02
MG MG X . 9.78 17.33 12.14
#